data_8SQH
#
_entry.id   8SQH
#
_cell.length_a   1.00
_cell.length_b   1.00
_cell.length_c   1.00
_cell.angle_alpha   90.00
_cell.angle_beta   90.00
_cell.angle_gamma   90.00
#
_symmetry.space_group_name_H-M   'P 1'
#
loop_
_entity.id
_entity.type
_entity.pdbx_description
1 polymer 'CRISPR-associated endonuclease Cas9/Csn1'
2 polymer gRNA
3 polymer TS
4 polymer NTS
5 polymer TS
6 non-polymer 'MAGNESIUM ION'
#
loop_
_entity_poly.entity_id
_entity_poly.type
_entity_poly.pdbx_seq_one_letter_code
_entity_poly.pdbx_strand_id
1 'polypeptide(L)'
;EDKKYSIGLDIGTNSVGWAVITDEYKVPSKKFKVLGNTDRHSIKKNLIGALLFDSGETAERTRLKRTARRRYTRRKNRIC
YLQEIFSNEMAKVDDSFFHRLEESFLVEEDKKHERHPIFGNIVDEVAYHEKYPTIYHLRKKLVDSTDKADLRLIYLALAH
MIKFRGHFLIEGDLNPDNSDVDKLFIQLVQTYNQLFEENPINASGVDAKAILSARLSKSRRLENLIAQLPGEKKNGLFGN
LIALSLGLTPNFKSNFDLAEDAKLQLSKDTYDDDLDNLLAQIGDQYADLFLAAKNLSDAILLSDILRVNTEITKAPLSAS
MIKRYDEHHQDLTLLKALVRQQLPEKYKEIFFDQSKNGYAGYIDGGASQEEFYKFIKPILEKMDGTEELLVKLNREDLLR
KQRTFDNGSIPHQIHLGELHAILRRQEDFYPFLKDNREKIEKILTFRIPYYVGPLARGNSRFAWMTRKSEETITPWNFEE
VVDKGASAQSFIERMTNFDKNLPNEKVLPKHSLLYEYFTVYNELTKVKYVTEGMRKPAFLSGEQKKAIVDLLFKTNRKVT
VKQLKEDYFKKIECFDSVEISGVEDRFNASLGTYHDLLKIIKDKDFLDNEENEDILEDIVLTLTLFEDREMIEERLKTYA
HLFDDKVMKQLKRRRYTGWGRLSRKLINGIRDKQSGKTILDFLKSDGFANRNFMQLIHDDSLTFKEDIQKAQVSGQGDSL
HEHIANLAGSPAIKKGILQTVKVVDELVKVMGRHKPENIVIEMARENQTTQKGQKNSRERMKRIEEGIKELGSQILKEHP
VENTQLQNEKLYLYYLQNGRDMYVDQELDINRLSDYDVDHIVPQSFLKDDSIDNKVLTRSDKNRGKSDNVPSEEVVKKMK
NYWRQLLNAKLITQRKFDNLTKAERGGLSELDKAGFIKRQLVETRQITKHVAQILDSRMNTKYDENDKLIREVKVITLKS
KLVSDFRKDFQFYKVREINNYHHAHDAYLNAVVGTALIKKYPKLESEFVYGDYKVYDVRKMIAKSEQEIGKATAKYFFYS
NIMNFFKTEITLANGEIRKRPLIETNGETGEIVWDKGRDFATVRKVLSMPQVNIVKKTEVQTGGFSKESIRPKRNSDKLI
ARKKDWDPKKYGGFLWPTVAYSVLVVAKVEKGKSKKLKSVKELLGITIMERSSFEKNPIDFLEAKGYKEVKKDLIIKLPK
YSLFELENGRKRMLASAKQLQKGNELALPSKYVNFLYLASHYEKLKGSPEDNEQKQLFVEQHKHYLDEIIEQISEFSKRV
ILADANLDKVLSAYNKHRDKPIREQAENIIHLFTLTRLGAPRAFKYFDTTIDPKQYRSTKEVLDATLIHQSITGLYETRI
DLSQLGGDG
;
A
2 'polyribonucleotide'
;GACGCAUAAAGAUGAGACGCGUUUUAGAGCUAGAAAUAGCAAGUUAAAAUAAGGCUAGUCCGUUAUCAACUUGAAAAAGU
GGCACCGAGUCGGUGCUU
;
B
3 'polydeoxyribonucleotide' (DT)(DT)(DG)(DT)(DA)(DC)(DT)(DG)(DA)(DA)(DG)(DC)(DG) C
4 'polydeoxyribonucleotide'
;(DA)(DG)(DC)(DA)(DG)(DA)(DA)(DA)(DT)(DC)(DT)(DC)(DT)(DG)(DC)(DT)(DG)(DA)(DC)(DG)
(DC)(DA)(DT)(DA)(DA)(DA)(DG)(DA)(DT)(DG)(DA)(DG)(DA)(DC)(DG)(DC)(DT)(DT)(DC)(DA)
(DG)(DT)(DA)(DC)(DA)(DA)(DA)(DC)(DG)(DT)(DC)(DA)(DG)(DC)(DT)
;
D
5 'polydeoxyribonucleotide' (DT)(DC)(DT)(DC)(DA)(DT)(DC)(DT)(DT)(DT)(DA)(DT)(DG)(DC)(DG)(DT)(DC)(DA)(DG) c
#
loop_
_chem_comp.id
_chem_comp.type
_chem_comp.name
_chem_comp.formula
A RNA linking ADENOSINE-5'-MONOPHOSPHATE 'C10 H14 N5 O7 P'
C RNA linking CYTIDINE-5'-MONOPHOSPHATE 'C9 H14 N3 O8 P'
DA DNA linking 2'-DEOXYADENOSINE-5'-MONOPHOSPHATE 'C10 H14 N5 O6 P'
DC DNA linking 2'-DEOXYCYTIDINE-5'-MONOPHOSPHATE 'C9 H14 N3 O7 P'
DG DNA linking 2'-DEOXYGUANOSINE-5'-MONOPHOSPHATE 'C10 H14 N5 O7 P'
DT DNA linking THYMIDINE-5'-MONOPHOSPHATE 'C10 H15 N2 O8 P'
G RNA linking GUANOSINE-5'-MONOPHOSPHATE 'C10 H14 N5 O8 P'
MG non-polymer 'MAGNESIUM ION' 'Mg 2'
U RNA linking URIDINE-5'-MONOPHOSPHATE 'C9 H13 N2 O9 P'
#
# COMPACT_ATOMS: atom_id res chain seq x y z
N LYS A 3 -26.47 -16.76 -37.38
CA LYS A 3 -26.77 -17.65 -36.27
C LYS A 3 -25.70 -17.58 -35.19
N LYS A 4 -24.58 -18.27 -35.42
CA LYS A 4 -23.53 -18.36 -34.42
C LYS A 4 -22.81 -17.02 -34.30
N TYR A 5 -22.35 -16.73 -33.08
CA TYR A 5 -21.68 -15.46 -32.82
C TYR A 5 -20.68 -15.62 -31.69
N SER A 6 -19.73 -14.69 -31.63
CA SER A 6 -18.65 -14.72 -30.66
C SER A 6 -18.53 -13.35 -30.01
N ILE A 7 -18.08 -13.35 -28.76
CA ILE A 7 -17.95 -12.13 -27.98
C ILE A 7 -16.51 -11.98 -27.53
N GLY A 8 -15.90 -10.85 -27.85
CA GLY A 8 -14.54 -10.54 -27.45
C GLY A 8 -14.55 -9.44 -26.40
N LEU A 9 -13.64 -9.54 -25.43
CA LEU A 9 -13.66 -8.66 -24.27
C LEU A 9 -12.25 -8.19 -23.95
N ASP A 10 -12.13 -6.92 -23.57
CA ASP A 10 -10.86 -6.33 -23.14
C ASP A 10 -11.15 -5.58 -21.85
N ILE A 11 -10.56 -6.05 -20.75
CA ILE A 11 -10.85 -5.49 -19.43
C ILE A 11 -9.68 -4.65 -18.93
N GLY A 12 -9.74 -3.34 -19.16
CA GLY A 12 -8.85 -2.43 -18.49
C GLY A 12 -9.33 -2.11 -17.09
N THR A 13 -8.44 -1.50 -16.29
CA THR A 13 -8.77 -1.15 -14.91
C THR A 13 -9.92 -0.14 -14.85
N ASN A 14 -10.13 0.62 -15.94
CA ASN A 14 -11.12 1.69 -16.02
C ASN A 14 -11.99 1.55 -17.26
N SER A 15 -11.88 0.44 -17.98
CA SER A 15 -12.50 0.29 -19.29
C SER A 15 -12.89 -1.18 -19.47
N VAL A 16 -13.98 -1.41 -20.19
CA VAL A 16 -14.35 -2.74 -20.67
C VAL A 16 -14.65 -2.59 -22.16
N GLY A 17 -13.71 -3.00 -22.99
CA GLY A 17 -13.99 -3.15 -24.42
C GLY A 17 -14.81 -4.40 -24.71
N TRP A 18 -15.78 -4.25 -25.60
CA TRP A 18 -16.64 -5.36 -25.98
C TRP A 18 -16.95 -5.30 -27.47
N ALA A 19 -16.98 -6.48 -28.10
CA ALA A 19 -17.31 -6.59 -29.51
C ALA A 19 -18.01 -7.91 -29.77
N VAL A 20 -18.95 -7.89 -30.73
CA VAL A 20 -19.66 -9.09 -31.15
C VAL A 20 -19.36 -9.33 -32.61
N ILE A 21 -18.90 -10.54 -32.95
CA ILE A 21 -18.56 -10.92 -34.31
C ILE A 21 -19.39 -12.13 -34.72
N THR A 22 -19.56 -12.29 -36.03
CA THR A 22 -20.14 -13.48 -36.60
C THR A 22 -19.04 -14.46 -37.03
N ASP A 23 -19.44 -15.53 -37.74
CA ASP A 23 -18.47 -16.47 -38.27
C ASP A 23 -17.69 -15.92 -39.46
N GLU A 24 -18.18 -14.86 -40.09
CA GLU A 24 -17.50 -14.24 -41.21
C GLU A 24 -16.59 -13.10 -40.79
N TYR A 25 -16.35 -12.95 -39.49
CA TYR A 25 -15.57 -11.87 -38.87
C TYR A 25 -16.17 -10.50 -39.12
N LYS A 26 -17.47 -10.45 -39.43
CA LYS A 26 -18.20 -9.20 -39.58
C LYS A 26 -18.97 -8.88 -38.31
N VAL A 27 -19.01 -7.60 -37.95
CA VAL A 27 -19.78 -7.16 -36.80
C VAL A 27 -21.20 -6.83 -37.25
N PRO A 28 -22.22 -7.33 -36.56
CA PRO A 28 -23.60 -7.04 -36.96
C PRO A 28 -23.96 -5.59 -36.65
N SER A 29 -25.04 -5.15 -37.29
CA SER A 29 -25.62 -3.84 -37.04
C SER A 29 -27.14 -3.98 -37.02
N LYS A 30 -27.78 -3.35 -36.05
CA LYS A 30 -29.21 -3.51 -35.83
C LYS A 30 -29.87 -2.16 -35.62
N LYS A 31 -31.16 -2.11 -35.94
CA LYS A 31 -31.99 -0.92 -35.73
C LYS A 31 -32.64 -1.04 -34.37
N PHE A 32 -32.04 -0.41 -33.36
CA PHE A 32 -32.53 -0.51 -32.00
C PHE A 32 -33.66 0.49 -31.75
N LYS A 33 -34.64 0.06 -30.98
CA LYS A 33 -35.74 0.95 -30.60
C LYS A 33 -35.25 1.99 -29.61
N VAL A 34 -35.84 3.19 -29.70
CA VAL A 34 -35.48 4.30 -28.82
C VAL A 34 -36.75 4.84 -28.19
N LEU A 35 -36.77 4.93 -26.86
CA LEU A 35 -37.92 5.43 -26.13
C LEU A 35 -37.77 6.94 -25.90
N GLY A 36 -38.65 7.51 -25.08
CA GLY A 36 -38.60 8.92 -24.78
C GLY A 36 -39.60 9.70 -25.60
N ASN A 37 -39.68 11.00 -25.30
CA ASN A 37 -40.63 11.88 -25.95
C ASN A 37 -40.11 12.48 -27.25
N THR A 38 -38.90 12.13 -27.66
CA THR A 38 -38.35 12.66 -28.89
C THR A 38 -39.01 11.97 -30.09
N ASP A 39 -38.79 12.53 -31.27
CA ASP A 39 -39.37 11.97 -32.49
C ASP A 39 -38.61 10.77 -33.03
N ARG A 40 -37.43 10.47 -32.50
CA ARG A 40 -36.63 9.36 -33.00
C ARG A 40 -37.13 8.06 -32.37
N HIS A 41 -37.51 7.11 -33.22
CA HIS A 41 -38.05 5.83 -32.75
C HIS A 41 -37.12 4.66 -32.98
N SER A 42 -36.13 4.81 -33.86
CA SER A 42 -35.19 3.73 -34.12
C SER A 42 -33.86 4.32 -34.52
N ILE A 43 -32.78 3.72 -34.02
CA ILE A 43 -31.42 4.15 -34.34
C ILE A 43 -30.61 2.93 -34.75
N LYS A 44 -29.78 3.09 -35.76
CA LYS A 44 -28.93 2.02 -36.25
C LYS A 44 -27.59 2.09 -35.52
N LYS A 45 -27.20 1.00 -34.87
CA LYS A 45 -25.97 0.98 -34.10
C LYS A 45 -25.22 -0.32 -34.39
N ASN A 46 -23.91 -0.28 -34.23
CA ASN A 46 -23.05 -1.44 -34.44
C ASN A 46 -22.79 -2.13 -33.10
N LEU A 47 -22.63 -3.45 -33.16
CA LEU A 47 -22.41 -4.23 -31.95
C LEU A 47 -20.95 -4.25 -31.52
N ILE A 48 -20.34 -3.08 -31.37
CA ILE A 48 -18.97 -2.96 -30.89
C ILE A 48 -18.87 -1.69 -30.06
N GLY A 49 -18.10 -1.74 -28.98
CA GLY A 49 -18.01 -0.56 -28.14
C GLY A 49 -17.03 -0.72 -26.99
N ALA A 50 -17.02 0.28 -26.11
CA ALA A 50 -16.37 0.17 -24.82
C ALA A 50 -17.15 0.96 -23.77
N LEU A 51 -17.10 0.46 -22.53
CA LEU A 51 -17.65 1.12 -21.36
C LEU A 51 -16.52 1.70 -20.52
N LEU A 52 -16.58 2.99 -20.23
CA LEU A 52 -15.55 3.67 -19.46
C LEU A 52 -16.14 4.06 -18.11
N PHE A 53 -15.35 3.87 -17.06
CA PHE A 53 -15.83 4.12 -15.70
C PHE A 53 -14.65 4.57 -14.84
N ASP A 54 -14.94 5.39 -13.84
CA ASP A 54 -13.92 5.73 -12.85
C ASP A 54 -13.50 4.48 -12.08
N SER A 55 -12.24 4.50 -11.63
CA SER A 55 -11.63 3.40 -10.88
C SER A 55 -12.48 2.94 -9.69
N GLY A 56 -12.32 1.67 -9.35
CA GLY A 56 -12.73 1.14 -8.06
C GLY A 56 -11.69 1.56 -7.04
N GLU A 57 -12.06 2.28 -6.00
CA GLU A 57 -11.08 2.72 -5.02
C GLU A 57 -10.92 1.74 -3.87
N THR A 58 -9.68 1.66 -3.38
CA THR A 58 -9.32 0.80 -2.26
C THR A 58 -9.89 1.36 -0.94
N ALA A 59 -10.19 0.44 -0.03
CA ALA A 59 -10.83 0.76 1.24
C ALA A 59 -9.90 1.39 2.27
N GLU A 60 -8.58 1.28 2.08
CA GLU A 60 -7.60 1.60 3.13
C GLU A 60 -7.71 3.04 3.64
N ARG A 61 -8.01 4.00 2.75
CA ARG A 61 -8.23 5.39 3.18
C ARG A 61 -9.39 5.49 4.17
N THR A 62 -10.47 4.75 3.93
CA THR A 62 -11.59 4.71 4.86
C THR A 62 -11.17 4.11 6.20
N ARG A 63 -10.33 3.07 6.17
CA ARG A 63 -9.74 2.54 7.39
C ARG A 63 -8.93 3.59 8.14
N LEU A 64 -8.14 4.38 7.41
CA LEU A 64 -7.34 5.43 8.05
C LEU A 64 -8.22 6.46 8.76
N LYS A 65 -9.25 6.94 8.07
CA LYS A 65 -10.22 7.85 8.70
C LYS A 65 -10.91 7.21 9.90
N ARG A 66 -11.31 5.93 9.78
CA ARG A 66 -11.89 5.18 10.90
C ARG A 66 -10.97 5.15 12.11
N THR A 67 -9.68 4.91 11.88
CA THR A 67 -8.73 4.78 12.97
C THR A 67 -8.45 6.14 13.61
N ALA A 68 -8.38 7.19 12.79
CA ALA A 68 -8.20 8.53 13.35
C ALA A 68 -9.41 8.93 14.18
N ARG A 69 -10.62 8.59 13.72
CA ARG A 69 -11.84 8.87 14.48
C ARG A 69 -11.81 8.16 15.83
N ARG A 70 -11.46 6.87 15.82
CA ARG A 70 -11.35 6.12 17.07
C ARG A 70 -10.32 6.74 18.01
N ARG A 71 -9.13 7.07 17.50
CA ARG A 71 -8.08 7.64 18.34
C ARG A 71 -8.53 8.95 18.98
N TYR A 72 -9.22 9.80 18.20
CA TYR A 72 -9.72 11.07 18.76
C TYR A 72 -10.76 10.81 19.84
N THR A 73 -11.66 9.85 19.61
CA THR A 73 -12.68 9.52 20.61
C THR A 73 -12.06 9.02 21.90
N ARG A 74 -11.05 8.15 21.79
CA ARG A 74 -10.41 7.59 22.98
C ARG A 74 -9.58 8.65 23.71
N ARG A 75 -8.96 9.57 22.99
CA ARG A 75 -8.24 10.66 23.65
C ARG A 75 -9.20 11.57 24.42
N LYS A 76 -10.35 11.88 23.80
CA LYS A 76 -11.37 12.65 24.51
C LYS A 76 -11.87 11.91 25.74
N ASN A 77 -12.01 10.58 25.65
CA ASN A 77 -12.43 9.81 26.81
C ASN A 77 -11.37 9.79 27.91
N ARG A 78 -10.08 9.80 27.55
CA ARG A 78 -9.02 9.92 28.54
C ARG A 78 -9.15 11.24 29.30
N ILE A 79 -9.34 12.33 28.55
CA ILE A 79 -9.48 13.64 29.19
C ILE A 79 -10.73 13.68 30.05
N CYS A 80 -11.81 13.05 29.59
CA CYS A 80 -13.05 13.00 30.36
C CYS A 80 -12.88 12.20 31.65
N TYR A 81 -12.09 11.12 31.60
CA TYR A 81 -11.82 10.34 32.80
C TYR A 81 -11.03 11.15 33.82
N LEU A 82 -10.03 11.89 33.34
CA LEU A 82 -9.25 12.72 34.25
C LEU A 82 -10.10 13.83 34.87
N GLN A 83 -10.99 14.43 34.08
CA GLN A 83 -11.90 15.44 34.62
C GLN A 83 -12.88 14.83 35.62
N GLU A 84 -13.34 13.61 35.36
CA GLU A 84 -14.26 12.95 36.27
C GLU A 84 -13.58 12.67 37.60
N ILE A 85 -12.29 12.32 37.56
CA ILE A 85 -11.55 12.15 38.81
C ILE A 85 -11.40 13.48 39.53
N PHE A 86 -11.03 14.54 38.81
CA PHE A 86 -10.71 15.79 39.49
C PHE A 86 -11.93 16.63 39.85
N SER A 87 -13.14 16.25 39.40
CA SER A 87 -14.29 17.15 39.42
C SER A 87 -14.69 17.58 40.82
N ASN A 88 -14.73 16.64 41.77
CA ASN A 88 -15.25 16.97 43.10
C ASN A 88 -14.31 17.90 43.85
N GLU A 89 -12.99 17.77 43.66
CA GLU A 89 -12.07 18.74 44.21
C GLU A 89 -12.07 20.05 43.44
N MET A 90 -12.33 19.99 42.12
CA MET A 90 -12.39 21.21 41.33
C MET A 90 -13.58 22.07 41.70
N ALA A 91 -14.66 21.43 42.18
CA ALA A 91 -15.84 22.17 42.64
C ALA A 91 -15.54 23.05 43.85
N LYS A 92 -14.47 22.75 44.60
CA LYS A 92 -14.15 23.54 45.78
C LYS A 92 -13.56 24.89 45.42
N VAL A 93 -12.64 24.92 44.45
CA VAL A 93 -11.86 26.15 44.23
C VAL A 93 -12.40 26.96 43.06
N ASP A 94 -12.90 26.29 42.02
CA ASP A 94 -13.52 27.00 40.89
C ASP A 94 -14.46 26.01 40.23
N ASP A 95 -15.77 26.14 40.51
CA ASP A 95 -16.76 25.16 40.06
C ASP A 95 -17.02 25.20 38.55
N SER A 96 -16.53 26.21 37.85
CA SER A 96 -16.78 26.37 36.42
C SER A 96 -15.50 26.23 35.59
N PHE A 97 -14.47 25.59 36.15
CA PHE A 97 -13.17 25.54 35.50
C PHE A 97 -13.23 24.69 34.23
N PHE A 98 -13.78 23.47 34.33
CA PHE A 98 -13.93 22.63 33.16
C PHE A 98 -14.91 23.24 32.16
N HIS A 99 -15.89 24.00 32.65
CA HIS A 99 -16.83 24.66 31.75
C HIS A 99 -16.14 25.75 30.94
N ARG A 100 -15.22 26.50 31.57
CA ARG A 100 -14.44 27.48 30.80
C ARG A 100 -13.49 26.80 29.83
N LEU A 101 -12.92 25.65 30.22
CA LEU A 101 -12.05 24.93 29.28
C LEU A 101 -12.83 24.38 28.09
N GLU A 102 -14.07 23.95 28.31
CA GLU A 102 -14.90 23.49 27.21
C GLU A 102 -15.31 24.64 26.29
N GLU A 103 -15.41 25.84 26.82
CA GLU A 103 -15.86 27.01 26.08
C GLU A 103 -14.73 27.80 25.44
N SER A 104 -13.49 27.27 25.45
CA SER A 104 -12.35 28.03 24.96
C SER A 104 -12.44 28.34 23.47
N PHE A 105 -13.16 27.51 22.70
CA PHE A 105 -13.19 27.75 21.26
C PHE A 105 -14.17 28.84 20.86
N LEU A 106 -15.11 29.18 21.72
CA LEU A 106 -16.16 30.12 21.35
C LEU A 106 -15.65 31.56 21.42
N VAL A 107 -16.32 32.43 20.66
CA VAL A 107 -16.09 33.86 20.81
C VAL A 107 -16.66 34.34 22.15
N GLU A 108 -16.10 35.45 22.63
CA GLU A 108 -16.44 36.00 23.94
C GLU A 108 -17.93 36.28 24.09
N GLU A 109 -18.60 36.65 23.00
CA GLU A 109 -20.04 36.84 23.05
C GLU A 109 -20.77 35.52 23.25
N ASP A 110 -20.25 34.44 22.66
CA ASP A 110 -20.86 33.13 22.84
C ASP A 110 -20.47 32.47 24.16
N LYS A 111 -19.38 32.90 24.79
CA LYS A 111 -18.95 32.32 26.05
C LYS A 111 -19.95 32.66 27.16
N LYS A 112 -20.32 31.66 27.95
CA LYS A 112 -21.20 31.92 29.09
C LYS A 112 -20.43 32.47 30.29
N HIS A 113 -19.18 32.08 30.46
CA HIS A 113 -18.32 32.56 31.52
C HIS A 113 -17.36 33.61 30.97
N GLU A 114 -16.38 33.99 31.79
CA GLU A 114 -15.41 35.02 31.42
C GLU A 114 -14.49 34.52 30.31
N ARG A 115 -13.98 35.47 29.52
CA ARG A 115 -13.21 35.13 28.33
C ARG A 115 -11.85 34.55 28.66
N HIS A 116 -11.36 34.72 29.88
CA HIS A 116 -10.09 34.14 30.28
C HIS A 116 -10.34 32.74 30.84
N PRO A 117 -9.82 31.68 30.21
CA PRO A 117 -10.24 30.33 30.61
C PRO A 117 -9.65 29.88 31.94
N ILE A 118 -8.39 30.20 32.22
CA ILE A 118 -7.66 29.46 33.25
C ILE A 118 -8.03 29.96 34.64
N PHE A 119 -7.97 31.27 34.87
CA PHE A 119 -8.38 31.84 36.15
C PHE A 119 -9.70 32.59 36.10
N GLY A 120 -10.17 32.99 34.93
CA GLY A 120 -11.39 33.77 34.85
C GLY A 120 -11.22 35.25 35.06
N ASN A 121 -10.00 35.73 35.24
CA ASN A 121 -9.71 37.15 35.40
C ASN A 121 -8.39 37.47 34.75
N ILE A 122 -8.26 38.71 34.26
CA ILE A 122 -7.20 39.04 33.31
C ILE A 122 -5.83 39.11 33.98
N VAL A 123 -5.77 39.67 35.20
CA VAL A 123 -4.48 39.91 35.84
C VAL A 123 -3.82 38.60 36.25
N ASP A 124 -4.59 37.64 36.76
CA ASP A 124 -4.02 36.35 37.11
C ASP A 124 -3.60 35.57 35.88
N GLU A 125 -4.33 35.73 34.77
CA GLU A 125 -3.95 35.04 33.54
C GLU A 125 -2.65 35.58 32.97
N VAL A 126 -2.50 36.91 32.97
CA VAL A 126 -1.26 37.49 32.47
C VAL A 126 -0.11 37.21 33.44
N ALA A 127 -0.39 37.09 34.74
CA ALA A 127 0.64 36.68 35.67
C ALA A 127 1.07 35.24 35.44
N TYR A 128 0.13 34.37 35.08
CA TYR A 128 0.45 32.99 34.74
C TYR A 128 1.35 32.93 33.50
N HIS A 129 0.99 33.68 32.45
CA HIS A 129 1.81 33.61 31.24
C HIS A 129 3.16 34.31 31.41
N GLU A 130 3.25 35.31 32.28
CA GLU A 130 4.55 35.89 32.57
C GLU A 130 5.40 34.95 33.40
N LYS A 131 4.76 34.22 34.34
CA LYS A 131 5.50 33.29 35.18
C LYS A 131 5.93 32.05 34.40
N TYR A 132 5.03 31.50 33.58
CA TYR A 132 5.32 30.31 32.79
C TYR A 132 5.09 30.61 31.31
N PRO A 133 6.15 30.93 30.55
CA PRO A 133 5.98 31.20 29.11
C PRO A 133 5.40 30.02 28.33
N THR A 134 5.74 28.79 28.71
CA THR A 134 5.21 27.59 28.09
C THR A 134 4.74 26.63 29.18
N ILE A 135 3.91 25.68 28.77
CA ILE A 135 3.48 24.58 29.65
C ILE A 135 4.65 23.81 30.25
N TYR A 136 5.79 23.75 29.54
CA TYR A 136 6.96 23.07 30.06
C TYR A 136 7.53 23.77 31.30
N HIS A 137 7.45 25.09 31.36
CA HIS A 137 7.88 25.81 32.56
C HIS A 137 7.02 25.44 33.76
N LEU A 138 5.71 25.37 33.56
CA LEU A 138 4.81 24.94 34.64
C LEU A 138 5.08 23.49 35.04
N ARG A 139 5.33 22.63 34.07
CA ARG A 139 5.65 21.23 34.37
C ARG A 139 6.91 21.11 35.20
N LYS A 140 7.96 21.86 34.83
CA LYS A 140 9.21 21.81 35.58
C LYS A 140 9.03 22.37 36.98
N LYS A 141 8.25 23.44 37.11
CA LYS A 141 8.00 24.00 38.44
C LYS A 141 7.23 23.02 39.32
N LEU A 142 6.31 22.26 38.71
CA LEU A 142 5.55 21.29 39.51
C LEU A 142 6.39 20.09 39.93
N VAL A 143 7.28 19.60 39.05
CA VAL A 143 8.07 18.44 39.46
C VAL A 143 9.14 18.85 40.46
N ASP A 144 9.80 20.00 40.22
CA ASP A 144 11.01 20.30 40.99
C ASP A 144 10.66 20.93 42.33
N SER A 145 9.69 21.83 42.37
CA SER A 145 9.41 22.54 43.62
C SER A 145 8.55 21.69 44.54
N THR A 146 8.54 22.08 45.81
CA THR A 146 7.78 21.37 46.84
C THR A 146 6.62 22.18 47.39
N ASP A 147 6.38 23.38 46.86
CA ASP A 147 5.33 24.24 47.38
C ASP A 147 3.96 23.76 46.86
N LYS A 148 2.95 23.93 47.71
CA LYS A 148 1.58 23.58 47.32
C LYS A 148 1.10 24.50 46.21
N ALA A 149 0.85 23.93 45.04
CA ALA A 149 0.43 24.70 43.87
C ALA A 149 -1.09 24.66 43.73
N ASP A 150 -1.59 25.51 42.83
CA ASP A 150 -3.01 25.54 42.54
C ASP A 150 -3.39 24.25 41.81
N LEU A 151 -4.58 23.73 42.14
CA LEU A 151 -5.05 22.49 41.56
C LEU A 151 -5.36 22.65 40.07
N ARG A 152 -5.74 23.86 39.64
CA ARG A 152 -5.97 24.12 38.23
C ARG A 152 -4.71 23.92 37.41
N LEU A 153 -3.58 24.41 37.91
CA LEU A 153 -2.31 24.22 37.21
C LEU A 153 -1.91 22.75 37.17
N ILE A 154 -2.23 22.02 38.25
CA ILE A 154 -1.93 20.59 38.31
C ILE A 154 -2.73 19.86 37.22
N TYR A 155 -4.02 20.19 37.11
CA TYR A 155 -4.83 19.57 36.06
C TYR A 155 -4.33 19.96 34.67
N LEU A 156 -3.92 21.22 34.48
CA LEU A 156 -3.46 21.64 33.17
C LEU A 156 -2.21 20.88 32.74
N ALA A 157 -1.25 20.72 33.66
CA ALA A 157 -0.05 19.97 33.33
C ALA A 157 -0.37 18.51 33.05
N LEU A 158 -1.20 17.88 33.91
CA LEU A 158 -1.49 16.48 33.71
C LEU A 158 -2.33 16.24 32.46
N ALA A 159 -3.25 17.16 32.12
CA ALA A 159 -4.05 17.00 30.92
C ALA A 159 -3.23 17.20 29.66
N HIS A 160 -2.29 18.16 29.68
CA HIS A 160 -1.39 18.35 28.56
C HIS A 160 -0.55 17.10 28.32
N MET A 161 0.01 16.56 29.40
CA MET A 161 0.93 15.44 29.28
C MET A 161 0.20 14.12 29.01
N ILE A 162 -1.05 13.98 29.47
CA ILE A 162 -1.84 12.80 29.14
C ILE A 162 -2.30 12.86 27.69
N LYS A 163 -2.72 14.05 27.23
CA LYS A 163 -3.22 14.20 25.86
C LYS A 163 -2.15 13.88 24.83
N PHE A 164 -0.94 14.39 25.04
CA PHE A 164 0.17 14.18 24.14
C PHE A 164 1.21 13.26 24.79
N ARG A 165 0.81 12.03 25.06
CA ARG A 165 1.54 11.11 25.93
C ARG A 165 2.77 10.45 25.29
N GLY A 166 3.10 10.72 24.04
CA GLY A 166 4.22 10.03 23.39
C GLY A 166 3.94 8.57 23.07
N HIS A 167 4.93 7.90 22.50
CA HIS A 167 4.71 6.60 21.86
C HIS A 167 5.03 5.44 22.79
N PHE A 168 4.61 4.25 22.35
CA PHE A 168 4.74 3.01 23.12
C PHE A 168 5.72 2.01 22.51
N LEU A 169 6.59 2.43 21.59
CA LEU A 169 7.52 1.49 20.96
C LEU A 169 8.65 1.05 21.89
N ILE A 170 8.77 1.63 23.07
CA ILE A 170 9.56 1.04 24.16
C ILE A 170 8.59 0.39 25.12
N GLU A 171 8.89 -0.85 25.52
CA GLU A 171 8.02 -1.60 26.42
C GLU A 171 8.52 -1.65 27.86
N GLY A 172 9.80 -1.37 28.11
CA GLY A 172 10.35 -1.54 29.44
C GLY A 172 9.99 -0.36 30.33
N ASP A 173 10.68 -0.28 31.47
CA ASP A 173 10.39 0.81 32.39
C ASP A 173 11.12 2.10 31.98
N LEU A 174 12.40 2.01 31.60
CA LEU A 174 13.20 3.13 31.10
C LEU A 174 13.17 4.32 32.10
N ASN A 175 13.35 4.00 33.38
CA ASN A 175 13.04 4.90 34.49
C ASN A 175 13.88 6.18 34.48
N PRO A 176 13.24 7.32 34.17
CA PRO A 176 14.01 8.52 33.80
C PRO A 176 14.42 9.36 35.01
N ASP A 177 14.87 8.71 36.06
CA ASP A 177 14.90 9.27 37.41
C ASP A 177 16.12 8.84 38.22
N ASN A 178 16.70 7.68 37.94
CA ASN A 178 18.00 7.26 38.45
C ASN A 178 18.86 6.58 37.40
N SER A 179 18.29 5.89 36.42
CA SER A 179 19.02 5.21 35.36
C SER A 179 19.30 6.16 34.19
N ASP A 180 19.79 7.36 34.50
CA ASP A 180 19.66 8.48 33.57
C ASP A 180 20.87 9.41 33.61
N VAL A 181 21.37 9.72 34.81
CA VAL A 181 22.47 10.67 34.95
C VAL A 181 23.74 10.08 34.37
N ASP A 182 24.42 10.84 33.52
CA ASP A 182 25.66 10.41 32.86
C ASP A 182 26.76 10.07 33.88
N LYS A 183 26.64 10.59 35.11
CA LYS A 183 27.37 10.17 36.30
C LYS A 183 27.51 8.65 36.45
N LEU A 184 26.48 7.89 36.05
CA LEU A 184 26.34 6.45 36.29
C LEU A 184 27.61 5.63 36.01
N PHE A 185 28.44 6.09 35.08
CA PHE A 185 29.73 5.48 34.80
C PHE A 185 30.61 5.34 36.04
N ILE A 186 30.54 6.30 36.97
CA ILE A 186 31.43 6.24 38.14
C ILE A 186 31.04 5.10 39.08
N GLN A 187 29.76 4.94 39.42
CA GLN A 187 29.36 3.78 40.21
C GLN A 187 29.48 2.49 39.43
N LEU A 188 29.38 2.56 38.10
CA LEU A 188 29.69 1.39 37.29
C LEU A 188 31.15 0.94 37.48
N VAL A 189 32.11 1.86 37.31
CA VAL A 189 33.52 1.47 37.47
C VAL A 189 33.86 1.05 38.90
N GLN A 190 33.26 1.66 39.93
CA GLN A 190 33.37 1.08 41.28
C GLN A 190 32.81 -0.34 41.37
N THR A 191 31.60 -0.59 40.85
CA THR A 191 31.04 -1.94 40.90
C THR A 191 31.94 -2.94 40.16
N TYR A 192 32.50 -2.50 39.04
CA TYR A 192 33.52 -3.26 38.32
C TYR A 192 34.74 -3.54 39.18
N ASN A 193 35.25 -2.54 39.91
CA ASN A 193 36.36 -2.78 40.85
C ASN A 193 35.98 -3.70 42.01
N GLN A 194 34.72 -3.72 42.43
CA GLN A 194 34.28 -4.57 43.54
C GLN A 194 34.09 -6.03 43.13
N LEU A 195 33.57 -6.27 41.94
CA LEU A 195 33.44 -7.67 41.49
C LEU A 195 34.76 -8.19 40.92
N PHE A 196 35.45 -7.39 40.11
CA PHE A 196 36.74 -7.81 39.57
C PHE A 196 37.82 -7.47 40.61
N GLU A 197 38.26 -8.50 41.34
CA GLU A 197 38.97 -8.35 42.62
C GLU A 197 40.30 -7.61 42.50
N GLU A 198 40.91 -7.57 41.30
CA GLU A 198 42.10 -6.78 41.07
C GLU A 198 41.89 -5.27 41.24
N ASN A 199 40.62 -4.81 41.27
CA ASN A 199 40.14 -3.43 41.42
C ASN A 199 40.90 -2.46 40.51
N PRO A 200 40.71 -2.57 39.18
CA PRO A 200 41.57 -1.85 38.22
C PRO A 200 41.42 -0.34 38.21
N ILE A 201 42.08 0.29 37.24
CA ILE A 201 42.07 1.74 37.05
C ILE A 201 40.63 2.24 36.94
N ASN A 202 40.32 3.28 37.72
CA ASN A 202 39.05 4.02 37.67
C ASN A 202 39.32 5.50 37.43
N ALA A 203 40.15 5.80 36.43
CA ALA A 203 40.53 7.16 36.10
C ALA A 203 39.33 8.01 35.70
N SER A 204 39.51 9.33 35.78
CA SER A 204 38.51 10.31 35.40
C SER A 204 38.41 10.50 33.89
N GLY A 205 38.22 9.40 33.16
CA GLY A 205 37.93 9.47 31.75
C GLY A 205 36.59 10.11 31.45
N VAL A 206 36.45 10.55 30.20
CA VAL A 206 35.22 11.21 29.77
C VAL A 206 34.11 10.18 29.61
N ASP A 207 32.91 10.55 30.06
CA ASP A 207 31.73 9.69 30.04
C ASP A 207 31.21 9.48 28.61
N ALA A 208 30.04 8.84 28.51
CA ALA A 208 29.39 8.51 27.26
C ALA A 208 29.11 9.72 26.37
N LYS A 209 29.11 10.94 26.93
CA LYS A 209 29.18 12.16 26.14
C LYS A 209 30.30 12.13 25.09
N ALA A 210 31.44 11.51 25.41
CA ALA A 210 32.51 11.33 24.43
C ALA A 210 32.07 10.49 23.24
N ILE A 211 31.28 9.44 23.49
CA ILE A 211 30.73 8.64 22.40
C ILE A 211 29.68 9.44 21.64
N LEU A 212 28.78 10.10 22.37
CA LEU A 212 27.66 10.84 21.81
C LEU A 212 28.08 12.13 21.10
N SER A 213 29.37 12.50 21.19
CA SER A 213 29.84 13.71 20.52
C SER A 213 29.67 13.62 19.02
N ALA A 214 29.99 12.46 18.41
CA ALA A 214 29.69 12.33 16.99
C ALA A 214 28.43 11.52 16.77
N ARG A 215 28.47 10.22 17.11
CA ARG A 215 27.41 9.25 16.88
C ARG A 215 27.68 8.01 17.74
N LEU A 216 26.62 7.30 18.07
CA LEU A 216 26.69 6.07 18.86
C LEU A 216 26.97 4.90 17.92
N SER A 217 28.17 4.31 18.01
CA SER A 217 28.56 3.25 17.09
C SER A 217 29.63 2.37 17.74
N LYS A 218 29.85 1.20 17.14
CA LYS A 218 30.98 0.33 17.49
C LYS A 218 32.32 1.05 17.33
N SER A 219 32.58 1.59 16.14
CA SER A 219 33.92 1.91 15.67
C SER A 219 34.53 3.12 16.35
N ARG A 220 33.75 3.86 17.11
CA ARG A 220 34.22 5.01 17.87
C ARG A 220 34.11 4.84 19.36
N ARG A 221 33.05 4.20 19.85
CA ARG A 221 32.94 3.90 21.28
C ARG A 221 34.09 3.00 21.71
N LEU A 222 34.34 1.92 20.96
CA LEU A 222 35.33 0.95 21.41
C LEU A 222 36.72 1.59 21.47
N GLU A 223 37.11 2.31 20.41
CA GLU A 223 38.42 2.94 20.39
C GLU A 223 38.52 4.07 21.41
N ASN A 224 37.43 4.80 21.68
CA ASN A 224 37.53 5.88 22.67
C ASN A 224 37.73 5.34 24.08
N LEU A 225 36.93 4.34 24.48
CA LEU A 225 37.16 3.75 25.81
C LEU A 225 38.49 3.02 25.91
N ILE A 226 38.98 2.46 24.81
CA ILE A 226 40.26 1.75 24.89
C ILE A 226 41.43 2.75 24.91
N ALA A 227 41.29 3.89 24.24
CA ALA A 227 42.33 4.90 24.29
C ALA A 227 42.32 5.66 25.63
N GLN A 228 41.14 5.91 26.19
CA GLN A 228 41.04 6.66 27.44
C GLN A 228 41.57 5.84 28.61
N LEU A 229 41.12 4.59 28.73
CA LEU A 229 41.53 3.69 29.79
C LEU A 229 42.20 2.50 29.13
N PRO A 230 43.46 2.19 29.48
CA PRO A 230 44.24 1.18 28.75
C PRO A 230 43.56 -0.18 28.72
N GLY A 231 43.66 -0.84 27.56
CA GLY A 231 42.93 -2.07 27.34
C GLY A 231 43.55 -3.31 27.95
N GLU A 232 42.85 -3.89 28.93
CA GLU A 232 43.25 -5.17 29.52
C GLU A 232 42.51 -6.35 28.89
N LYS A 233 41.37 -6.11 28.26
CA LYS A 233 40.58 -7.16 27.62
C LYS A 233 39.68 -6.49 26.60
N LYS A 234 39.88 -6.80 25.32
CA LYS A 234 39.19 -6.08 24.25
C LYS A 234 37.69 -6.39 24.23
N ASN A 235 37.34 -7.67 24.23
CA ASN A 235 35.95 -8.09 24.16
C ASN A 235 35.43 -8.46 25.55
N GLY A 236 36.26 -8.26 26.58
CA GLY A 236 35.90 -8.57 27.94
C GLY A 236 36.25 -7.45 28.91
N LEU A 237 36.12 -6.19 28.46
CA LEU A 237 36.47 -5.05 29.28
C LEU A 237 35.55 -4.88 30.49
N PHE A 238 34.38 -5.52 30.49
CA PHE A 238 33.43 -5.53 31.62
C PHE A 238 32.96 -4.15 32.05
N GLY A 239 33.13 -3.13 31.21
CA GLY A 239 32.71 -1.79 31.57
C GLY A 239 32.29 -0.98 30.37
N ASN A 240 31.03 -0.53 30.37
CA ASN A 240 30.41 0.24 29.29
C ASN A 240 30.63 -0.45 27.94
N LEU A 241 30.30 -1.74 27.92
CA LEU A 241 30.53 -2.56 26.74
C LEU A 241 29.43 -2.33 25.72
N ILE A 242 29.70 -2.77 24.48
CA ILE A 242 28.67 -2.76 23.47
C ILE A 242 27.65 -3.84 23.75
N ALA A 243 28.03 -4.87 24.52
CA ALA A 243 27.06 -5.82 25.04
C ALA A 243 26.09 -5.12 25.99
N LEU A 244 26.58 -4.08 26.65
CA LEU A 244 25.81 -3.30 27.61
C LEU A 244 25.26 -2.01 26.99
N SER A 245 25.42 -1.83 25.68
CA SER A 245 24.92 -0.65 24.99
C SER A 245 24.06 -1.02 23.78
N LEU A 246 24.63 -1.74 22.81
CA LEU A 246 23.93 -2.11 21.58
C LEU A 246 24.29 -3.55 21.27
N GLY A 247 23.38 -4.47 21.58
CA GLY A 247 23.71 -5.89 21.58
C GLY A 247 24.09 -6.43 20.22
N LEU A 248 24.70 -7.61 20.25
CA LEU A 248 25.22 -8.24 19.05
C LEU A 248 24.09 -8.72 18.14
N THR A 249 24.38 -8.78 16.84
CA THR A 249 23.41 -9.31 15.88
C THR A 249 23.05 -10.78 16.12
N PRO A 250 23.98 -11.73 16.26
CA PRO A 250 23.57 -13.10 16.54
C PRO A 250 23.49 -13.35 18.04
N ASN A 251 22.91 -14.50 18.39
CA ASN A 251 22.91 -14.97 19.77
C ASN A 251 24.23 -15.71 20.02
N PHE A 252 25.29 -14.92 20.14
CA PHE A 252 26.62 -15.46 20.38
C PHE A 252 26.92 -15.49 21.87
N LYS A 253 27.67 -16.52 22.28
CA LYS A 253 27.91 -16.78 23.69
C LYS A 253 28.72 -15.66 24.35
N SER A 254 28.63 -15.61 25.67
CA SER A 254 29.34 -14.58 26.42
C SER A 254 30.84 -14.78 26.32
N ASN A 255 31.57 -13.68 26.21
CA ASN A 255 33.01 -13.71 25.99
C ASN A 255 33.74 -13.39 27.28
N PHE A 256 34.67 -14.26 27.66
CA PHE A 256 35.36 -14.22 28.95
C PHE A 256 34.35 -14.21 30.09
N ASP A 257 33.57 -15.29 30.15
CA ASP A 257 32.42 -15.38 31.04
C ASP A 257 32.82 -15.43 32.50
N LEU A 258 31.94 -14.92 33.36
CA LEU A 258 32.11 -14.95 34.81
C LEU A 258 31.42 -16.13 35.45
N ALA A 259 30.23 -16.49 34.97
CA ALA A 259 29.45 -17.59 35.55
C ALA A 259 29.19 -18.72 34.55
N GLU A 260 28.74 -18.40 33.34
CA GLU A 260 28.44 -19.43 32.35
C GLU A 260 28.55 -18.84 30.96
N ASP A 261 28.71 -19.72 29.97
CA ASP A 261 28.74 -19.33 28.56
C ASP A 261 27.31 -19.37 28.03
N ALA A 262 26.69 -18.19 27.87
CA ALA A 262 25.34 -18.09 27.35
C ALA A 262 25.31 -17.05 26.24
N LYS A 263 24.44 -17.28 25.25
CA LYS A 263 24.20 -16.35 24.15
C LYS A 263 23.85 -14.94 24.62
N LEU A 264 24.10 -13.93 23.78
CA LEU A 264 23.92 -12.54 24.13
C LEU A 264 23.13 -11.80 23.06
N GLN A 265 22.44 -10.73 23.49
CA GLN A 265 21.64 -9.89 22.59
C GLN A 265 21.50 -8.52 23.24
N LEU A 266 20.69 -7.65 22.62
CA LEU A 266 20.44 -6.33 23.17
C LEU A 266 19.56 -6.40 24.42
N SER A 267 19.73 -5.41 25.30
CA SER A 267 18.99 -5.35 26.56
C SER A 267 17.66 -4.61 26.44
N LYS A 268 16.85 -4.94 25.43
CA LYS A 268 15.51 -4.39 25.36
C LYS A 268 14.51 -5.36 25.95
N ASP A 269 14.31 -6.49 25.27
CA ASP A 269 13.29 -7.47 25.61
C ASP A 269 13.77 -8.91 25.47
N THR A 270 14.84 -9.16 24.72
CA THR A 270 15.41 -10.48 24.52
C THR A 270 16.66 -10.72 25.35
N TYR A 271 16.86 -9.94 26.43
CA TYR A 271 18.01 -10.14 27.30
C TYR A 271 17.67 -10.65 28.69
N ASP A 272 16.39 -10.66 29.08
CA ASP A 272 16.02 -10.90 30.48
C ASP A 272 16.16 -12.37 30.87
N ASP A 273 16.38 -13.27 29.91
CA ASP A 273 16.72 -14.65 30.19
C ASP A 273 18.20 -14.99 30.01
N ASP A 274 18.97 -14.11 29.38
CA ASP A 274 20.42 -14.25 29.30
C ASP A 274 21.14 -13.88 30.60
N LEU A 275 20.42 -13.60 31.67
CA LEU A 275 20.97 -13.62 33.02
C LEU A 275 20.94 -15.03 33.62
N ASP A 276 20.64 -16.05 32.80
CA ASP A 276 20.72 -17.45 33.21
C ASP A 276 22.11 -17.85 33.70
N ASN A 277 23.14 -17.06 33.39
CA ASN A 277 24.46 -17.28 33.98
C ASN A 277 24.38 -17.22 35.50
N LEU A 278 23.53 -16.35 36.04
CA LEU A 278 23.33 -16.24 37.47
C LEU A 278 21.93 -16.58 37.92
N LEU A 279 20.91 -16.16 37.17
CA LEU A 279 19.52 -16.42 37.57
C LEU A 279 19.17 -17.90 37.49
N ALA A 280 19.82 -18.66 36.60
CA ALA A 280 19.66 -20.11 36.58
C ALA A 280 20.75 -20.83 37.38
N GLN A 281 21.63 -20.09 38.05
CA GLN A 281 22.67 -20.70 38.89
C GLN A 281 22.64 -20.14 40.32
N ILE A 282 21.53 -19.54 40.73
CA ILE A 282 21.39 -19.03 42.09
C ILE A 282 20.01 -19.39 42.63
N ASP A 288 25.42 -6.02 41.05
CA ASP A 288 26.26 -6.61 40.02
C ASP A 288 26.15 -5.89 38.68
N LEU A 289 27.11 -6.18 37.80
CA LEU A 289 27.39 -5.34 36.64
C LEU A 289 26.23 -5.28 35.65
N PHE A 290 25.46 -6.36 35.51
CA PHE A 290 24.32 -6.33 34.59
C PHE A 290 23.24 -5.32 34.99
N LEU A 291 23.03 -5.09 36.28
CA LEU A 291 22.03 -4.11 36.70
C LEU A 291 22.47 -2.69 36.34
N ALA A 292 23.70 -2.34 36.73
CA ALA A 292 24.27 -1.04 36.41
C ALA A 292 24.37 -0.85 34.90
N ALA A 293 24.70 -1.92 34.19
CA ALA A 293 24.69 -1.94 32.73
C ALA A 293 23.32 -1.59 32.15
N LYS A 294 22.26 -2.25 32.61
CA LYS A 294 20.90 -1.84 32.25
C LYS A 294 20.67 -0.35 32.50
N ASN A 295 21.13 0.15 33.66
CA ASN A 295 20.90 1.54 34.01
C ASN A 295 21.67 2.50 33.08
N LEU A 296 22.88 2.12 32.68
CA LEU A 296 23.60 2.88 31.66
C LEU A 296 22.96 2.77 30.29
N SER A 297 22.48 1.58 29.91
CA SER A 297 21.77 1.42 28.64
C SER A 297 20.59 2.39 28.55
N ASP A 298 19.79 2.44 29.61
CA ASP A 298 18.72 3.43 29.75
C ASP A 298 19.25 4.84 29.59
N ALA A 299 20.35 5.14 30.28
CA ALA A 299 20.98 6.45 30.19
C ALA A 299 21.37 6.82 28.76
N ILE A 300 21.99 5.89 28.02
CA ILE A 300 22.35 6.20 26.63
C ILE A 300 21.12 6.37 25.74
N LEU A 301 20.04 5.60 25.95
CA LEU A 301 18.82 5.87 25.19
C LEU A 301 18.28 7.27 25.45
N LEU A 302 18.10 7.61 26.73
CA LEU A 302 17.49 8.89 27.05
C LEU A 302 18.40 10.09 26.77
N SER A 303 19.72 9.90 26.83
CA SER A 303 20.64 10.93 26.36
C SER A 303 20.78 10.97 24.84
N ASP A 304 20.33 9.92 24.14
CA ASP A 304 20.19 10.03 22.69
C ASP A 304 18.94 10.84 22.34
N ILE A 305 17.82 10.53 22.99
CA ILE A 305 16.54 11.14 22.62
C ILE A 305 16.30 12.49 23.28
N LEU A 306 16.98 12.79 24.39
CA LEU A 306 17.02 14.12 24.97
C LEU A 306 18.47 14.54 25.13
N ARG A 307 18.76 15.82 24.88
CA ARG A 307 20.15 16.27 24.83
C ARG A 307 20.86 16.21 26.17
N VAL A 308 20.48 17.07 27.11
CA VAL A 308 21.21 17.20 28.37
C VAL A 308 20.38 17.99 29.38
N ASN A 309 20.53 17.65 30.66
CA ASN A 309 20.19 18.54 31.76
C ASN A 309 21.43 18.73 32.63
N THR A 310 21.87 19.97 32.77
CA THR A 310 23.09 20.24 33.54
C THR A 310 22.81 20.17 35.04
N GLU A 311 21.70 20.76 35.48
CA GLU A 311 21.30 20.74 36.88
C GLU A 311 20.34 19.57 37.04
N ILE A 312 20.50 18.83 38.13
CA ILE A 312 19.80 17.55 38.28
C ILE A 312 18.31 17.77 38.50
N THR A 313 17.53 17.37 37.50
CA THR A 313 16.07 17.43 37.55
C THR A 313 15.51 16.06 37.21
N LYS A 314 14.32 15.78 37.75
CA LYS A 314 13.54 14.62 37.35
C LYS A 314 12.81 14.81 36.02
N ALA A 315 12.90 15.98 35.39
CA ALA A 315 12.21 16.26 34.14
C ALA A 315 13.20 16.78 33.09
N PRO A 316 13.95 15.88 32.45
CA PRO A 316 14.87 16.33 31.39
C PRO A 316 14.15 16.87 30.16
N LEU A 317 12.95 16.36 29.86
CA LEU A 317 12.19 16.87 28.70
C LEU A 317 11.87 18.35 28.86
N SER A 318 11.24 18.72 29.98
CA SER A 318 10.85 20.10 30.19
C SER A 318 12.08 21.01 30.26
N ALA A 319 13.18 20.51 30.83
CA ALA A 319 14.42 21.27 30.86
C ALA A 319 14.95 21.53 29.45
N SER A 320 14.89 20.51 28.58
CA SER A 320 15.35 20.70 27.20
C SER A 320 14.44 21.65 26.44
N MET A 321 13.13 21.61 26.72
CA MET A 321 12.21 22.52 26.05
C MET A 321 12.43 23.96 26.50
N ILE A 322 12.69 24.17 27.80
CA ILE A 322 13.01 25.49 28.28
C ILE A 322 14.36 25.96 27.73
N LYS A 323 15.29 25.04 27.53
CA LYS A 323 16.56 25.37 26.89
C LYS A 323 16.35 25.85 25.46
N ARG A 324 15.47 25.17 24.72
CA ARG A 324 15.09 25.64 23.39
C ARG A 324 14.46 27.03 23.44
N TYR A 325 13.55 27.25 24.39
CA TYR A 325 12.90 28.55 24.50
C TYR A 325 13.90 29.66 24.76
N ASP A 326 14.86 29.43 25.66
CA ASP A 326 15.84 30.47 25.99
C ASP A 326 16.79 30.72 24.82
N GLU A 327 17.24 29.65 24.17
CA GLU A 327 18.06 29.78 22.97
C GLU A 327 17.33 30.59 21.90
N HIS A 328 16.06 30.24 21.65
CA HIS A 328 15.22 30.94 20.68
C HIS A 328 15.11 32.42 21.02
N HIS A 329 14.89 32.75 22.30
CA HIS A 329 14.75 34.14 22.72
C HIS A 329 16.04 34.93 22.47
N GLN A 330 17.17 34.37 22.91
CA GLN A 330 18.46 35.06 22.74
C GLN A 330 18.79 35.24 21.27
N ASP A 331 18.58 34.20 20.46
CA ASP A 331 18.93 34.27 19.05
C ASP A 331 17.98 35.18 18.28
N LEU A 332 16.71 35.25 18.69
CA LEU A 332 15.79 36.23 18.13
C LEU A 332 16.25 37.66 18.42
N THR A 333 16.64 37.94 19.67
CA THR A 333 17.11 39.28 20.01
C THR A 333 18.36 39.64 19.21
N LEU A 334 19.30 38.69 19.10
CA LEU A 334 20.51 38.92 18.32
C LEU A 334 20.21 39.15 16.85
N LEU A 335 19.29 38.35 16.29
CA LEU A 335 18.93 38.49 14.88
C LEU A 335 18.27 39.83 14.62
N LYS A 336 17.34 40.26 15.48
CA LYS A 336 16.70 41.54 15.30
C LYS A 336 17.69 42.68 15.39
N ALA A 337 18.63 42.60 16.34
CA ALA A 337 19.64 43.65 16.48
C ALA A 337 20.53 43.73 15.24
N LEU A 338 21.01 42.57 14.76
CA LEU A 338 21.88 42.57 13.59
C LEU A 338 21.16 43.01 12.33
N VAL A 339 19.88 42.64 12.20
CA VAL A 339 19.11 43.02 11.01
C VAL A 339 18.85 44.52 11.03
N ARG A 340 18.49 45.08 12.19
CA ARG A 340 18.31 46.51 12.30
C ARG A 340 19.61 47.27 12.08
N GLN A 341 20.75 46.63 12.38
CA GLN A 341 22.04 47.26 12.15
C GLN A 341 22.36 47.29 10.66
N GLN A 342 22.52 46.12 10.04
CA GLN A 342 23.17 46.10 8.73
C GLN A 342 22.21 46.33 7.56
N LEU A 343 20.99 45.78 7.61
CA LEU A 343 20.00 45.94 6.55
C LEU A 343 18.64 46.27 7.15
N PRO A 344 18.40 47.55 7.48
CA PRO A 344 17.09 47.94 8.01
C PRO A 344 15.94 47.72 7.04
N GLU A 345 16.21 47.79 5.73
CA GLU A 345 15.15 47.65 4.73
C GLU A 345 14.56 46.25 4.69
N LYS A 346 15.27 45.24 5.21
CA LYS A 346 14.76 43.89 5.30
C LYS A 346 13.93 43.63 6.55
N TYR A 347 13.92 44.58 7.51
CA TYR A 347 13.26 44.34 8.79
C TYR A 347 11.76 44.18 8.63
N LYS A 348 11.16 44.96 7.71
CA LYS A 348 9.74 44.82 7.43
C LYS A 348 9.45 43.46 6.80
N GLU A 349 10.34 42.98 5.94
CA GLU A 349 10.07 41.74 5.23
C GLU A 349 10.19 40.57 6.18
N ILE A 350 11.26 40.55 6.99
CA ILE A 350 11.55 39.40 7.84
C ILE A 350 10.57 39.35 9.00
N PHE A 351 10.34 40.47 9.68
CA PHE A 351 9.65 40.46 10.97
C PHE A 351 8.22 40.95 10.92
N PHE A 352 7.71 41.37 9.77
CA PHE A 352 6.30 41.73 9.70
C PHE A 352 5.54 41.02 8.59
N ASP A 353 6.17 40.81 7.44
CA ASP A 353 5.46 40.24 6.29
C ASP A 353 5.51 38.73 6.46
N GLN A 354 4.35 38.14 6.74
CA GLN A 354 4.21 36.71 7.04
C GLN A 354 4.07 35.85 5.79
N SER A 355 4.21 36.42 4.59
CA SER A 355 4.00 35.67 3.37
C SER A 355 5.27 35.30 2.62
N LYS A 356 6.42 35.88 2.99
CA LYS A 356 7.68 35.60 2.31
C LYS A 356 8.58 34.65 3.10
N ASN A 357 7.98 33.79 3.93
CA ASN A 357 8.67 32.74 4.68
C ASN A 357 9.76 33.30 5.60
N GLY A 358 9.55 34.51 6.12
CA GLY A 358 10.42 35.08 7.12
C GLY A 358 10.07 34.54 8.49
N TYR A 359 10.58 35.21 9.52
CA TYR A 359 10.20 34.85 10.89
C TYR A 359 8.71 35.04 11.12
N ALA A 360 8.13 36.10 10.56
CA ALA A 360 6.69 36.29 10.61
C ALA A 360 5.98 35.15 9.87
N GLY A 361 6.55 34.70 8.76
CA GLY A 361 6.02 33.52 8.08
C GLY A 361 6.36 32.22 8.77
N TYR A 362 7.39 32.21 9.62
CA TYR A 362 7.78 30.98 10.31
C TYR A 362 6.89 30.76 11.54
N ILE A 363 6.50 31.84 12.21
CA ILE A 363 5.58 31.73 13.34
C ILE A 363 4.13 31.93 12.92
N ASP A 364 3.80 33.15 12.48
CA ASP A 364 2.41 33.47 12.19
C ASP A 364 1.98 32.86 10.86
N GLY A 365 2.86 32.82 9.88
CA GLY A 365 2.55 32.22 8.60
C GLY A 365 2.62 30.71 8.64
N GLY A 366 2.47 30.12 7.46
CA GLY A 366 2.52 28.68 7.28
C GLY A 366 3.85 28.10 6.87
N ALA A 367 4.93 28.88 6.90
CA ALA A 367 6.23 28.35 6.52
C ALA A 367 6.78 27.43 7.59
N SER A 368 7.14 26.22 7.18
CA SER A 368 7.77 25.23 8.05
C SER A 368 9.27 25.51 8.20
N GLN A 369 9.86 24.85 9.21
CA GLN A 369 11.19 25.17 9.73
C GLN A 369 12.27 25.13 8.65
N GLU A 370 12.23 24.14 7.76
CA GLU A 370 13.22 24.05 6.69
C GLU A 370 13.05 25.17 5.68
N GLU A 371 11.81 25.54 5.36
CA GLU A 371 11.58 26.68 4.46
C GLU A 371 12.11 27.97 5.06
N PHE A 372 11.88 28.18 6.36
CA PHE A 372 12.43 29.34 7.04
C PHE A 372 13.94 29.35 7.02
N TYR A 373 14.56 28.21 7.33
CA TYR A 373 16.03 28.10 7.25
C TYR A 373 16.55 28.42 5.86
N LYS A 374 15.98 27.81 4.81
CA LYS A 374 16.48 28.09 3.47
C LYS A 374 16.19 29.52 3.02
N PHE A 375 15.15 30.17 3.56
CA PHE A 375 14.94 31.58 3.24
C PHE A 375 15.97 32.45 3.95
N ILE A 376 16.19 32.20 5.23
CA ILE A 376 17.05 33.09 6.02
C ILE A 376 18.52 32.85 5.73
N LYS A 377 18.90 31.65 5.25
CA LYS A 377 20.30 31.29 5.05
C LYS A 377 21.09 32.25 4.16
N PRO A 378 20.62 32.67 2.97
CA PRO A 378 21.44 33.63 2.19
C PRO A 378 21.59 34.97 2.88
N ILE A 379 20.50 35.46 3.46
CA ILE A 379 20.53 36.66 4.28
C ILE A 379 21.50 36.47 5.43
N LEU A 380 21.52 35.28 6.01
CA LEU A 380 22.40 35.01 7.14
C LEU A 380 23.87 35.01 6.72
N GLU A 381 24.20 34.48 5.53
CA GLU A 381 25.63 34.37 5.21
C GLU A 381 26.16 35.70 4.71
N LYS A 382 25.32 36.51 4.04
CA LYS A 382 25.80 37.82 3.58
C LYS A 382 26.05 38.78 4.74
N MET A 383 25.56 38.46 5.94
CA MET A 383 25.64 39.28 7.13
C MET A 383 26.94 38.97 7.88
N ASP A 384 27.34 39.90 8.74
CA ASP A 384 28.50 39.70 9.59
C ASP A 384 28.07 39.32 11.00
N GLY A 385 28.95 38.60 11.69
CA GLY A 385 28.66 38.18 13.05
C GLY A 385 27.65 37.06 13.18
N THR A 386 27.33 36.37 12.09
CA THR A 386 26.29 35.34 12.10
C THR A 386 26.87 33.93 12.04
N GLU A 387 28.09 33.76 12.54
CA GLU A 387 28.74 32.44 12.52
C GLU A 387 28.02 31.46 13.43
N GLU A 388 27.63 31.90 14.63
CA GLU A 388 26.95 30.99 15.56
C GLU A 388 25.52 30.72 15.13
N LEU A 389 24.85 31.71 14.54
CA LEU A 389 23.53 31.47 13.95
C LEU A 389 23.63 30.48 12.79
N LEU A 390 24.69 30.59 11.98
CA LEU A 390 24.80 29.70 10.83
C LEU A 390 25.16 28.29 11.25
N VAL A 391 26.05 28.12 12.24
CA VAL A 391 26.35 26.77 12.71
C VAL A 391 25.16 26.16 13.45
N LYS A 392 24.29 26.99 14.06
CA LYS A 392 23.05 26.46 14.60
C LYS A 392 22.07 26.05 13.49
N LEU A 393 21.97 26.86 12.44
CA LEU A 393 21.16 26.50 11.28
C LEU A 393 21.65 25.20 10.64
N ASN A 394 22.95 24.98 10.60
CA ASN A 394 23.48 23.75 10.02
C ASN A 394 23.14 22.54 10.87
N ARG A 395 23.01 22.72 12.18
CA ARG A 395 22.59 21.65 13.08
C ARG A 395 21.08 21.57 13.21
N GLU A 396 20.34 22.38 12.46
CA GLU A 396 18.88 22.53 12.58
C GLU A 396 18.46 22.79 14.03
N ASP A 397 19.21 23.68 14.69
CA ASP A 397 19.05 23.95 16.11
C ASP A 397 18.95 25.47 16.33
N LEU A 398 18.42 26.18 15.35
CA LEU A 398 18.26 27.63 15.40
C LEU A 398 16.79 27.96 15.52
N LEU A 399 16.44 28.76 16.54
CA LEU A 399 15.11 29.35 16.71
C LEU A 399 13.99 28.32 16.72
N ARG A 400 14.28 27.12 17.22
CA ARG A 400 13.32 26.01 17.17
C ARG A 400 12.08 26.31 17.99
N LYS A 401 10.96 25.77 17.53
CA LYS A 401 9.73 25.68 18.32
C LYS A 401 9.85 24.58 19.36
N GLN A 402 8.83 24.45 20.19
CA GLN A 402 8.72 23.29 21.07
C GLN A 402 7.86 22.18 20.46
N ARG A 403 6.66 22.51 20.00
CA ARG A 403 5.82 21.53 19.33
C ARG A 403 6.31 21.38 17.90
N THR A 404 6.82 20.18 17.56
CA THR A 404 7.45 19.91 16.28
C THR A 404 7.30 18.45 15.92
N PHE A 405 7.41 18.17 14.62
CA PHE A 405 7.41 16.81 14.07
C PHE A 405 8.51 15.92 14.67
N ASP A 406 9.58 16.51 15.19
CA ASP A 406 10.67 15.77 15.82
C ASP A 406 10.20 15.04 17.07
N ASN A 407 9.21 15.59 17.78
CA ASN A 407 8.71 15.03 19.04
C ASN A 407 8.11 13.63 18.94
N GLY A 408 7.80 13.12 17.74
CA GLY A 408 7.39 11.71 17.62
C GLY A 408 8.41 10.69 18.08
N SER A 409 9.66 11.10 18.29
CA SER A 409 10.70 10.24 18.86
C SER A 409 10.50 9.88 20.33
N ILE A 410 9.63 10.57 21.07
CA ILE A 410 9.66 10.52 22.53
C ILE A 410 8.82 9.34 23.04
N PRO A 411 9.42 8.41 23.78
CA PRO A 411 8.69 7.30 24.38
C PRO A 411 7.88 7.75 25.58
N HIS A 412 6.70 7.14 25.76
CA HIS A 412 5.74 7.55 26.79
C HIS A 412 6.27 7.41 28.20
N GLN A 413 7.26 6.53 28.43
CA GLN A 413 7.86 6.34 29.74
C GLN A 413 8.38 7.63 30.37
N ILE A 414 8.85 8.58 29.56
CA ILE A 414 9.31 9.87 30.08
C ILE A 414 8.16 10.65 30.69
N HIS A 415 7.06 10.79 29.94
CA HIS A 415 5.85 11.42 30.45
C HIS A 415 5.32 10.70 31.69
N LEU A 416 5.37 9.36 31.69
CA LEU A 416 4.94 8.61 32.88
C LEU A 416 5.82 8.94 34.09
N GLY A 417 7.14 8.97 33.89
CA GLY A 417 8.06 9.32 34.97
C GLY A 417 7.79 10.70 35.54
N GLU A 418 7.51 11.66 34.66
CA GLU A 418 7.19 13.01 35.10
C GLU A 418 5.86 13.04 35.86
N LEU A 419 4.87 12.28 35.39
CA LEU A 419 3.59 12.23 36.09
C LEU A 419 3.75 11.62 37.47
N HIS A 420 4.54 10.54 37.58
CA HIS A 420 4.77 9.92 38.87
C HIS A 420 5.49 10.88 39.81
N ALA A 421 6.44 11.66 39.28
CA ALA A 421 7.16 12.61 40.11
C ALA A 421 6.25 13.75 40.59
N ILE A 422 5.39 14.26 39.71
CA ILE A 422 4.47 15.34 40.11
C ILE A 422 3.47 14.85 41.15
N LEU A 423 2.91 13.65 40.94
CA LEU A 423 2.00 13.07 41.91
C LEU A 423 2.71 12.78 43.23
N ARG A 424 3.98 12.41 43.18
CA ARG A 424 4.75 12.20 44.40
C ARG A 424 5.10 13.52 45.09
N ARG A 425 5.07 14.63 44.36
CA ARG A 425 5.23 15.94 45.00
C ARG A 425 3.96 16.39 45.69
N GLN A 426 2.81 16.29 45.01
CA GLN A 426 1.60 16.97 45.47
C GLN A 426 0.60 16.08 46.20
N GLU A 427 1.00 14.87 46.59
CA GLU A 427 0.03 13.98 47.25
C GLU A 427 -0.20 14.34 48.71
N ASP A 428 0.76 15.00 49.37
CA ASP A 428 0.54 15.41 50.75
C ASP A 428 -0.47 16.55 50.84
N PHE A 429 -0.41 17.51 49.92
CA PHE A 429 -1.33 18.64 49.98
C PHE A 429 -2.73 18.24 49.55
N TYR A 430 -2.85 17.24 48.67
CA TYR A 430 -4.14 16.77 48.17
C TYR A 430 -4.24 15.27 48.40
N PRO A 431 -5.02 14.83 49.40
CA PRO A 431 -5.12 13.38 49.66
C PRO A 431 -5.76 12.59 48.54
N PHE A 432 -6.63 13.20 47.75
CA PHE A 432 -7.28 12.48 46.66
C PHE A 432 -6.31 12.13 45.54
N LEU A 433 -5.20 12.85 45.42
CA LEU A 433 -4.14 12.44 44.49
C LEU A 433 -3.52 11.12 44.92
N LYS A 434 -3.21 11.00 46.22
CA LYS A 434 -2.64 9.75 46.73
C LYS A 434 -3.68 8.64 46.74
N ASP A 435 -4.97 9.00 46.81
CA ASP A 435 -6.02 7.98 46.82
C ASP A 435 -6.10 7.23 45.49
N ASN A 436 -5.86 7.93 44.38
CA ASN A 436 -6.02 7.34 43.05
C ASN A 436 -4.86 7.69 42.14
N ARG A 437 -3.63 7.57 42.65
CA ARG A 437 -2.45 7.74 41.80
C ARG A 437 -2.36 6.65 40.75
N GLU A 438 -2.64 5.41 41.14
CA GLU A 438 -2.57 4.29 40.20
C GLU A 438 -3.63 4.40 39.12
N LYS A 439 -4.79 4.99 39.44
CA LYS A 439 -5.81 5.19 38.42
C LYS A 439 -5.34 6.17 37.35
N ILE A 440 -4.66 7.25 37.75
CA ILE A 440 -4.15 8.21 36.78
C ILE A 440 -3.01 7.61 35.97
N GLU A 441 -2.13 6.85 36.63
CA GLU A 441 -1.06 6.16 35.91
C GLU A 441 -1.62 5.14 34.93
N LYS A 442 -2.76 4.53 35.27
CA LYS A 442 -3.40 3.60 34.35
C LYS A 442 -4.06 4.33 33.19
N ILE A 443 -4.60 5.52 33.44
CA ILE A 443 -5.17 6.32 32.34
C ILE A 443 -4.09 6.66 31.33
N LEU A 444 -2.92 7.07 31.81
CA LEU A 444 -1.84 7.40 30.90
C LEU A 444 -1.29 6.15 30.21
N THR A 445 -1.08 5.08 30.97
CA THR A 445 -0.32 3.93 30.47
C THR A 445 -1.15 2.96 29.64
N PHE A 446 -2.46 2.87 29.87
CA PHE A 446 -3.27 1.85 29.20
C PHE A 446 -3.38 2.09 27.70
N ARG A 447 -3.25 1.00 26.95
CA ARG A 447 -3.40 0.98 25.51
C ARG A 447 -4.12 -0.29 25.13
N ILE A 448 -5.18 -0.18 24.34
CA ILE A 448 -5.93 -1.35 23.90
C ILE A 448 -5.05 -2.22 23.02
N PRO A 449 -4.93 -3.52 23.29
CA PRO A 449 -4.10 -4.39 22.44
C PRO A 449 -4.67 -4.52 21.04
N TYR A 450 -3.77 -4.68 20.08
CA TYR A 450 -4.14 -4.80 18.68
C TYR A 450 -4.95 -6.07 18.40
N TYR A 451 -4.72 -7.12 19.19
CA TYR A 451 -5.48 -8.35 19.07
C TYR A 451 -6.84 -8.30 19.75
N VAL A 452 -7.16 -7.21 20.44
CA VAL A 452 -8.48 -7.04 21.02
C VAL A 452 -9.41 -6.32 20.07
N GLY A 453 -8.92 -5.28 19.41
CA GLY A 453 -9.71 -4.54 18.45
C GLY A 453 -10.68 -3.61 19.14
N PRO A 454 -11.73 -3.20 18.42
CA PRO A 454 -12.72 -2.31 19.02
C PRO A 454 -13.47 -2.98 20.16
N LEU A 455 -13.99 -2.16 21.07
CA LEU A 455 -14.64 -2.63 22.29
C LEU A 455 -16.15 -2.67 22.13
N ALA A 456 -16.62 -3.06 20.95
CA ALA A 456 -18.04 -2.97 20.60
C ALA A 456 -18.88 -3.95 21.42
N ARG A 457 -20.19 -3.80 21.26
CA ARG A 457 -21.16 -4.63 21.95
C ARG A 457 -22.09 -5.27 20.93
N GLY A 458 -21.52 -5.84 19.87
CA GLY A 458 -22.34 -6.45 18.84
C GLY A 458 -22.91 -5.49 17.85
N ASN A 459 -22.27 -4.33 17.66
CA ASN A 459 -22.76 -3.34 16.71
C ASN A 459 -21.70 -2.92 15.71
N SER A 460 -20.57 -3.61 15.63
CA SER A 460 -19.53 -3.31 14.68
C SER A 460 -19.22 -4.53 13.83
N ARG A 461 -19.10 -4.32 12.52
CA ARG A 461 -18.65 -5.36 11.62
C ARG A 461 -17.15 -5.62 11.72
N PHE A 462 -16.39 -4.67 12.27
CA PHE A 462 -14.95 -4.81 12.42
C PHE A 462 -14.53 -5.49 13.71
N ALA A 463 -15.41 -5.60 14.69
CA ALA A 463 -15.03 -6.02 16.02
C ALA A 463 -15.15 -7.53 16.18
N TRP A 464 -14.24 -8.10 16.98
CA TRP A 464 -14.24 -9.52 17.27
C TRP A 464 -14.08 -9.82 18.75
N MET A 465 -14.01 -8.81 19.61
CA MET A 465 -13.71 -9.01 21.02
C MET A 465 -14.93 -9.57 21.73
N THR A 466 -14.70 -10.57 22.59
CA THR A 466 -15.73 -11.11 23.46
C THR A 466 -15.41 -10.77 24.91
N ARG A 467 -16.46 -10.57 25.69
CA ARG A 467 -16.34 -10.01 27.04
C ARG A 467 -16.94 -10.97 28.06
N LYS A 468 -16.29 -11.08 29.21
CA LYS A 468 -16.78 -11.95 30.26
C LYS A 468 -18.04 -11.40 30.93
N SER A 469 -18.16 -10.08 31.03
CA SER A 469 -19.31 -9.45 31.66
C SER A 469 -19.74 -8.24 30.84
N GLU A 470 -20.94 -7.76 31.13
CA GLU A 470 -21.59 -6.72 30.35
C GLU A 470 -21.27 -5.32 30.90
N GLU A 471 -20.43 -5.23 31.93
CA GLU A 471 -20.08 -3.96 32.53
C GLU A 471 -19.29 -3.09 31.55
N THR A 472 -19.38 -1.78 31.75
CA THR A 472 -18.65 -0.85 30.90
C THR A 472 -17.15 -0.99 31.10
N ILE A 473 -16.42 -0.98 30.00
CA ILE A 473 -14.98 -1.24 30.04
C ILE A 473 -14.25 0.06 30.37
N THR A 474 -13.48 0.04 31.44
CA THR A 474 -12.60 1.13 31.84
C THR A 474 -11.17 0.59 31.86
N PRO A 475 -10.16 1.47 31.77
CA PRO A 475 -8.77 0.98 31.86
C PRO A 475 -8.42 0.37 33.20
N TRP A 476 -9.19 0.63 34.26
CA TRP A 476 -8.89 0.03 35.55
C TRP A 476 -9.45 -1.37 35.69
N ASN A 477 -10.58 -1.68 35.06
CA ASN A 477 -11.21 -2.98 35.16
C ASN A 477 -11.16 -3.75 33.84
N PHE A 478 -10.15 -3.48 33.00
CA PHE A 478 -10.10 -4.05 31.66
C PHE A 478 -9.86 -5.56 31.69
N GLU A 479 -8.99 -6.04 32.57
CA GLU A 479 -8.66 -7.46 32.57
C GLU A 479 -9.75 -8.30 33.19
N GLU A 480 -10.59 -7.72 34.06
CA GLU A 480 -11.66 -8.46 34.70
C GLU A 480 -12.88 -8.63 33.80
N VAL A 481 -12.92 -7.96 32.65
CA VAL A 481 -14.09 -7.93 31.79
C VAL A 481 -13.78 -8.53 30.42
N VAL A 482 -12.71 -8.07 29.78
CA VAL A 482 -12.38 -8.53 28.44
C VAL A 482 -11.70 -9.89 28.55
N ASP A 483 -12.22 -10.87 27.82
CA ASP A 483 -11.64 -12.20 27.76
C ASP A 483 -10.52 -12.14 26.73
N LYS A 484 -9.29 -11.90 27.22
CA LYS A 484 -8.12 -11.75 26.36
C LYS A 484 -7.90 -12.99 25.50
N GLY A 485 -7.96 -14.17 26.09
CA GLY A 485 -7.78 -15.46 25.43
C GLY A 485 -8.54 -15.64 24.12
N ALA A 486 -9.85 -15.75 24.25
CA ALA A 486 -10.73 -15.95 23.10
C ALA A 486 -10.64 -14.81 22.11
N SER A 487 -10.43 -13.57 22.58
CA SER A 487 -10.28 -12.44 21.67
C SER A 487 -9.01 -12.55 20.84
N ALA A 488 -7.90 -12.95 21.46
CA ALA A 488 -6.64 -13.06 20.72
C ALA A 488 -6.71 -14.21 19.73
N GLN A 489 -7.37 -15.30 20.11
CA GLN A 489 -7.60 -16.39 19.17
C GLN A 489 -8.48 -15.95 18.01
N SER A 490 -9.55 -15.21 18.31
CA SER A 490 -10.47 -14.71 17.30
C SER A 490 -9.85 -13.64 16.42
N PHE A 491 -8.76 -13.00 16.87
CA PHE A 491 -8.02 -12.11 16.00
C PHE A 491 -7.46 -12.84 14.78
N ILE A 492 -6.97 -14.07 14.99
CA ILE A 492 -6.36 -14.80 13.89
C ILE A 492 -7.38 -15.67 13.16
N GLU A 493 -8.24 -16.39 13.90
CA GLU A 493 -9.09 -17.41 13.26
C GLU A 493 -10.16 -16.80 12.36
N ARG A 494 -10.63 -15.58 12.65
CA ARG A 494 -11.54 -14.89 11.73
C ARG A 494 -10.90 -14.60 10.37
N MET A 495 -9.57 -14.59 10.31
CA MET A 495 -8.84 -13.95 9.23
C MET A 495 -8.10 -14.94 8.34
N THR A 496 -7.57 -16.01 8.93
CA THR A 496 -7.02 -17.13 8.17
C THR A 496 -8.10 -17.80 7.34
N ASN A 497 -7.78 -18.05 6.07
CA ASN A 497 -8.74 -18.64 5.15
C ASN A 497 -8.99 -20.11 5.46
N PHE A 498 -10.14 -20.60 4.97
CA PHE A 498 -10.52 -21.99 5.09
C PHE A 498 -9.78 -22.86 4.09
N ASP A 499 -9.73 -24.16 4.38
CA ASP A 499 -9.22 -25.15 3.45
C ASP A 499 -10.12 -25.14 2.21
N LYS A 500 -9.50 -25.04 1.03
CA LYS A 500 -10.29 -24.90 -0.20
C LYS A 500 -10.96 -26.21 -0.60
N ASN A 501 -10.39 -27.35 -0.20
CA ASN A 501 -10.97 -28.65 -0.52
C ASN A 501 -11.99 -29.10 0.51
N LEU A 502 -11.73 -28.80 1.79
CA LEU A 502 -12.68 -29.02 2.88
C LEU A 502 -13.10 -27.65 3.39
N PRO A 503 -14.21 -27.09 2.89
CA PRO A 503 -14.50 -25.67 3.13
C PRO A 503 -14.94 -25.34 4.55
N ASN A 504 -15.13 -26.33 5.42
CA ASN A 504 -15.75 -26.10 6.72
C ASN A 504 -14.77 -26.16 7.89
N GLU A 505 -13.46 -26.13 7.64
CA GLU A 505 -12.49 -26.15 8.73
C GLU A 505 -11.19 -25.47 8.28
N LYS A 506 -10.45 -25.00 9.27
CA LYS A 506 -9.27 -24.16 9.08
C LYS A 506 -8.03 -24.97 8.67
N VAL A 507 -7.10 -24.27 8.01
CA VAL A 507 -5.85 -24.86 7.56
C VAL A 507 -4.88 -25.03 8.72
N LEU A 508 -3.90 -25.92 8.51
CA LEU A 508 -2.78 -26.07 9.43
C LEU A 508 -1.89 -24.82 9.42
N PRO A 509 -1.17 -24.58 10.51
CA PRO A 509 -0.03 -23.65 10.47
C PRO A 509 1.04 -24.09 9.47
N LYS A 510 1.67 -23.11 8.83
CA LYS A 510 2.77 -23.36 7.90
C LYS A 510 3.87 -24.20 8.54
N HIS A 511 4.25 -23.87 9.77
CA HIS A 511 5.34 -24.55 10.46
C HIS A 511 4.92 -25.84 11.14
N SER A 512 3.67 -26.28 10.97
CA SER A 512 3.21 -27.50 11.63
C SER A 512 4.03 -28.70 11.18
N LEU A 513 4.35 -29.59 12.12
CA LEU A 513 5.15 -30.77 11.80
C LEU A 513 4.43 -31.70 10.84
N LEU A 514 3.12 -31.88 11.02
CA LEU A 514 2.37 -32.74 10.12
C LEU A 514 2.33 -32.16 8.72
N TYR A 515 2.24 -30.83 8.61
CA TYR A 515 2.25 -30.17 7.31
C TYR A 515 3.60 -30.33 6.62
N GLU A 516 4.69 -30.15 7.38
CA GLU A 516 6.03 -30.41 6.85
C GLU A 516 6.19 -31.86 6.40
N TYR A 517 5.70 -32.81 7.20
CA TYR A 517 5.73 -34.22 6.80
C TYR A 517 4.99 -34.44 5.48
N PHE A 518 3.77 -33.91 5.37
CA PHE A 518 3.03 -34.00 4.11
C PHE A 518 3.83 -33.41 2.95
N THR A 519 4.44 -32.25 3.18
CA THR A 519 5.19 -31.55 2.14
C THR A 519 6.38 -32.36 1.65
N VAL A 520 7.17 -32.88 2.60
CA VAL A 520 8.33 -33.67 2.22
C VAL A 520 7.93 -34.98 1.56
N TYR A 521 6.91 -35.68 2.08
CA TYR A 521 6.53 -36.93 1.42
C TYR A 521 5.88 -36.70 0.06
N ASN A 522 5.16 -35.58 -0.11
CA ASN A 522 4.60 -35.24 -1.41
C ASN A 522 5.67 -34.94 -2.45
N GLU A 523 6.69 -34.16 -2.09
CA GLU A 523 7.82 -33.98 -3.00
C GLU A 523 8.58 -35.29 -3.24
N LEU A 524 8.88 -36.01 -2.16
CA LEU A 524 9.72 -37.20 -2.22
C LEU A 524 9.11 -38.34 -3.02
N THR A 525 7.78 -38.51 -2.96
CA THR A 525 7.18 -39.73 -3.50
C THR A 525 7.22 -39.79 -5.02
N LYS A 526 7.46 -38.67 -5.71
CA LYS A 526 7.70 -38.69 -7.14
C LYS A 526 9.12 -38.29 -7.52
N VAL A 527 10.06 -38.38 -6.56
CA VAL A 527 11.46 -38.59 -6.94
C VAL A 527 11.56 -39.90 -7.69
N LYS A 528 12.37 -39.92 -8.76
CA LYS A 528 12.72 -41.15 -9.46
C LYS A 528 14.24 -41.27 -9.54
N TYR A 529 14.71 -42.51 -9.45
CA TYR A 529 16.13 -42.81 -9.44
C TYR A 529 16.41 -43.93 -10.44
N VAL A 530 17.60 -43.91 -11.02
CA VAL A 530 18.02 -44.91 -11.99
C VAL A 530 19.51 -45.17 -11.82
N THR A 531 19.93 -46.38 -12.17
CA THR A 531 21.26 -46.89 -11.89
C THR A 531 21.49 -48.11 -12.76
N GLU A 532 22.74 -48.59 -12.77
CA GLU A 532 23.26 -49.35 -13.90
C GLU A 532 22.49 -50.65 -14.13
N GLY A 533 21.99 -51.27 -13.06
CA GLY A 533 21.17 -52.46 -13.15
C GLY A 533 19.77 -52.24 -13.67
N MET A 534 19.29 -51.00 -13.73
CA MET A 534 17.91 -50.74 -14.12
C MET A 534 17.70 -50.90 -15.62
N ARG A 535 16.49 -51.31 -15.98
CA ARG A 535 15.96 -51.07 -17.31
C ARG A 535 15.48 -49.64 -17.46
N LYS A 536 14.82 -49.11 -16.43
CA LYS A 536 14.22 -47.79 -16.48
C LYS A 536 14.16 -47.26 -15.05
N PRO A 537 13.97 -45.93 -14.86
CA PRO A 537 13.91 -45.41 -13.50
C PRO A 537 12.75 -45.96 -12.67
N ALA A 538 12.99 -46.08 -11.37
CA ALA A 538 12.00 -46.51 -10.39
C ALA A 538 11.68 -45.36 -9.45
N PHE A 539 10.50 -45.43 -8.84
CA PHE A 539 10.21 -44.64 -7.67
C PHE A 539 10.86 -45.26 -6.43
N LEU A 540 11.13 -44.40 -5.44
CA LEU A 540 11.58 -44.87 -4.14
C LEU A 540 10.44 -45.59 -3.42
N SER A 541 10.67 -46.86 -3.09
CA SER A 541 9.78 -47.61 -2.21
C SER A 541 9.70 -46.96 -0.83
N GLY A 542 8.71 -47.43 -0.06
CA GLY A 542 8.37 -46.77 1.20
C GLY A 542 9.46 -46.92 2.25
N GLU A 543 10.10 -48.08 2.29
CA GLU A 543 11.20 -48.31 3.23
C GLU A 543 12.39 -47.41 2.91
N GLN A 544 12.71 -47.27 1.62
CA GLN A 544 13.76 -46.33 1.21
C GLN A 544 13.41 -44.91 1.62
N LYS A 545 12.18 -44.48 1.30
CA LYS A 545 11.73 -43.13 1.65
C LYS A 545 11.84 -42.88 3.15
N LYS A 546 11.52 -43.88 3.96
CA LYS A 546 11.59 -43.73 5.41
C LYS A 546 13.04 -43.67 5.88
N ALA A 547 13.90 -44.52 5.30
CA ALA A 547 15.30 -44.53 5.68
C ALA A 547 16.00 -43.22 5.33
N ILE A 548 15.72 -42.66 4.15
CA ILE A 548 16.33 -41.38 3.78
C ILE A 548 15.75 -40.23 4.59
N VAL A 549 14.45 -40.26 4.91
CA VAL A 549 13.89 -39.26 5.82
C VAL A 549 14.59 -39.31 7.18
N ASP A 550 14.87 -40.52 7.67
CA ASP A 550 15.47 -40.66 8.99
C ASP A 550 16.93 -40.20 8.94
N LEU A 551 17.68 -40.61 7.92
CA LEU A 551 19.12 -40.40 7.90
C LEU A 551 19.54 -39.05 7.34
N LEU A 552 18.69 -38.38 6.56
CA LEU A 552 19.06 -37.13 5.92
C LEU A 552 18.28 -35.94 6.46
N PHE A 553 16.95 -35.96 6.33
CA PHE A 553 16.15 -34.77 6.63
C PHE A 553 16.22 -34.41 8.11
N LYS A 554 16.16 -35.42 8.98
CA LYS A 554 16.31 -35.23 10.42
C LYS A 554 17.71 -34.84 10.85
N THR A 555 18.69 -34.73 9.94
CA THR A 555 20.07 -34.43 10.30
C THR A 555 20.62 -33.17 9.66
N ASN A 556 19.88 -32.54 8.73
CA ASN A 556 20.27 -31.28 8.12
C ASN A 556 19.01 -30.46 7.95
N ARG A 557 19.12 -29.14 8.15
CA ARG A 557 17.94 -28.29 8.05
C ARG A 557 17.45 -28.12 6.61
N LYS A 558 18.30 -28.40 5.61
CA LYS A 558 17.89 -28.53 4.22
C LYS A 558 18.72 -29.67 3.65
N VAL A 559 18.31 -30.23 2.51
CA VAL A 559 19.09 -31.29 1.89
C VAL A 559 19.31 -31.07 0.41
N THR A 560 20.53 -31.37 -0.04
CA THR A 560 20.97 -31.27 -1.43
C THR A 560 21.03 -32.67 -2.01
N VAL A 561 20.58 -32.82 -3.25
CA VAL A 561 20.66 -34.11 -3.97
C VAL A 561 22.09 -34.64 -4.05
N LYS A 562 23.09 -33.75 -4.03
CA LYS A 562 24.49 -34.16 -3.97
C LYS A 562 24.79 -35.01 -2.74
N GLN A 563 24.40 -34.53 -1.56
CA GLN A 563 24.62 -35.34 -0.36
C GLN A 563 23.67 -36.55 -0.33
N LEU A 564 22.50 -36.45 -0.97
CA LEU A 564 21.64 -37.62 -1.15
C LEU A 564 22.38 -38.76 -1.84
N LYS A 565 23.13 -38.44 -2.90
CA LYS A 565 24.07 -39.39 -3.48
C LYS A 565 25.18 -39.77 -2.51
N GLU A 566 26.04 -38.82 -2.16
CA GLU A 566 27.32 -39.13 -1.53
C GLU A 566 27.18 -39.59 -0.09
N ASP A 567 25.99 -39.55 0.48
CA ASP A 567 25.76 -39.96 1.86
C ASP A 567 24.94 -41.24 1.98
N TYR A 568 23.90 -41.39 1.17
CA TYR A 568 23.03 -42.56 1.26
C TYR A 568 23.46 -43.63 0.26
N PHE A 569 23.39 -43.31 -1.03
CA PHE A 569 23.54 -44.31 -2.08
C PHE A 569 24.95 -44.89 -2.15
N LYS A 570 25.95 -44.18 -1.66
CA LYS A 570 27.30 -44.75 -1.58
C LYS A 570 27.49 -45.63 -0.36
N LYS A 571 26.88 -45.28 0.77
CA LYS A 571 27.08 -46.04 1.99
C LYS A 571 26.05 -47.15 2.19
N ILE A 572 24.77 -46.81 2.08
CA ILE A 572 23.66 -47.74 2.29
C ILE A 572 23.12 -48.17 0.93
N GLU A 573 22.87 -49.48 0.79
CA GLU A 573 22.56 -50.18 -0.48
C GLU A 573 23.48 -49.68 -1.58
N CYS A 574 24.77 -49.97 -1.43
CA CYS A 574 25.86 -49.26 -2.09
C CYS A 574 25.77 -49.32 -3.62
N PHE A 575 25.96 -48.16 -4.25
CA PHE A 575 26.02 -48.02 -5.69
C PHE A 575 27.32 -47.32 -6.05
N ASP A 576 27.81 -47.57 -7.26
CA ASP A 576 28.85 -46.71 -7.81
C ASP A 576 28.29 -45.35 -8.24
N SER A 577 27.08 -45.32 -8.77
CA SER A 577 26.44 -44.06 -9.10
C SER A 577 24.93 -44.29 -9.19
N VAL A 578 24.18 -43.21 -8.97
CA VAL A 578 22.74 -43.16 -9.19
C VAL A 578 22.42 -41.82 -9.83
N GLU A 579 21.47 -41.81 -10.75
CA GLU A 579 21.02 -40.59 -11.40
C GLU A 579 19.55 -40.39 -11.05
N ILE A 580 19.15 -39.15 -10.84
CA ILE A 580 17.95 -38.83 -10.10
C ILE A 580 17.16 -37.82 -10.92
N SER A 581 15.83 -37.91 -10.84
CA SER A 581 14.95 -36.88 -11.35
C SER A 581 13.83 -36.66 -10.35
N GLY A 582 13.15 -35.53 -10.53
CA GLY A 582 12.23 -34.98 -9.56
C GLY A 582 12.83 -33.88 -8.71
N VAL A 583 14.16 -33.74 -8.69
CA VAL A 583 14.84 -32.68 -7.94
C VAL A 583 16.09 -32.28 -8.72
N GLU A 584 16.34 -30.98 -8.75
CA GLU A 584 17.64 -30.37 -9.00
C GLU A 584 18.12 -29.77 -7.69
N ASP A 585 19.35 -30.11 -7.30
CA ASP A 585 20.13 -29.57 -6.16
C ASP A 585 19.33 -29.66 -4.87
N ARG A 586 18.86 -28.51 -4.40
CA ARG A 586 18.02 -28.44 -3.22
C ARG A 586 16.64 -29.05 -3.44
N PHE A 587 16.20 -29.86 -2.47
CA PHE A 587 14.79 -30.14 -2.26
C PHE A 587 14.00 -28.89 -1.90
N ASN A 588 12.77 -28.79 -2.39
CA ASN A 588 11.97 -27.62 -2.08
C ASN A 588 11.37 -27.70 -0.68
N ALA A 589 11.11 -28.91 -0.17
CA ALA A 589 10.66 -29.12 1.20
C ALA A 589 11.83 -29.24 2.19
N SER A 590 11.51 -29.02 3.47
CA SER A 590 12.33 -29.50 4.57
C SER A 590 11.53 -29.54 5.87
N LEU A 591 12.05 -30.32 6.82
CA LEU A 591 11.56 -30.44 8.19
C LEU A 591 12.17 -29.39 9.12
N GLY A 592 12.04 -28.10 8.78
CA GLY A 592 12.68 -27.04 9.55
C GLY A 592 12.23 -26.99 11.00
N THR A 593 10.91 -27.06 11.23
CA THR A 593 10.37 -27.07 12.59
C THR A 593 10.88 -28.26 13.39
N TYR A 594 11.09 -29.41 12.73
CA TYR A 594 11.63 -30.58 13.44
C TYR A 594 13.03 -30.30 13.97
N HIS A 595 13.86 -29.61 13.18
CA HIS A 595 15.17 -29.19 13.66
C HIS A 595 15.07 -28.16 14.79
N ASP A 596 14.15 -27.20 14.68
CA ASP A 596 13.91 -26.26 15.77
C ASP A 596 13.56 -26.97 17.07
N LEU A 597 12.61 -27.90 17.01
CA LEU A 597 12.19 -28.62 18.20
C LEU A 597 13.28 -29.55 18.71
N LEU A 598 14.09 -30.13 17.82
CA LEU A 598 15.21 -30.94 18.27
C LEU A 598 16.23 -30.08 19.01
N LYS A 599 16.47 -28.86 18.51
CA LYS A 599 17.39 -27.94 19.16
C LYS A 599 16.85 -27.49 20.51
N ILE A 600 15.53 -27.39 20.65
CA ILE A 600 14.96 -26.93 21.91
C ILE A 600 14.79 -28.05 22.92
N ILE A 601 13.96 -29.06 22.61
CA ILE A 601 13.61 -30.09 23.58
C ILE A 601 14.81 -31.01 23.87
N LYS A 602 15.73 -31.16 22.91
CA LYS A 602 16.85 -32.10 23.01
C LYS A 602 16.40 -33.52 23.33
N ASP A 603 15.34 -33.97 22.65
CA ASP A 603 14.86 -35.34 22.78
C ASP A 603 14.38 -35.75 21.39
N LYS A 604 15.26 -36.45 20.66
CA LYS A 604 14.90 -36.94 19.33
C LYS A 604 13.84 -38.02 19.40
N ASP A 605 13.89 -38.86 20.44
CA ASP A 605 12.92 -39.93 20.60
C ASP A 605 11.51 -39.39 20.84
N PHE A 606 11.41 -38.24 21.52
CA PHE A 606 10.10 -37.63 21.73
C PHE A 606 9.48 -37.18 20.42
N LEU A 607 10.28 -36.57 19.54
CA LEU A 607 9.74 -36.11 18.26
C LEU A 607 9.50 -37.26 17.31
N ASP A 608 10.31 -38.31 17.37
CA ASP A 608 10.09 -39.49 16.54
C ASP A 608 8.96 -40.35 17.04
N ASN A 609 8.48 -40.12 18.26
CA ASN A 609 7.40 -40.92 18.83
C ASN A 609 6.10 -40.59 18.11
N GLU A 610 5.25 -41.62 17.93
CA GLU A 610 4.02 -41.45 17.18
C GLU A 610 2.87 -40.94 18.04
N GLU A 611 2.69 -41.50 19.24
CA GLU A 611 1.52 -41.17 20.05
C GLU A 611 1.51 -39.73 20.55
N ASN A 612 2.66 -39.04 20.59
CA ASN A 612 2.70 -37.67 21.08
C ASN A 612 2.76 -36.64 19.94
N GLU A 613 2.20 -36.97 18.77
CA GLU A 613 2.18 -35.99 17.68
C GLU A 613 1.12 -34.92 17.90
N ASP A 614 0.00 -35.29 18.53
CA ASP A 614 -1.11 -34.35 18.70
C ASP A 614 -0.74 -33.22 19.64
N ILE A 615 -0.02 -33.53 20.71
CA ILE A 615 0.38 -32.46 21.63
C ILE A 615 1.42 -31.55 20.97
N LEU A 616 2.27 -32.11 20.08
CA LEU A 616 3.21 -31.29 19.33
C LEU A 616 2.49 -30.36 18.36
N GLU A 617 1.43 -30.84 17.72
CA GLU A 617 0.62 -29.97 16.87
C GLU A 617 -0.11 -28.91 17.68
N ASP A 618 -0.60 -29.25 18.86
CA ASP A 618 -1.18 -28.24 19.75
C ASP A 618 -0.17 -27.19 20.15
N ILE A 619 1.07 -27.60 20.44
CA ILE A 619 2.15 -26.66 20.76
C ILE A 619 2.42 -25.72 19.59
N VAL A 620 2.64 -26.27 18.40
CA VAL A 620 2.97 -25.43 17.24
C VAL A 620 1.80 -24.52 16.86
N LEU A 621 0.56 -25.01 16.98
CA LEU A 621 -0.61 -24.15 16.82
C LEU A 621 -0.62 -23.00 17.81
N THR A 622 -0.36 -23.30 19.09
CA THR A 622 -0.28 -22.27 20.11
C THR A 622 0.79 -21.22 19.79
N LEU A 623 2.00 -21.69 19.51
CA LEU A 623 3.15 -20.84 19.17
C LEU A 623 2.97 -20.09 17.86
N THR A 624 1.99 -20.47 17.04
CA THR A 624 1.64 -19.70 15.85
C THR A 624 0.58 -18.65 16.16
N LEU A 625 -0.50 -19.05 16.83
CA LEU A 625 -1.64 -18.17 17.07
C LEU A 625 -1.28 -16.99 17.97
N PHE A 626 -0.59 -17.25 19.07
CA PHE A 626 -0.42 -16.27 20.13
C PHE A 626 0.95 -15.61 20.07
N GLU A 627 0.97 -14.29 20.20
CA GLU A 627 2.19 -13.49 20.32
C GLU A 627 2.48 -13.08 21.76
N ASP A 628 1.45 -12.81 22.55
CA ASP A 628 1.61 -12.21 23.88
C ASP A 628 2.14 -13.27 24.85
N ARG A 629 3.30 -12.97 25.46
CA ARG A 629 4.08 -13.97 26.18
C ARG A 629 3.31 -14.60 27.34
N GLU A 630 2.50 -13.80 28.06
CA GLU A 630 1.68 -14.35 29.13
C GLU A 630 0.61 -15.29 28.59
N MET A 631 0.16 -15.05 27.36
CA MET A 631 -0.86 -15.89 26.75
C MET A 631 -0.26 -17.19 26.26
N ILE A 632 0.92 -17.11 25.65
CA ILE A 632 1.69 -18.29 25.27
C ILE A 632 1.93 -19.16 26.49
N GLU A 633 2.41 -18.53 27.57
CA GLU A 633 2.62 -19.20 28.86
C GLU A 633 1.36 -19.93 29.33
N GLU A 634 0.24 -19.19 29.43
CA GLU A 634 -1.00 -19.76 29.95
C GLU A 634 -1.50 -20.94 29.12
N ARG A 635 -1.47 -20.79 27.78
CA ARG A 635 -1.90 -21.88 26.90
C ARG A 635 -0.97 -23.08 26.98
N LEU A 636 0.33 -22.85 27.09
CA LEU A 636 1.34 -23.90 27.04
C LEU A 636 1.49 -24.63 28.38
N LYS A 637 1.10 -23.98 29.49
CA LYS A 637 1.29 -24.48 30.86
C LYS A 637 0.82 -25.92 31.07
N THR A 638 -0.23 -26.35 30.34
CA THR A 638 -0.79 -27.70 30.50
C THR A 638 0.25 -28.80 30.29
N TYR A 639 1.21 -28.57 29.41
CA TYR A 639 2.22 -29.58 29.06
C TYR A 639 3.44 -29.57 29.98
N ALA A 640 3.42 -28.79 31.07
CA ALA A 640 4.59 -28.64 31.93
C ALA A 640 4.93 -29.90 32.71
N HIS A 641 4.08 -30.92 32.70
CA HIS A 641 4.44 -32.16 33.38
C HIS A 641 5.15 -33.15 32.46
N LEU A 642 5.45 -32.78 31.23
CA LEU A 642 6.42 -33.50 30.42
C LEU A 642 7.73 -32.75 30.24
N PHE A 643 7.69 -31.42 30.22
CA PHE A 643 8.87 -30.60 30.00
C PHE A 643 9.40 -30.04 31.32
N ASP A 644 10.72 -30.04 31.47
CA ASP A 644 11.33 -29.29 32.56
C ASP A 644 11.06 -27.79 32.41
N ASP A 645 11.01 -27.11 33.56
CA ASP A 645 10.72 -25.67 33.60
C ASP A 645 11.70 -24.84 32.78
N LYS A 646 12.97 -25.23 32.78
CA LYS A 646 13.98 -24.60 31.93
C LYS A 646 13.61 -24.67 30.46
N VAL A 647 13.38 -25.89 29.95
CA VAL A 647 13.11 -26.04 28.52
C VAL A 647 11.76 -25.43 28.15
N MET A 648 10.77 -25.49 29.04
CA MET A 648 9.52 -24.76 28.85
C MET A 648 9.71 -23.25 28.70
N LYS A 649 10.44 -22.64 29.64
CA LYS A 649 10.73 -21.21 29.61
C LYS A 649 11.58 -20.85 28.38
N GLN A 650 12.32 -21.82 27.84
CA GLN A 650 12.96 -21.63 26.55
C GLN A 650 11.93 -21.67 25.43
N LEU A 651 11.16 -22.76 25.35
CA LEU A 651 10.30 -23.07 24.20
C LEU A 651 9.26 -22.00 23.96
N LYS A 652 8.74 -21.36 25.03
CA LYS A 652 7.81 -20.24 24.89
C LYS A 652 8.35 -19.05 24.09
N ARG A 653 9.64 -19.03 23.74
CA ARG A 653 10.21 -18.04 22.83
C ARG A 653 9.90 -18.32 21.36
N ARG A 654 9.69 -19.59 20.99
CA ARG A 654 9.71 -20.07 19.60
C ARG A 654 8.47 -19.68 18.80
N ARG A 655 8.31 -18.37 18.60
CA ARG A 655 7.17 -17.84 17.84
C ARG A 655 7.21 -18.34 16.39
N TYR A 656 6.02 -18.54 15.82
CA TYR A 656 5.84 -18.84 14.40
C TYR A 656 4.67 -18.03 13.85
N THR A 657 4.58 -17.99 12.51
CA THR A 657 3.53 -17.29 11.80
C THR A 657 3.42 -17.84 10.40
N GLY A 658 2.26 -17.59 9.77
CA GLY A 658 1.96 -18.11 8.46
C GLY A 658 1.29 -19.48 8.50
N TRP A 659 0.58 -19.80 7.41
CA TRP A 659 -0.41 -20.86 7.42
C TRP A 659 -0.35 -21.65 6.11
N GLY A 660 -0.55 -22.96 6.22
CA GLY A 660 -0.65 -23.85 5.08
C GLY A 660 -1.96 -23.69 4.31
N ARG A 661 -2.16 -24.63 3.38
CA ARG A 661 -3.31 -24.60 2.49
C ARG A 661 -4.35 -25.67 2.80
N LEU A 662 -4.07 -26.58 3.73
CA LEU A 662 -4.83 -27.81 3.92
C LEU A 662 -5.20 -28.00 5.38
N SER A 663 -6.37 -28.59 5.61
CA SER A 663 -6.78 -29.01 6.94
C SER A 663 -6.07 -30.28 7.39
N ARG A 664 -6.08 -30.49 8.71
CA ARG A 664 -5.64 -31.75 9.30
C ARG A 664 -6.41 -32.95 8.74
N LYS A 665 -7.71 -32.80 8.54
CA LYS A 665 -8.54 -33.94 8.13
C LYS A 665 -8.19 -34.39 6.71
N LEU A 666 -7.76 -33.47 5.86
CA LEU A 666 -7.38 -33.84 4.50
C LEU A 666 -6.13 -34.71 4.51
N ILE A 667 -5.08 -34.27 5.22
CA ILE A 667 -3.79 -34.93 5.11
C ILE A 667 -3.61 -36.11 6.06
N ASN A 668 -4.34 -36.14 7.20
CA ASN A 668 -4.22 -37.26 8.10
C ASN A 668 -5.53 -37.66 8.76
N GLY A 669 -6.65 -37.04 8.43
CA GLY A 669 -7.89 -37.36 9.10
C GLY A 669 -8.78 -38.36 8.39
N ILE A 670 -9.08 -38.10 7.11
CA ILE A 670 -9.92 -39.02 6.35
C ILE A 670 -9.10 -40.25 5.97
N ARG A 671 -9.76 -41.40 5.96
CA ARG A 671 -9.16 -42.66 5.57
C ARG A 671 -9.96 -43.30 4.46
N ASP A 672 -9.27 -43.97 3.55
CA ASP A 672 -9.96 -44.75 2.53
C ASP A 672 -10.68 -45.92 3.18
N LYS A 673 -11.89 -46.22 2.71
CA LYS A 673 -12.75 -47.17 3.40
C LYS A 673 -12.19 -48.59 3.36
N GLN A 674 -11.57 -48.98 2.25
CA GLN A 674 -11.06 -50.33 2.14
C GLN A 674 -9.61 -50.45 2.61
N SER A 675 -8.76 -49.48 2.29
CA SER A 675 -7.37 -49.55 2.70
C SER A 675 -7.20 -49.19 4.17
N GLY A 676 -7.97 -48.21 4.67
CA GLY A 676 -7.76 -47.70 6.00
C GLY A 676 -6.67 -46.68 6.13
N LYS A 677 -5.99 -46.34 5.05
CA LYS A 677 -4.84 -45.43 5.08
C LYS A 677 -5.30 -43.99 4.90
N THR A 678 -4.55 -43.08 5.51
CA THR A 678 -4.72 -41.66 5.26
C THR A 678 -3.89 -41.27 4.04
N ILE A 679 -4.00 -40.00 3.64
CA ILE A 679 -3.22 -39.51 2.50
C ILE A 679 -1.73 -39.55 2.81
N LEU A 680 -1.34 -39.13 4.01
CA LEU A 680 0.05 -39.24 4.43
C LEU A 680 0.51 -40.69 4.48
N ASP A 681 -0.39 -41.61 4.86
CA ASP A 681 -0.05 -43.02 4.87
C ASP A 681 0.24 -43.54 3.47
N PHE A 682 -0.54 -43.09 2.48
CA PHE A 682 -0.27 -43.47 1.09
C PHE A 682 1.02 -42.84 0.58
N LEU A 683 1.27 -41.59 0.96
CA LEU A 683 2.51 -40.93 0.55
C LEU A 683 3.73 -41.61 1.15
N LYS A 684 3.61 -42.16 2.36
CA LYS A 684 4.71 -42.89 2.96
C LYS A 684 4.99 -44.19 2.20
N SER A 685 3.93 -44.89 1.78
CA SER A 685 4.09 -46.13 1.03
C SER A 685 2.81 -46.38 0.25
N ASP A 686 2.93 -46.55 -1.07
CA ASP A 686 1.81 -46.85 -1.94
C ASP A 686 2.20 -47.98 -2.90
N GLY A 687 3.01 -48.92 -2.43
CA GLY A 687 3.47 -49.99 -3.30
C GLY A 687 4.40 -49.46 -4.36
N PHE A 688 4.09 -49.73 -5.62
CA PHE A 688 4.86 -49.24 -6.75
C PHE A 688 4.23 -48.05 -7.45
N ALA A 689 3.00 -47.68 -7.07
CA ALA A 689 2.35 -46.55 -7.73
C ALA A 689 2.84 -45.22 -7.19
N ASN A 690 3.14 -45.15 -5.89
CA ASN A 690 3.74 -43.99 -5.22
C ASN A 690 2.96 -42.68 -5.46
N ARG A 691 1.65 -42.80 -5.66
CA ARG A 691 0.79 -41.70 -6.07
C ARG A 691 0.95 -40.46 -5.20
N ASN A 692 1.18 -39.32 -5.84
CA ASN A 692 1.26 -38.07 -5.12
C ASN A 692 -0.14 -37.52 -4.78
N PHE A 693 -0.14 -36.35 -4.13
CA PHE A 693 -1.37 -35.71 -3.63
C PHE A 693 -2.43 -35.52 -4.71
N MET A 694 -2.05 -34.89 -5.84
CA MET A 694 -2.99 -34.63 -6.92
C MET A 694 -3.61 -35.92 -7.44
N GLN A 695 -2.78 -36.95 -7.61
CA GLN A 695 -3.26 -38.25 -8.03
C GLN A 695 -4.22 -38.83 -7.01
N LEU A 696 -3.92 -38.63 -5.72
CA LEU A 696 -4.70 -39.23 -4.65
C LEU A 696 -6.09 -38.60 -4.58
N ILE A 697 -6.17 -37.28 -4.76
CA ILE A 697 -7.50 -36.66 -4.76
C ILE A 697 -8.23 -36.77 -6.09
N HIS A 698 -7.55 -37.15 -7.17
CA HIS A 698 -8.25 -37.37 -8.43
C HIS A 698 -8.27 -38.81 -8.94
N ASP A 699 -7.66 -39.76 -8.24
CA ASP A 699 -7.84 -41.16 -8.62
C ASP A 699 -9.21 -41.62 -8.12
N ASP A 700 -10.02 -42.16 -9.03
CA ASP A 700 -11.35 -42.62 -8.68
C ASP A 700 -11.36 -43.94 -7.94
N SER A 701 -10.23 -44.65 -7.91
CA SER A 701 -10.18 -45.90 -7.16
C SER A 701 -10.25 -45.65 -5.65
N LEU A 702 -9.51 -44.67 -5.16
CA LEU A 702 -9.58 -44.31 -3.75
C LEU A 702 -10.83 -43.50 -3.48
N THR A 703 -11.27 -43.53 -2.23
CA THR A 703 -12.54 -42.93 -1.84
C THR A 703 -12.40 -41.50 -1.32
N PHE A 704 -11.29 -40.83 -1.63
CA PHE A 704 -11.17 -39.43 -1.26
C PHE A 704 -11.97 -38.50 -2.17
N LYS A 705 -12.16 -38.90 -3.43
CA LYS A 705 -12.71 -38.00 -4.44
C LYS A 705 -14.16 -37.63 -4.14
N GLU A 706 -15.02 -38.64 -3.93
CA GLU A 706 -16.41 -38.32 -3.65
C GLU A 706 -16.59 -37.78 -2.23
N ASP A 707 -15.67 -38.06 -1.30
CA ASP A 707 -15.72 -37.38 -0.01
C ASP A 707 -15.47 -35.89 -0.16
N ILE A 708 -14.50 -35.52 -0.99
CA ILE A 708 -14.27 -34.10 -1.29
C ILE A 708 -15.49 -33.52 -2.01
N GLN A 709 -16.11 -34.31 -2.88
CA GLN A 709 -17.31 -33.84 -3.59
C GLN A 709 -18.45 -33.55 -2.63
N LYS A 710 -18.70 -34.46 -1.67
CA LYS A 710 -19.70 -34.22 -0.64
C LYS A 710 -19.31 -33.10 0.32
N ALA A 711 -18.01 -32.80 0.44
CA ALA A 711 -17.59 -31.67 1.26
C ALA A 711 -17.99 -30.34 0.66
N GLN A 712 -18.25 -30.28 -0.64
CA GLN A 712 -18.65 -29.04 -1.30
C GLN A 712 -20.07 -28.66 -0.90
N ASP A 718 -29.24 -18.67 -6.67
CA ASP A 718 -28.19 -17.81 -6.14
C ASP A 718 -28.14 -16.50 -6.92
N SER A 719 -27.71 -15.42 -6.26
CA SER A 719 -27.63 -14.11 -6.87
C SER A 719 -26.18 -13.78 -7.22
N LEU A 720 -26.02 -12.92 -8.23
CA LEU A 720 -24.70 -12.46 -8.63
C LEU A 720 -24.06 -11.59 -7.54
N HIS A 721 -24.88 -10.77 -6.88
CA HIS A 721 -24.37 -9.88 -5.85
C HIS A 721 -23.88 -10.65 -4.63
N GLU A 722 -24.54 -11.77 -4.30
CA GLU A 722 -24.00 -12.67 -3.29
C GLU A 722 -22.70 -13.30 -3.77
N HIS A 723 -22.64 -13.64 -5.06
CA HIS A 723 -21.47 -14.35 -5.59
C HIS A 723 -20.25 -13.43 -5.65
N ILE A 724 -20.45 -12.13 -5.72
CA ILE A 724 -19.31 -11.22 -5.64
C ILE A 724 -19.07 -10.79 -4.19
N ALA A 725 -20.11 -10.80 -3.34
CA ALA A 725 -19.95 -10.36 -1.96
C ALA A 725 -19.19 -11.37 -1.09
N ASN A 726 -19.30 -12.67 -1.39
CA ASN A 726 -18.67 -13.67 -0.52
C ASN A 726 -17.15 -13.63 -0.67
N LEU A 727 -16.66 -13.45 -1.89
CA LEU A 727 -15.23 -13.51 -2.13
C LEU A 727 -14.53 -12.28 -1.58
N ALA A 728 -13.34 -12.51 -1.04
CA ALA A 728 -12.55 -11.55 -0.30
C ALA A 728 -11.66 -10.71 -1.22
N GLY A 729 -10.79 -9.92 -0.62
CA GLY A 729 -9.89 -9.02 -1.31
C GLY A 729 -10.39 -7.59 -1.40
N SER A 730 -9.71 -6.82 -2.24
CA SER A 730 -10.08 -5.44 -2.53
C SER A 730 -11.50 -5.24 -3.08
N PRO A 731 -12.32 -4.42 -2.41
CA PRO A 731 -13.62 -4.01 -2.96
C PRO A 731 -13.55 -3.33 -4.33
N ALA A 732 -12.39 -2.72 -4.63
CA ALA A 732 -12.09 -2.12 -5.94
C ALA A 732 -12.47 -3.02 -7.12
N ILE A 733 -12.09 -4.30 -7.08
CA ILE A 733 -12.26 -5.15 -8.25
C ILE A 733 -13.74 -5.42 -8.52
N LYS A 734 -14.58 -5.43 -7.46
CA LYS A 734 -15.99 -5.80 -7.59
C LYS A 734 -16.74 -4.89 -8.56
N LYS A 735 -16.34 -3.62 -8.65
CA LYS A 735 -16.88 -2.69 -9.64
C LYS A 735 -16.70 -3.22 -11.05
N GLY A 736 -15.44 -3.47 -11.43
CA GLY A 736 -15.11 -4.05 -12.72
C GLY A 736 -15.86 -5.33 -13.00
N ILE A 737 -15.92 -6.22 -12.00
CA ILE A 737 -16.57 -7.53 -12.17
C ILE A 737 -18.03 -7.32 -12.55
N LEU A 738 -18.74 -6.49 -11.76
CA LEU A 738 -20.15 -6.25 -12.02
C LEU A 738 -20.34 -5.61 -13.39
N GLN A 739 -19.50 -4.62 -13.72
CA GLN A 739 -19.62 -3.92 -15.01
C GLN A 739 -19.52 -4.88 -16.18
N THR A 740 -18.43 -5.66 -16.26
CA THR A 740 -18.26 -6.46 -17.48
C THR A 740 -19.23 -7.63 -17.52
N VAL A 741 -19.62 -8.19 -16.37
CA VAL A 741 -20.58 -9.28 -16.40
C VAL A 741 -21.95 -8.75 -16.82
N LYS A 742 -22.30 -7.53 -16.39
CA LYS A 742 -23.54 -6.91 -16.84
C LYS A 742 -23.50 -6.62 -18.33
N VAL A 743 -22.34 -6.21 -18.84
CA VAL A 743 -22.16 -6.00 -20.28
C VAL A 743 -22.43 -7.30 -21.04
N VAL A 744 -21.82 -8.39 -20.59
CA VAL A 744 -22.00 -9.69 -21.26
C VAL A 744 -23.47 -10.12 -21.22
N ASP A 745 -24.12 -9.94 -20.06
CA ASP A 745 -25.51 -10.33 -19.91
C ASP A 745 -26.42 -9.53 -20.83
N GLU A 746 -26.19 -8.22 -20.95
CA GLU A 746 -27.04 -7.43 -21.82
C GLU A 746 -26.75 -7.68 -23.28
N LEU A 747 -25.50 -8.01 -23.63
CA LEU A 747 -25.21 -8.39 -25.02
C LEU A 747 -25.91 -9.70 -25.39
N VAL A 748 -25.97 -10.65 -24.46
CA VAL A 748 -26.76 -11.86 -24.70
C VAL A 748 -28.24 -11.52 -24.82
N LYS A 749 -28.72 -10.58 -23.99
CA LYS A 749 -30.12 -10.18 -24.03
C LYS A 749 -30.50 -9.48 -25.34
N VAL A 750 -29.56 -8.77 -25.97
CA VAL A 750 -29.89 -7.95 -27.13
C VAL A 750 -30.31 -8.80 -28.32
N MET A 751 -29.56 -9.87 -28.61
CA MET A 751 -29.80 -10.68 -29.80
C MET A 751 -30.77 -11.83 -29.57
N GLY A 752 -31.73 -11.65 -28.66
CA GLY A 752 -32.73 -12.66 -28.37
C GLY A 752 -32.30 -13.89 -27.59
N ARG A 753 -31.49 -13.71 -26.54
CA ARG A 753 -31.21 -14.74 -25.54
C ARG A 753 -30.50 -15.96 -26.10
N HIS A 754 -29.81 -15.83 -27.24
CA HIS A 754 -29.07 -16.94 -27.81
C HIS A 754 -27.65 -16.90 -27.26
N LYS A 755 -27.17 -18.05 -26.82
CA LYS A 755 -25.86 -18.19 -26.20
C LYS A 755 -24.73 -18.12 -27.22
N PRO A 756 -23.56 -17.60 -26.85
CA PRO A 756 -22.44 -17.52 -27.79
C PRO A 756 -21.87 -18.89 -28.10
N GLU A 757 -21.05 -18.95 -29.16
CA GLU A 757 -20.28 -20.16 -29.38
C GLU A 757 -19.01 -20.16 -28.54
N ASN A 758 -18.47 -18.97 -28.25
CA ASN A 758 -17.35 -18.83 -27.33
C ASN A 758 -17.27 -17.38 -26.87
N ILE A 759 -16.59 -17.18 -25.74
CA ILE A 759 -16.26 -15.86 -25.19
C ILE A 759 -14.75 -15.78 -25.09
N VAL A 760 -14.16 -14.72 -25.64
CA VAL A 760 -12.72 -14.54 -25.63
C VAL A 760 -12.34 -13.39 -24.71
N ILE A 761 -11.51 -13.69 -23.71
CA ILE A 761 -11.02 -12.72 -22.74
C ILE A 761 -9.54 -12.49 -23.00
N GLU A 762 -9.14 -11.23 -23.14
CA GLU A 762 -7.73 -10.89 -23.15
C GLU A 762 -7.16 -10.97 -21.73
N MET A 763 -6.60 -12.11 -21.37
CA MET A 763 -5.88 -12.22 -20.11
C MET A 763 -4.55 -11.48 -20.18
N ALA A 764 -4.23 -10.74 -19.11
CA ALA A 764 -2.93 -10.10 -18.95
C ALA A 764 -1.84 -11.08 -18.49
N ARG A 765 -1.81 -12.26 -19.09
CA ARG A 765 -0.89 -13.33 -18.76
C ARG A 765 0.04 -13.53 -19.94
N GLU A 766 1.22 -14.07 -19.68
CA GLU A 766 2.30 -13.99 -20.65
C GLU A 766 2.95 -15.38 -20.75
N ASN A 767 4.02 -15.49 -21.54
CA ASN A 767 5.02 -16.52 -21.35
C ASN A 767 6.38 -15.95 -21.75
N GLN A 768 7.43 -16.41 -21.07
CA GLN A 768 8.78 -15.92 -21.34
C GLN A 768 9.82 -17.02 -21.20
N THR A 769 11.00 -16.74 -21.75
CA THR A 769 12.16 -17.61 -21.70
C THR A 769 12.50 -18.02 -20.28
N THR A 770 12.78 -19.32 -20.09
CA THR A 770 13.18 -19.88 -18.81
C THR A 770 14.33 -19.12 -18.14
N GLN A 771 15.39 -18.82 -18.91
CA GLN A 771 16.52 -18.06 -18.40
C GLN A 771 16.08 -16.71 -17.83
N LYS A 772 15.22 -15.99 -18.55
CA LYS A 772 14.73 -14.70 -18.07
C LYS A 772 13.88 -14.87 -16.81
N GLY A 773 13.05 -15.91 -16.77
CA GLY A 773 12.21 -16.18 -15.61
C GLY A 773 13.02 -16.41 -14.35
N GLN A 774 14.01 -17.32 -14.42
CA GLN A 774 14.90 -17.56 -13.29
C GLN A 774 15.75 -16.33 -12.97
N LYS A 775 16.13 -15.56 -13.99
CA LYS A 775 16.93 -14.36 -13.79
C LYS A 775 16.14 -13.29 -13.02
N ASN A 776 14.82 -13.22 -13.23
CA ASN A 776 13.98 -12.36 -12.42
C ASN A 776 13.82 -12.88 -10.99
N SER A 777 13.37 -14.13 -10.84
CA SER A 777 12.94 -14.67 -9.56
C SER A 777 14.09 -15.03 -8.60
N ARG A 778 15.31 -14.55 -8.85
CA ARG A 778 16.48 -14.86 -8.02
C ARG A 778 16.25 -14.54 -6.55
N GLU A 779 16.97 -15.25 -5.68
CA GLU A 779 17.03 -14.88 -4.27
C GLU A 779 17.64 -13.50 -4.08
N ARG A 780 16.99 -12.66 -3.26
CA ARG A 780 17.54 -11.35 -2.93
C ARG A 780 18.85 -11.44 -2.15
N MET A 781 19.12 -12.59 -1.51
CA MET A 781 20.40 -12.82 -0.85
C MET A 781 21.56 -12.72 -1.83
N LYS A 782 21.44 -13.37 -2.99
CA LYS A 782 22.47 -13.28 -4.03
C LYS A 782 22.68 -11.84 -4.47
N ARG A 783 21.59 -11.06 -4.57
CA ARG A 783 21.68 -9.65 -4.92
C ARG A 783 22.48 -8.87 -3.89
N ILE A 784 22.18 -9.10 -2.61
CA ILE A 784 22.89 -8.39 -1.54
C ILE A 784 24.36 -8.81 -1.53
N GLU A 785 24.63 -10.09 -1.75
CA GLU A 785 26.00 -10.58 -1.71
C GLU A 785 26.84 -10.00 -2.84
N GLU A 786 26.31 -10.01 -4.08
CA GLU A 786 27.15 -9.56 -5.18
C GLU A 786 27.31 -8.04 -5.16
N GLY A 787 26.28 -7.31 -4.71
CA GLY A 787 26.42 -5.87 -4.57
C GLY A 787 27.43 -5.50 -3.51
N ILE A 788 27.43 -6.21 -2.39
CA ILE A 788 28.35 -5.85 -1.31
C ILE A 788 29.78 -6.24 -1.63
N LYS A 789 30.00 -7.36 -2.35
CA LYS A 789 31.39 -7.63 -2.76
C LYS A 789 31.82 -6.66 -3.85
N GLU A 790 30.88 -6.21 -4.69
CA GLU A 790 31.22 -5.23 -5.71
C GLU A 790 31.63 -3.90 -5.11
N LEU A 791 30.93 -3.46 -4.06
CA LEU A 791 31.35 -2.23 -3.38
C LEU A 791 32.37 -2.49 -2.28
N GLY A 792 32.67 -3.75 -1.98
CA GLY A 792 33.80 -4.08 -1.11
C GLY A 792 33.61 -3.80 0.35
N SER A 793 32.39 -3.94 0.87
CA SER A 793 32.13 -3.74 2.28
C SER A 793 32.37 -5.02 3.07
N GLN A 794 32.35 -4.89 4.39
CA GLN A 794 32.51 -6.01 5.31
C GLN A 794 31.31 -6.13 6.25
N ILE A 795 30.13 -5.70 5.77
CA ILE A 795 28.94 -5.71 6.62
C ILE A 795 28.48 -7.13 6.89
N LEU A 796 28.57 -8.02 5.88
CA LEU A 796 28.19 -9.42 6.08
C LEU A 796 29.10 -10.13 7.07
N LYS A 797 30.36 -9.71 7.18
CA LYS A 797 31.27 -10.34 8.12
C LYS A 797 30.87 -9.99 9.55
N GLU A 798 30.64 -8.71 9.83
CA GLU A 798 30.25 -8.29 11.17
C GLU A 798 28.78 -8.56 11.45
N HIS A 799 27.91 -8.44 10.44
CA HIS A 799 26.49 -8.77 10.56
C HIS A 799 26.14 -9.88 9.59
N PRO A 800 26.08 -11.14 10.02
CA PRO A 800 25.67 -12.23 9.13
C PRO A 800 24.18 -12.52 9.06
N VAL A 801 23.73 -12.92 7.88
CA VAL A 801 22.31 -13.11 7.62
C VAL A 801 22.14 -14.08 6.46
N GLU A 802 21.06 -14.86 6.49
CA GLU A 802 20.60 -15.62 5.34
C GLU A 802 19.25 -15.06 4.85
N ASN A 803 18.74 -15.66 3.77
CA ASN A 803 17.60 -15.14 3.00
C ASN A 803 16.37 -14.80 3.85
N THR A 804 15.93 -15.70 4.73
CA THR A 804 14.55 -15.62 5.24
C THR A 804 14.27 -14.38 6.11
N GLN A 805 15.28 -13.82 6.79
CA GLN A 805 15.01 -12.59 7.53
C GLN A 805 14.97 -11.37 6.63
N LEU A 806 15.46 -11.47 5.39
CA LEU A 806 15.29 -10.35 4.48
C LEU A 806 13.86 -10.23 3.96
N GLN A 807 12.99 -11.22 4.22
CA GLN A 807 11.58 -11.04 3.91
C GLN A 807 10.96 -9.92 4.73
N ASN A 808 11.53 -9.61 5.88
CA ASN A 808 11.24 -8.36 6.56
C ASN A 808 11.81 -7.21 5.75
N GLU A 809 11.00 -6.19 5.51
CA GLU A 809 11.38 -5.13 4.58
C GLU A 809 12.37 -4.13 5.17
N LYS A 810 12.30 -3.86 6.47
CA LYS A 810 13.25 -2.91 7.08
C LYS A 810 14.66 -3.46 7.10
N LEU A 811 14.80 -4.75 7.45
CA LEU A 811 16.12 -5.37 7.50
C LEU A 811 16.70 -5.54 6.10
N TYR A 812 15.82 -5.87 5.14
CA TYR A 812 16.19 -5.93 3.73
C TYR A 812 16.72 -4.57 3.26
N LEU A 813 16.01 -3.50 3.59
CA LEU A 813 16.46 -2.17 3.19
C LEU A 813 17.74 -1.78 3.91
N TYR A 814 17.96 -2.29 5.12
CA TYR A 814 19.20 -2.00 5.84
C TYR A 814 20.39 -2.63 5.12
N TYR A 815 20.26 -3.89 4.70
CA TYR A 815 21.34 -4.48 3.91
C TYR A 815 21.41 -3.89 2.51
N LEU A 816 20.31 -3.36 1.98
CA LEU A 816 20.33 -2.72 0.67
C LEU A 816 21.10 -1.42 0.68
N GLN A 817 21.12 -0.72 1.81
CA GLN A 817 21.79 0.56 1.93
C GLN A 817 23.18 0.45 2.53
N ASN A 818 23.66 -0.78 2.77
CA ASN A 818 25.00 -1.06 3.29
C ASN A 818 25.18 -0.35 4.63
N GLY A 819 24.20 -0.55 5.51
CA GLY A 819 24.26 -0.10 6.88
C GLY A 819 24.33 1.41 7.07
N ARG A 820 24.03 2.20 6.05
CA ARG A 820 24.19 3.64 6.15
C ARG A 820 23.03 4.36 5.48
N ASP A 821 22.55 5.42 6.14
CA ASP A 821 21.54 6.31 5.57
C ASP A 821 22.12 7.13 4.43
N MET A 822 21.35 7.28 3.35
CA MET A 822 21.81 8.08 2.23
C MET A 822 21.18 9.48 2.22
N TYR A 823 20.44 9.84 3.27
CA TYR A 823 20.12 11.25 3.47
C TYR A 823 21.12 11.96 4.37
N VAL A 824 21.69 11.26 5.34
CA VAL A 824 22.58 11.87 6.33
C VAL A 824 23.74 10.92 6.55
N ASP A 825 24.95 11.49 6.60
CA ASP A 825 26.16 10.68 6.59
C ASP A 825 26.42 10.19 8.02
N GLN A 826 25.73 9.12 8.38
CA GLN A 826 25.95 8.47 9.65
C GLN A 826 25.72 6.97 9.49
N GLU A 827 26.41 6.20 10.30
CA GLU A 827 26.22 4.75 10.28
C GLU A 827 24.87 4.40 10.89
N LEU A 828 24.27 3.34 10.39
CA LEU A 828 23.03 2.83 10.96
C LEU A 828 23.33 1.61 11.81
N ASP A 829 22.40 1.31 12.72
CA ASP A 829 22.49 0.15 13.58
C ASP A 829 21.36 -0.85 13.29
N ILE A 830 21.63 -2.11 13.63
CA ILE A 830 20.74 -3.19 13.26
C ILE A 830 19.72 -3.50 14.36
N ASN A 831 19.98 -3.09 15.59
CA ASN A 831 19.12 -3.48 16.69
C ASN A 831 18.01 -2.49 16.97
N ARG A 832 17.99 -1.33 16.31
CA ARG A 832 17.13 -0.22 16.69
C ARG A 832 16.41 0.32 15.42
N LEU A 833 15.81 -0.60 14.67
CA LEU A 833 14.99 -0.20 13.53
C LEU A 833 13.57 0.17 13.93
N SER A 834 13.25 0.08 15.22
CA SER A 834 11.89 0.38 15.68
C SER A 834 11.53 1.83 15.42
N ASP A 835 12.40 2.76 15.80
CA ASP A 835 12.19 4.17 15.57
C ASP A 835 12.74 4.66 14.23
N TYR A 836 13.46 3.82 13.51
CA TYR A 836 13.84 4.15 12.15
C TYR A 836 12.63 4.14 11.23
N ASP A 837 12.70 4.91 10.16
CA ASP A 837 11.56 5.17 9.27
C ASP A 837 11.80 4.48 7.94
N VAL A 838 10.79 3.76 7.45
CA VAL A 838 10.65 3.55 6.01
C VAL A 838 10.11 4.82 5.36
N ASP A 839 10.65 5.18 4.21
CA ASP A 839 10.36 6.44 3.55
C ASP A 839 10.13 6.15 2.07
N HIS A 840 8.98 6.60 1.55
CA HIS A 840 8.77 6.67 0.11
C HIS A 840 9.35 7.94 -0.51
N ILE A 841 10.19 7.78 -1.54
CA ILE A 841 10.77 8.92 -2.26
C ILE A 841 9.68 9.82 -2.82
N VAL A 842 8.87 9.29 -3.73
CA VAL A 842 7.71 10.05 -4.20
C VAL A 842 6.69 10.13 -3.06
N PRO A 843 6.14 11.32 -2.78
CA PRO A 843 5.18 11.45 -1.69
C PRO A 843 3.95 10.58 -1.91
N GLN A 844 3.47 9.97 -0.81
CA GLN A 844 2.25 9.18 -0.87
C GLN A 844 1.05 10.05 -1.20
N SER A 845 1.14 11.36 -0.92
CA SER A 845 0.15 12.31 -1.39
C SER A 845 0.14 12.42 -2.92
N PHE A 846 1.27 12.16 -3.56
CA PHE A 846 1.37 12.33 -5.01
C PHE A 846 1.04 11.06 -5.77
N LEU A 847 1.65 9.93 -5.43
CA LEU A 847 1.54 8.75 -6.28
C LEU A 847 1.83 7.49 -5.47
N LYS A 848 0.86 6.58 -5.47
CA LYS A 848 0.99 5.27 -4.84
C LYS A 848 2.01 4.43 -5.60
N ASP A 849 3.15 4.15 -4.96
CA ASP A 849 4.14 3.26 -5.55
C ASP A 849 4.94 2.65 -4.40
N ASP A 850 4.72 1.37 -4.11
CA ASP A 850 5.40 0.68 -3.03
C ASP A 850 6.51 -0.24 -3.52
N SER A 851 7.03 0.01 -4.73
CA SER A 851 8.18 -0.73 -5.20
C SER A 851 9.42 -0.45 -4.37
N ILE A 852 10.35 -1.42 -4.37
CA ILE A 852 11.66 -1.25 -3.73
C ILE A 852 12.40 -0.06 -4.34
N ASP A 853 12.10 0.27 -5.60
CA ASP A 853 12.67 1.44 -6.26
C ASP A 853 12.23 2.74 -5.60
N ASN A 854 11.18 2.72 -4.79
CA ASN A 854 10.65 3.92 -4.16
C ASN A 854 10.83 3.92 -2.64
N LYS A 855 11.51 2.94 -2.06
CA LYS A 855 11.54 2.80 -0.61
C LYS A 855 12.92 3.15 -0.07
N VAL A 856 12.92 3.87 1.05
CA VAL A 856 14.11 4.22 1.81
C VAL A 856 13.94 3.79 3.25
N LEU A 857 15.00 3.25 3.85
CA LEU A 857 15.15 3.20 5.29
C LEU A 857 16.00 4.40 5.71
N THR A 858 15.43 5.29 6.51
CA THR A 858 16.11 6.52 6.89
C THR A 858 15.78 6.88 8.33
N ARG A 859 16.63 7.72 8.91
CA ARG A 859 16.40 8.20 10.27
C ARG A 859 15.13 9.05 10.31
N SER A 860 14.37 8.89 11.40
CA SER A 860 12.97 9.32 11.49
C SER A 860 12.78 10.79 11.15
N ASP A 861 13.49 11.68 11.86
CA ASP A 861 13.37 13.12 11.68
C ASP A 861 13.55 13.57 10.23
N LYS A 862 14.46 12.94 9.50
CA LYS A 862 14.71 13.29 8.11
C LYS A 862 13.51 12.99 7.22
N ASN A 863 12.87 11.83 7.41
CA ASN A 863 11.64 11.56 6.68
C ASN A 863 10.50 12.47 7.12
N ARG A 864 10.38 12.74 8.43
CA ARG A 864 9.34 13.64 8.93
C ARG A 864 9.47 15.03 8.29
N GLY A 865 10.70 15.54 8.22
CA GLY A 865 10.96 16.81 7.55
C GLY A 865 10.74 16.76 6.06
N LYS A 866 11.03 15.63 5.43
CA LYS A 866 10.61 15.37 4.05
C LYS A 866 9.12 15.07 3.93
N SER A 867 8.30 15.98 4.45
CA SER A 867 6.88 16.01 4.14
C SER A 867 6.66 16.49 2.71
N ASP A 868 5.79 15.80 1.99
CA ASP A 868 5.16 16.26 0.74
C ASP A 868 6.15 16.62 -0.35
N ASN A 869 7.38 16.12 -0.27
CA ASN A 869 8.40 16.51 -1.24
C ASN A 869 9.32 15.33 -1.50
N VAL A 870 9.93 15.33 -2.68
CA VAL A 870 11.12 14.54 -2.97
C VAL A 870 12.27 15.10 -2.15
N PRO A 871 13.33 14.35 -1.87
CA PRO A 871 14.49 14.91 -1.17
C PRO A 871 15.07 16.13 -1.88
N SER A 872 15.28 17.20 -1.13
CA SER A 872 15.55 18.53 -1.67
C SER A 872 16.99 18.63 -2.17
N GLU A 873 17.24 19.69 -2.94
CA GLU A 873 18.51 19.87 -3.66
C GLU A 873 19.74 19.83 -2.74
N GLU A 874 19.60 20.25 -1.48
CA GLU A 874 20.73 20.22 -0.54
C GLU A 874 21.17 18.81 -0.17
N VAL A 875 20.24 17.92 0.18
CA VAL A 875 20.61 16.53 0.45
C VAL A 875 21.12 15.84 -0.82
N VAL A 876 20.58 16.19 -1.99
CA VAL A 876 21.14 15.70 -3.25
C VAL A 876 22.60 16.13 -3.39
N LYS A 877 22.88 17.41 -3.19
CA LYS A 877 24.26 17.91 -3.24
C LYS A 877 25.16 17.18 -2.26
N LYS A 878 24.65 16.91 -1.05
CA LYS A 878 25.44 16.22 -0.03
C LYS A 878 25.69 14.75 -0.34
N MET A 879 24.78 14.09 -1.06
CA MET A 879 24.78 12.64 -1.15
C MET A 879 24.84 12.03 -2.53
N LYS A 880 24.91 12.83 -3.60
CA LYS A 880 24.85 12.30 -4.96
C LYS A 880 26.03 11.39 -5.26
N ASN A 881 27.19 11.64 -4.63
CA ASN A 881 28.34 10.75 -4.80
C ASN A 881 28.07 9.36 -4.22
N TYR A 882 27.47 9.29 -3.02
CA TYR A 882 27.16 7.99 -2.43
C TYR A 882 26.04 7.30 -3.19
N TRP A 883 25.08 8.08 -3.71
CA TRP A 883 24.03 7.51 -4.55
C TRP A 883 24.60 6.88 -5.81
N ARG A 884 25.56 7.55 -6.45
CA ARG A 884 26.23 6.95 -7.60
C ARG A 884 27.07 5.74 -7.20
N GLN A 885 27.67 5.79 -6.01
CA GLN A 885 28.46 4.65 -5.53
C GLN A 885 27.58 3.42 -5.31
N LEU A 886 26.34 3.63 -4.89
CA LEU A 886 25.41 2.50 -4.80
C LEU A 886 24.79 2.13 -6.14
N LEU A 887 24.73 3.07 -7.09
CA LEU A 887 24.10 2.76 -8.37
C LEU A 887 24.95 1.80 -9.21
N ASN A 888 26.25 2.06 -9.32
CA ASN A 888 27.12 1.17 -10.08
C ASN A 888 27.44 -0.12 -9.34
N ALA A 889 27.08 -0.24 -8.07
CA ALA A 889 27.25 -1.46 -7.30
C ALA A 889 26.03 -2.37 -7.39
N LYS A 890 25.06 -2.03 -8.23
CA LYS A 890 23.85 -2.83 -8.50
C LYS A 890 23.00 -3.04 -7.24
N LEU A 891 23.03 -2.09 -6.31
CA LEU A 891 22.14 -2.11 -5.15
C LEU A 891 20.90 -1.26 -5.33
N ILE A 892 20.97 -0.20 -6.13
CA ILE A 892 19.79 0.56 -6.52
C ILE A 892 19.72 0.58 -8.04
N THR A 893 18.49 0.64 -8.54
CA THR A 893 18.28 0.65 -9.98
C THR A 893 18.37 2.08 -10.51
N GLN A 894 18.29 2.21 -11.84
CA GLN A 894 18.32 3.53 -12.46
C GLN A 894 17.07 4.33 -12.13
N ARG A 895 15.92 3.65 -12.01
CA ARG A 895 14.71 4.34 -11.56
C ARG A 895 14.86 4.87 -10.13
N LYS A 896 15.52 4.10 -9.26
CA LYS A 896 15.73 4.56 -7.89
C LYS A 896 16.66 5.76 -7.84
N PHE A 897 17.72 5.76 -8.65
CA PHE A 897 18.62 6.90 -8.68
C PHE A 897 17.95 8.12 -9.30
N ASP A 898 17.09 7.90 -10.31
CA ASP A 898 16.37 9.00 -10.94
C ASP A 898 15.35 9.63 -10.00
N ASN A 899 14.66 8.79 -9.21
CA ASN A 899 13.74 9.28 -8.18
C ASN A 899 14.48 10.02 -7.07
N LEU A 900 15.58 9.44 -6.59
CA LEU A 900 16.39 10.10 -5.57
C LEU A 900 16.88 11.47 -6.01
N THR A 901 17.40 11.58 -7.24
CA THR A 901 17.91 12.83 -7.81
C THR A 901 16.83 13.76 -8.38
N LYS A 902 15.54 13.42 -8.22
CA LYS A 902 14.44 14.12 -8.89
C LYS A 902 14.40 15.63 -8.65
N ALA A 903 14.86 16.09 -7.48
CA ALA A 903 14.89 17.52 -7.18
C ALA A 903 15.73 18.33 -8.18
N GLU A 904 16.83 17.75 -8.67
CA GLU A 904 17.65 18.46 -9.65
C GLU A 904 16.91 18.69 -10.96
N ARG A 905 15.96 17.82 -11.31
CA ARG A 905 15.16 17.99 -12.51
C ARG A 905 13.85 18.74 -12.27
N GLY A 906 13.74 19.50 -11.18
CA GLY A 906 12.55 20.26 -10.92
C GLY A 906 11.59 19.66 -9.93
N GLY A 907 11.93 18.52 -9.32
CA GLY A 907 11.00 17.84 -8.44
C GLY A 907 9.80 17.29 -9.20
N LEU A 908 8.78 16.92 -8.41
CA LEU A 908 7.55 16.38 -8.98
C LEU A 908 6.82 17.45 -9.80
N SER A 909 6.16 16.98 -10.86
CA SER A 909 5.45 17.84 -11.80
C SER A 909 4.37 17.01 -12.46
N GLU A 910 3.49 17.69 -13.20
CA GLU A 910 2.34 17.04 -13.82
C GLU A 910 2.76 15.89 -14.75
N LEU A 911 3.87 16.07 -15.49
CA LEU A 911 4.36 15.00 -16.35
C LEU A 911 4.97 13.83 -15.58
N ASP A 912 5.28 14.01 -14.29
CA ASP A 912 5.66 12.88 -13.44
C ASP A 912 4.46 12.05 -12.99
N LYS A 913 3.26 12.60 -13.09
CA LYS A 913 2.04 11.87 -12.77
C LYS A 913 1.62 10.93 -13.91
N ALA A 914 2.18 11.10 -15.10
CA ALA A 914 1.99 10.21 -16.22
C ALA A 914 2.85 8.94 -16.08
N GLY A 915 2.61 8.00 -16.99
CA GLY A 915 3.07 6.62 -16.91
C GLY A 915 2.21 5.76 -16.00
N PHE A 916 1.67 4.68 -16.57
CA PHE A 916 0.79 3.78 -15.82
C PHE A 916 1.44 3.17 -14.58
N ILE A 917 0.65 3.06 -13.52
CA ILE A 917 1.15 2.72 -12.20
C ILE A 917 0.88 1.25 -11.92
N LYS A 918 1.88 0.58 -11.34
CA LYS A 918 1.96 -0.86 -11.14
C LYS A 918 0.65 -1.53 -10.68
N ARG A 919 -0.02 -0.91 -9.70
CA ARG A 919 -1.24 -1.47 -9.12
C ARG A 919 -2.32 -1.77 -10.15
N GLN A 920 -2.44 -0.91 -11.18
CA GLN A 920 -3.43 -1.13 -12.24
C GLN A 920 -3.25 -2.50 -12.90
N LEU A 921 -2.00 -2.92 -13.10
CA LEU A 921 -1.71 -4.22 -13.69
C LEU A 921 -2.19 -5.37 -12.79
N VAL A 922 -1.86 -5.31 -11.50
CA VAL A 922 -2.32 -6.35 -10.57
C VAL A 922 -3.84 -6.37 -10.49
N GLU A 923 -4.47 -5.19 -10.50
CA GLU A 923 -5.92 -5.09 -10.52
C GLU A 923 -6.53 -5.75 -11.76
N THR A 924 -6.02 -5.44 -12.95
CA THR A 924 -6.57 -6.07 -14.15
C THR A 924 -6.34 -7.58 -14.17
N ARG A 925 -5.19 -8.05 -13.69
CA ARG A 925 -4.98 -9.51 -13.59
C ARG A 925 -6.01 -10.18 -12.66
N GLN A 926 -6.18 -9.64 -11.45
CA GLN A 926 -7.17 -10.17 -10.51
C GLN A 926 -8.58 -10.13 -11.09
N ILE A 927 -8.94 -8.98 -11.65
CA ILE A 927 -10.27 -8.76 -12.22
C ILE A 927 -10.55 -9.78 -13.31
N THR A 928 -9.64 -9.93 -14.28
CA THR A 928 -9.86 -10.84 -15.41
C THR A 928 -9.94 -12.30 -14.95
N LYS A 929 -9.06 -12.71 -14.02
CA LYS A 929 -9.13 -14.08 -13.50
C LYS A 929 -10.51 -14.37 -12.90
N HIS A 930 -11.01 -13.46 -12.06
CA HIS A 930 -12.34 -13.63 -11.49
C HIS A 930 -13.41 -13.62 -12.58
N VAL A 931 -13.35 -12.69 -13.53
CA VAL A 931 -14.32 -12.61 -14.61
C VAL A 931 -14.42 -13.93 -15.35
N ALA A 932 -13.26 -14.49 -15.72
CA ALA A 932 -13.21 -15.78 -16.39
C ALA A 932 -13.89 -16.87 -15.58
N GLN A 933 -13.65 -16.89 -14.26
CA GLN A 933 -14.31 -17.90 -13.42
C GLN A 933 -15.82 -17.72 -13.33
N ILE A 934 -16.30 -16.49 -13.15
CA ILE A 934 -17.74 -16.29 -13.03
C ILE A 934 -18.44 -16.51 -14.36
N LEU A 935 -17.80 -16.12 -15.48
CA LEU A 935 -18.43 -16.34 -16.77
C LEU A 935 -18.50 -17.83 -17.11
N ASP A 936 -17.44 -18.59 -16.84
CA ASP A 936 -17.52 -20.04 -17.02
C ASP A 936 -18.58 -20.66 -16.11
N SER A 937 -18.68 -20.22 -14.85
CA SER A 937 -19.65 -20.80 -13.93
C SER A 937 -21.09 -20.45 -14.32
N ARG A 938 -21.32 -19.23 -14.81
CA ARG A 938 -22.66 -18.81 -15.21
C ARG A 938 -23.10 -19.37 -16.56
N MET A 939 -22.21 -19.38 -17.55
CA MET A 939 -22.67 -19.68 -18.89
C MET A 939 -22.95 -21.17 -19.07
N ASN A 940 -22.07 -22.03 -18.57
CA ASN A 940 -22.22 -23.48 -18.67
C ASN A 940 -23.00 -23.99 -17.46
N THR A 941 -24.31 -23.79 -17.50
CA THR A 941 -25.15 -24.09 -16.34
C THR A 941 -25.70 -25.51 -16.34
N LYS A 942 -25.42 -26.30 -17.37
CA LYS A 942 -26.00 -27.63 -17.52
C LYS A 942 -24.93 -28.70 -17.42
N TYR A 943 -25.33 -29.87 -16.91
CA TYR A 943 -24.42 -31.00 -16.77
C TYR A 943 -25.24 -32.29 -16.82
N ASP A 944 -24.54 -33.41 -16.99
CA ASP A 944 -25.16 -34.72 -17.13
C ASP A 944 -24.58 -35.69 -16.11
N GLU A 945 -25.11 -36.91 -16.11
CA GLU A 945 -24.64 -37.93 -15.17
C GLU A 945 -23.23 -38.40 -15.53
N ASN A 946 -22.92 -38.49 -16.83
CA ASN A 946 -21.60 -38.86 -17.29
C ASN A 946 -20.76 -37.68 -17.71
N ASP A 947 -21.38 -36.64 -18.26
CA ASP A 947 -20.68 -35.41 -18.61
C ASP A 947 -20.78 -34.46 -17.43
N LYS A 948 -19.64 -34.19 -16.79
CA LYS A 948 -19.63 -33.35 -15.59
C LYS A 948 -19.98 -31.90 -15.89
N LEU A 949 -19.78 -31.45 -17.12
CA LEU A 949 -20.18 -30.11 -17.54
C LEU A 949 -20.35 -30.15 -19.05
N ILE A 950 -21.35 -29.43 -19.55
CA ILE A 950 -21.59 -29.34 -20.99
C ILE A 950 -21.01 -28.01 -21.46
N ARG A 951 -20.01 -28.09 -22.33
CA ARG A 951 -19.35 -26.90 -22.87
C ARG A 951 -20.25 -26.18 -23.86
N GLU A 952 -21.35 -25.60 -23.36
CA GLU A 952 -22.23 -24.82 -24.23
C GLU A 952 -21.53 -23.56 -24.71
N VAL A 953 -20.72 -22.93 -23.86
CA VAL A 953 -19.94 -21.74 -24.21
C VAL A 953 -18.52 -21.95 -23.73
N LYS A 954 -17.57 -21.90 -24.67
CA LYS A 954 -16.14 -22.04 -24.38
C LYS A 954 -15.55 -20.69 -24.02
N VAL A 955 -15.18 -20.51 -22.76
CA VAL A 955 -14.38 -19.35 -22.36
C VAL A 955 -12.93 -19.57 -22.80
N ILE A 956 -12.43 -18.64 -23.62
CA ILE A 956 -11.10 -18.76 -24.24
C ILE A 956 -10.25 -17.59 -23.75
N THR A 957 -9.12 -17.91 -23.11
CA THR A 957 -8.23 -16.91 -22.54
C THR A 957 -7.05 -16.64 -23.48
N LEU A 958 -7.13 -15.57 -24.28
CA LEU A 958 -5.97 -15.13 -25.06
C LEU A 958 -4.98 -14.34 -24.22
N LYS A 959 -3.69 -14.60 -24.45
CA LYS A 959 -2.63 -13.75 -23.94
C LYS A 959 -2.52 -12.47 -24.76
N SER A 960 -2.32 -11.35 -24.07
CA SER A 960 -2.17 -10.02 -24.69
C SER A 960 -1.14 -9.98 -25.81
N LYS A 961 -0.06 -10.75 -25.68
CA LYS A 961 1.04 -10.73 -26.65
C LYS A 961 0.56 -11.11 -28.04
N LEU A 962 -0.37 -12.05 -28.13
CA LEU A 962 -0.87 -12.53 -29.42
C LEU A 962 -1.58 -11.42 -30.18
N VAL A 963 -2.54 -10.75 -29.53
CA VAL A 963 -3.28 -9.67 -30.20
C VAL A 963 -2.36 -8.48 -30.49
N SER A 964 -1.43 -8.17 -29.59
CA SER A 964 -0.50 -7.07 -29.85
C SER A 964 0.41 -7.35 -31.05
N ASP A 965 0.89 -8.59 -31.17
CA ASP A 965 1.64 -9.01 -32.34
C ASP A 965 0.79 -8.99 -33.60
N PHE A 966 -0.46 -9.46 -33.53
CA PHE A 966 -1.34 -9.40 -34.69
C PHE A 966 -1.53 -7.96 -35.16
N ARG A 967 -1.68 -7.03 -34.21
CA ARG A 967 -1.76 -5.60 -34.53
C ARG A 967 -0.53 -5.13 -35.30
N LYS A 968 0.66 -5.36 -34.75
CA LYS A 968 1.87 -4.86 -35.39
C LYS A 968 2.16 -5.54 -36.74
N ASP A 969 2.04 -6.88 -36.78
CA ASP A 969 2.42 -7.66 -37.97
C ASP A 969 1.56 -7.37 -39.19
N PHE A 970 0.33 -6.89 -39.02
CA PHE A 970 -0.52 -6.52 -40.15
C PHE A 970 -0.88 -5.04 -40.17
N GLN A 971 -0.10 -4.24 -39.44
CA GLN A 971 -0.18 -2.78 -39.42
C GLN A 971 -1.54 -2.27 -38.97
N PHE A 972 -2.24 -3.01 -38.12
CA PHE A 972 -3.37 -2.48 -37.38
C PHE A 972 -2.89 -1.82 -36.09
N TYR A 973 -2.01 -0.83 -36.26
CA TYR A 973 -1.42 -0.12 -35.13
C TYR A 973 -2.48 0.59 -34.30
N LYS A 974 -2.15 0.80 -33.02
CA LYS A 974 -3.06 1.47 -32.11
C LYS A 974 -2.29 2.53 -31.34
N VAL A 975 -2.94 3.66 -31.13
CA VAL A 975 -2.53 4.69 -30.17
C VAL A 975 -3.77 5.11 -29.39
N ARG A 976 -3.52 5.77 -28.26
CA ARG A 976 -4.51 5.94 -27.20
C ARG A 976 -4.98 7.38 -27.13
N GLU A 977 -4.09 8.31 -27.51
CA GLU A 977 -4.24 9.73 -27.27
C GLU A 977 -5.30 10.34 -28.19
N ILE A 978 -5.60 9.66 -29.30
CA ILE A 978 -6.58 10.17 -30.25
C ILE A 978 -8.00 9.88 -29.78
N ASN A 979 -8.31 8.62 -29.49
CA ASN A 979 -9.68 8.26 -29.16
C ASN A 979 -9.72 6.98 -28.34
N ASN A 980 -10.85 6.81 -27.64
CA ASN A 980 -11.12 5.66 -26.79
C ASN A 980 -11.45 4.38 -27.56
N TYR A 981 -11.59 4.47 -28.89
CA TYR A 981 -11.95 3.30 -29.71
C TYR A 981 -10.94 2.15 -29.62
N HIS A 982 -9.74 2.40 -29.11
CA HIS A 982 -8.72 1.35 -29.02
C HIS A 982 -9.16 0.18 -28.16
N HIS A 983 -9.87 0.43 -27.07
CA HIS A 983 -10.47 -0.63 -26.26
C HIS A 983 -11.40 -1.52 -27.09
N ALA A 984 -12.33 -0.91 -27.84
CA ALA A 984 -13.28 -1.66 -28.65
C ALA A 984 -12.57 -2.44 -29.75
N HIS A 985 -11.59 -1.82 -30.39
CA HIS A 985 -10.86 -2.48 -31.46
C HIS A 985 -10.02 -3.64 -30.92
N ASP A 986 -9.42 -3.47 -29.74
CA ASP A 986 -8.72 -4.57 -29.09
C ASP A 986 -9.67 -5.73 -28.79
N ALA A 987 -10.87 -5.43 -28.30
CA ALA A 987 -11.86 -6.48 -28.06
C ALA A 987 -12.23 -7.22 -29.36
N TYR A 988 -12.41 -6.46 -30.45
CA TYR A 988 -12.72 -7.08 -31.73
C TYR A 988 -11.57 -7.95 -32.23
N LEU A 989 -10.34 -7.48 -32.10
CA LEU A 989 -9.19 -8.27 -32.53
C LEU A 989 -9.01 -9.52 -31.67
N ASN A 990 -9.29 -9.43 -30.37
CA ASN A 990 -9.31 -10.63 -29.54
C ASN A 990 -10.35 -11.64 -30.01
N ALA A 991 -11.56 -11.16 -30.34
CA ALA A 991 -12.61 -12.04 -30.86
C ALA A 991 -12.17 -12.73 -32.15
N VAL A 992 -11.62 -11.94 -33.09
CA VAL A 992 -11.16 -12.47 -34.37
C VAL A 992 -10.06 -13.50 -34.18
N VAL A 993 -8.97 -13.10 -33.51
CA VAL A 993 -7.80 -13.96 -33.37
C VAL A 993 -8.16 -15.24 -32.64
N GLY A 994 -8.91 -15.13 -31.52
CA GLY A 994 -9.28 -16.32 -30.78
C GLY A 994 -10.15 -17.28 -31.59
N THR A 995 -11.18 -16.75 -32.27
CA THR A 995 -12.06 -17.59 -33.07
C THR A 995 -11.29 -18.28 -34.21
N ALA A 996 -10.43 -17.53 -34.91
CA ALA A 996 -9.64 -18.11 -35.99
C ALA A 996 -8.65 -19.13 -35.44
N LEU A 997 -8.06 -18.86 -34.29
CA LEU A 997 -7.04 -19.73 -33.72
C LEU A 997 -7.61 -21.08 -33.34
N ILE A 998 -8.73 -21.08 -32.61
CA ILE A 998 -9.38 -22.34 -32.27
C ILE A 998 -10.02 -23.02 -33.48
N LYS A 999 -10.43 -22.25 -34.49
CA LYS A 999 -10.91 -22.88 -35.73
C LYS A 999 -9.80 -23.57 -36.49
N LYS A 1000 -8.59 -22.99 -36.50
CA LYS A 1000 -7.50 -23.55 -37.28
C LYS A 1000 -6.93 -24.80 -36.62
N TYR A 1001 -6.79 -24.79 -35.30
CA TYR A 1001 -6.16 -25.88 -34.55
C TYR A 1001 -7.10 -26.44 -33.49
N PRO A 1002 -8.08 -27.26 -33.89
CA PRO A 1002 -8.97 -27.89 -32.88
C PRO A 1002 -8.24 -28.68 -31.82
N LYS A 1003 -7.11 -29.30 -32.17
CA LYS A 1003 -6.36 -30.11 -31.22
C LYS A 1003 -5.66 -29.28 -30.14
N LEU A 1004 -5.61 -27.96 -30.31
CA LEU A 1004 -5.12 -27.03 -29.31
C LEU A 1004 -6.22 -26.39 -28.48
N GLU A 1005 -7.49 -26.70 -28.78
CA GLU A 1005 -8.63 -26.11 -28.07
C GLU A 1005 -8.55 -26.35 -26.56
N SER A 1006 -8.07 -27.53 -26.15
CA SER A 1006 -7.94 -27.85 -24.73
C SER A 1006 -6.84 -27.06 -24.03
N GLU A 1007 -6.00 -26.33 -24.77
CA GLU A 1007 -5.08 -25.39 -24.12
C GLU A 1007 -5.80 -24.11 -23.72
N PHE A 1008 -6.51 -23.49 -24.66
CA PHE A 1008 -7.08 -22.17 -24.42
C PHE A 1008 -8.40 -22.20 -23.66
N VAL A 1009 -9.22 -23.23 -23.83
CA VAL A 1009 -10.54 -23.24 -23.19
C VAL A 1009 -10.39 -23.42 -21.69
N TYR A 1010 -11.04 -22.54 -20.93
CA TYR A 1010 -10.99 -22.56 -19.48
C TYR A 1010 -11.48 -23.89 -18.92
N GLY A 1011 -10.62 -24.57 -18.15
CA GLY A 1011 -11.00 -25.83 -17.55
C GLY A 1011 -10.52 -27.07 -18.26
N ASP A 1012 -9.95 -26.93 -19.46
CA ASP A 1012 -9.42 -28.08 -20.18
C ASP A 1012 -7.91 -28.09 -20.16
N TYR A 1013 -7.34 -29.24 -20.46
CA TYR A 1013 -5.90 -29.43 -20.47
C TYR A 1013 -5.52 -30.49 -21.48
N LYS A 1014 -4.24 -30.51 -21.84
CA LYS A 1014 -3.74 -31.48 -22.81
C LYS A 1014 -3.43 -32.81 -22.12
N VAL A 1015 -2.58 -32.77 -21.10
CA VAL A 1015 -2.28 -33.95 -20.29
C VAL A 1015 -2.47 -33.63 -18.81
N ILE A 1029 16.14 -28.30 -23.25
CA ILE A 1029 15.67 -26.92 -23.35
C ILE A 1029 14.68 -26.65 -22.24
N GLY A 1030 14.76 -25.45 -21.66
CA GLY A 1030 13.84 -25.08 -20.60
C GLY A 1030 12.39 -25.07 -21.07
N LYS A 1031 11.50 -25.53 -20.18
CA LYS A 1031 10.11 -25.76 -20.53
C LYS A 1031 9.42 -24.46 -20.95
N ALA A 1032 9.63 -23.39 -20.18
CA ALA A 1032 9.07 -22.10 -20.53
C ALA A 1032 9.65 -21.55 -21.82
N THR A 1033 10.95 -21.74 -22.06
CA THR A 1033 11.56 -21.40 -23.34
C THR A 1033 10.87 -22.09 -24.50
N ALA A 1034 10.71 -23.40 -24.40
CA ALA A 1034 10.05 -24.19 -25.44
C ALA A 1034 8.61 -23.72 -25.68
N LYS A 1035 7.86 -23.55 -24.58
CA LYS A 1035 6.49 -23.08 -24.68
C LYS A 1035 6.40 -21.70 -25.32
N TYR A 1036 7.31 -20.79 -24.96
CA TYR A 1036 7.31 -19.45 -25.54
C TYR A 1036 7.59 -19.50 -27.04
N PHE A 1037 8.61 -20.28 -27.43
CA PHE A 1037 8.95 -20.46 -28.84
C PHE A 1037 7.75 -21.02 -29.61
N PHE A 1038 7.08 -22.03 -29.05
CA PHE A 1038 5.81 -22.53 -29.61
C PHE A 1038 4.75 -21.43 -29.70
N TYR A 1039 4.60 -20.63 -28.64
CA TYR A 1039 3.63 -19.53 -28.63
C TYR A 1039 3.98 -18.42 -29.62
N SER A 1040 5.21 -18.38 -30.10
CA SER A 1040 5.51 -17.57 -31.28
C SER A 1040 5.07 -18.29 -32.55
N ASN A 1041 5.57 -19.51 -32.77
CA ASN A 1041 5.39 -20.22 -34.04
C ASN A 1041 3.93 -20.46 -34.38
N ILE A 1042 3.08 -20.70 -33.37
CA ILE A 1042 1.64 -20.92 -33.54
C ILE A 1042 0.93 -19.82 -34.33
N MET A 1043 1.37 -18.58 -34.22
CA MET A 1043 0.69 -17.46 -34.88
C MET A 1043 0.95 -17.37 -36.38
N ASN A 1044 1.93 -18.13 -36.90
CA ASN A 1044 2.43 -17.96 -38.26
C ASN A 1044 1.38 -18.15 -39.36
N PHE A 1045 0.31 -18.91 -39.11
CA PHE A 1045 -0.63 -19.26 -40.18
C PHE A 1045 -1.33 -18.05 -40.80
N PHE A 1046 -1.46 -16.94 -40.05
CA PHE A 1046 -2.01 -15.73 -40.67
C PHE A 1046 -1.09 -15.16 -41.75
N LYS A 1047 0.23 -15.27 -41.56
CA LYS A 1047 1.19 -14.61 -42.44
C LYS A 1047 1.13 -15.16 -43.86
N THR A 1048 1.51 -14.32 -44.82
CA THR A 1048 1.72 -14.78 -46.19
C THR A 1048 3.12 -15.36 -46.37
N GLU A 1049 4.11 -14.71 -45.77
CA GLU A 1049 5.51 -15.09 -45.91
C GLU A 1049 6.13 -15.15 -44.52
N ILE A 1050 6.83 -16.24 -44.23
CA ILE A 1050 7.44 -16.44 -42.92
C ILE A 1050 8.95 -16.49 -43.10
N THR A 1051 9.65 -15.60 -42.40
CA THR A 1051 11.11 -15.58 -42.45
C THR A 1051 11.64 -16.41 -41.28
N LEU A 1052 12.42 -17.45 -41.60
CA LEU A 1052 12.93 -18.34 -40.57
C LEU A 1052 14.12 -17.70 -39.86
N ALA A 1053 14.61 -18.40 -38.83
CA ALA A 1053 15.80 -17.96 -38.10
C ALA A 1053 17.05 -17.91 -38.98
N ASN A 1054 17.09 -18.66 -40.08
CA ASN A 1054 18.24 -18.63 -40.96
C ASN A 1054 18.25 -17.45 -41.92
N GLY A 1055 17.16 -16.68 -41.98
CA GLY A 1055 17.09 -15.56 -42.90
C GLY A 1055 16.58 -15.91 -44.28
N GLU A 1056 15.93 -17.06 -44.45
CA GLU A 1056 15.41 -17.51 -45.73
C GLU A 1056 13.90 -17.60 -45.65
N ILE A 1057 13.22 -17.08 -46.67
CA ILE A 1057 11.77 -16.95 -46.62
C ILE A 1057 11.13 -18.31 -46.90
N ARG A 1058 9.85 -18.42 -46.52
CA ARG A 1058 9.07 -19.62 -46.81
C ARG A 1058 7.64 -19.21 -47.07
N LYS A 1059 7.05 -19.76 -48.13
CA LYS A 1059 5.72 -19.36 -48.56
C LYS A 1059 4.66 -20.17 -47.84
N ARG A 1060 3.41 -19.71 -47.99
CA ARG A 1060 2.28 -20.33 -47.31
C ARG A 1060 1.03 -19.95 -48.09
N PRO A 1061 0.06 -20.86 -48.27
CA PRO A 1061 -1.09 -20.57 -49.13
C PRO A 1061 -1.92 -19.39 -48.63
N LEU A 1062 -2.48 -18.66 -49.58
CA LEU A 1062 -3.27 -17.46 -49.27
C LEU A 1062 -4.65 -17.81 -48.70
N ILE A 1063 -5.11 -19.05 -48.90
CA ILE A 1063 -6.29 -19.57 -48.22
C ILE A 1063 -5.83 -20.54 -47.15
N GLU A 1064 -6.36 -20.38 -45.94
CA GLU A 1064 -6.10 -21.31 -44.85
C GLU A 1064 -7.30 -22.23 -44.66
N THR A 1065 -7.02 -23.50 -44.36
CA THR A 1065 -8.05 -24.50 -44.12
C THR A 1065 -7.83 -25.12 -42.75
N ASN A 1066 -8.85 -25.88 -42.31
CA ASN A 1066 -8.79 -26.51 -40.99
C ASN A 1066 -7.73 -27.62 -40.95
N GLY A 1067 -7.41 -28.21 -42.10
CA GLY A 1067 -6.43 -29.26 -42.18
C GLY A 1067 -7.05 -30.65 -42.09
N GLU A 1068 -7.64 -30.98 -40.95
CA GLU A 1068 -8.37 -32.24 -40.85
C GLU A 1068 -9.70 -32.15 -41.61
N THR A 1069 -10.25 -30.94 -41.73
CA THR A 1069 -11.44 -30.67 -42.53
C THR A 1069 -11.07 -29.62 -43.59
N GLY A 1070 -11.81 -29.62 -44.69
CA GLY A 1070 -11.63 -28.65 -45.74
C GLY A 1070 -12.26 -27.30 -45.48
N GLU A 1071 -12.79 -27.07 -44.29
CA GLU A 1071 -13.41 -25.79 -43.95
C GLU A 1071 -12.37 -24.68 -43.91
N ILE A 1072 -12.67 -23.56 -44.57
CA ILE A 1072 -11.75 -22.44 -44.59
C ILE A 1072 -11.79 -21.73 -43.24
N VAL A 1073 -10.63 -21.29 -42.77
CA VAL A 1073 -10.55 -20.63 -41.47
C VAL A 1073 -10.08 -19.19 -41.62
N TRP A 1074 -9.32 -18.89 -42.68
CA TRP A 1074 -8.77 -17.55 -42.84
C TRP A 1074 -8.39 -17.32 -44.29
N ASP A 1075 -9.06 -16.37 -44.94
CA ASP A 1075 -8.70 -15.94 -46.29
C ASP A 1075 -7.87 -14.67 -46.12
N LYS A 1076 -6.70 -14.64 -46.75
CA LYS A 1076 -5.86 -13.45 -46.70
C LYS A 1076 -6.30 -12.37 -47.69
N GLY A 1077 -7.48 -12.52 -48.28
CA GLY A 1077 -8.14 -11.53 -49.11
C GLY A 1077 -9.24 -10.86 -48.31
N ARG A 1078 -10.47 -11.38 -48.45
CA ARG A 1078 -11.68 -10.78 -47.90
C ARG A 1078 -11.62 -10.52 -46.39
N ASP A 1079 -10.89 -11.35 -45.63
CA ASP A 1079 -10.89 -11.18 -44.18
C ASP A 1079 -10.07 -9.99 -43.73
N PHE A 1080 -8.92 -9.75 -44.37
CA PHE A 1080 -8.16 -8.54 -44.05
C PHE A 1080 -8.91 -7.28 -44.46
N ALA A 1081 -9.60 -7.32 -45.60
CA ALA A 1081 -10.44 -6.20 -46.00
C ALA A 1081 -11.56 -5.99 -45.00
N THR A 1082 -12.13 -7.07 -44.48
CA THR A 1082 -13.19 -6.98 -43.48
C THR A 1082 -12.67 -6.35 -42.20
N VAL A 1083 -11.49 -6.80 -41.74
CA VAL A 1083 -10.86 -6.24 -40.54
C VAL A 1083 -10.58 -4.76 -40.72
N ARG A 1084 -10.07 -4.37 -41.90
CA ARG A 1084 -9.77 -2.97 -42.15
C ARG A 1084 -11.04 -2.13 -42.20
N LYS A 1085 -12.13 -2.70 -42.75
CA LYS A 1085 -13.40 -2.00 -42.78
C LYS A 1085 -13.96 -1.80 -41.37
N VAL A 1086 -13.83 -2.82 -40.52
CA VAL A 1086 -14.34 -2.72 -39.16
C VAL A 1086 -13.51 -1.71 -38.35
N LEU A 1087 -12.18 -1.77 -38.48
CA LEU A 1087 -11.31 -0.81 -37.80
C LEU A 1087 -11.50 0.62 -38.28
N SER A 1088 -12.06 0.82 -39.46
CA SER A 1088 -12.27 2.15 -40.01
C SER A 1088 -13.70 2.63 -39.82
N MET A 1089 -14.49 1.92 -39.03
CA MET A 1089 -15.88 2.30 -38.84
C MET A 1089 -15.97 3.54 -37.94
N PRO A 1090 -16.82 4.50 -38.29
CA PRO A 1090 -16.95 5.71 -37.47
C PRO A 1090 -17.77 5.49 -36.21
N GLN A 1091 -18.77 4.61 -36.28
CA GLN A 1091 -19.75 4.49 -35.20
C GLN A 1091 -19.28 3.40 -34.25
N VAL A 1092 -18.75 3.83 -33.10
CA VAL A 1092 -18.42 2.93 -32.00
C VAL A 1092 -19.13 3.45 -30.75
N ASN A 1093 -19.76 2.54 -30.00
CA ASN A 1093 -20.41 2.92 -28.75
C ASN A 1093 -19.38 3.23 -27.68
N ILE A 1094 -19.34 4.48 -27.21
CA ILE A 1094 -18.58 4.81 -26.02
C ILE A 1094 -19.55 5.29 -24.95
N VAL A 1095 -19.59 4.59 -23.81
CA VAL A 1095 -20.49 4.92 -22.72
C VAL A 1095 -19.67 5.15 -21.46
N LYS A 1096 -19.71 6.38 -20.95
CA LYS A 1096 -19.18 6.65 -19.62
C LYS A 1096 -20.25 6.31 -18.58
N LYS A 1097 -19.91 5.44 -17.63
CA LYS A 1097 -20.86 5.10 -16.57
C LYS A 1097 -21.22 6.35 -15.75
N THR A 1098 -22.52 6.61 -15.62
CA THR A 1098 -23.00 7.69 -14.78
C THR A 1098 -23.07 7.24 -13.33
N GLU A 1099 -22.39 7.96 -12.44
CA GLU A 1099 -22.18 7.53 -11.06
C GLU A 1099 -22.56 8.66 -10.11
N VAL A 1100 -23.16 8.30 -8.98
CA VAL A 1100 -23.48 9.25 -7.92
C VAL A 1100 -22.38 9.17 -6.86
N GLN A 1101 -21.86 10.33 -6.46
CA GLN A 1101 -20.60 10.38 -5.72
C GLN A 1101 -20.75 10.01 -4.26
N THR A 1102 -19.87 9.12 -3.81
CA THR A 1102 -19.74 8.71 -2.42
C THR A 1102 -18.69 9.60 -1.75
N GLY A 1103 -18.09 9.12 -0.66
CA GLY A 1103 -16.88 9.72 -0.13
C GLY A 1103 -17.07 10.97 0.70
N GLY A 1104 -16.00 11.75 0.77
CA GLY A 1104 -15.89 12.85 1.74
C GLY A 1104 -16.72 14.08 1.38
N PHE A 1105 -17.27 14.70 2.43
CA PHE A 1105 -18.20 15.82 2.29
C PHE A 1105 -17.59 17.01 1.56
N SER A 1106 -16.42 17.48 2.00
CA SER A 1106 -15.70 18.56 1.34
C SER A 1106 -14.23 18.18 1.17
N LYS A 1107 -13.49 19.09 0.53
CA LYS A 1107 -12.06 19.22 0.80
C LYS A 1107 -11.81 19.43 2.29
N GLU A 1108 -10.74 18.83 2.79
CA GLU A 1108 -10.57 18.62 4.23
C GLU A 1108 -10.03 19.84 4.97
N SER A 1109 -9.41 20.80 4.27
CA SER A 1109 -8.79 21.93 4.97
C SER A 1109 -9.82 22.90 5.52
N ILE A 1110 -9.63 23.27 6.78
CA ILE A 1110 -10.41 24.32 7.43
C ILE A 1110 -9.88 25.68 6.96
N ARG A 1111 -10.79 26.60 6.67
CA ARG A 1111 -10.43 27.89 6.11
C ARG A 1111 -10.85 29.02 7.05
N PRO A 1112 -10.05 30.09 7.16
CA PRO A 1112 -10.32 31.18 8.10
C PRO A 1112 -11.69 31.82 7.96
N LYS A 1113 -12.12 32.47 9.05
CA LYS A 1113 -13.32 33.30 9.09
C LYS A 1113 -13.40 34.26 7.91
N ARG A 1114 -14.50 34.18 7.19
CA ARG A 1114 -14.77 35.08 6.08
C ARG A 1114 -16.26 35.37 6.06
N ASN A 1115 -16.64 36.56 5.58
CA ASN A 1115 -18.06 36.91 5.42
C ASN A 1115 -18.74 36.14 4.29
N SER A 1116 -18.02 35.27 3.59
CA SER A 1116 -18.58 34.50 2.49
C SER A 1116 -19.60 33.50 2.99
N ASP A 1117 -20.69 33.35 2.24
CA ASP A 1117 -21.75 32.41 2.61
C ASP A 1117 -21.30 30.98 2.37
N LYS A 1118 -20.41 30.78 1.39
CA LYS A 1118 -20.03 29.43 0.93
C LYS A 1118 -19.34 28.57 2.00
N LEU A 1119 -18.77 29.19 3.05
CA LEU A 1119 -18.12 28.44 4.12
C LEU A 1119 -19.08 27.46 4.79
N ILE A 1120 -18.74 26.17 4.72
CA ILE A 1120 -19.51 25.11 5.38
C ILE A 1120 -19.22 25.11 6.87
N ALA A 1121 -20.29 25.14 7.68
CA ALA A 1121 -20.17 25.16 9.13
C ALA A 1121 -19.51 23.88 9.66
N ARG A 1122 -18.37 24.04 10.36
CA ARG A 1122 -17.66 22.88 10.90
C ARG A 1122 -18.43 22.19 12.02
N LYS A 1123 -19.39 22.89 12.65
CA LYS A 1123 -20.21 22.30 13.69
C LYS A 1123 -21.58 22.97 13.65
N LYS A 1124 -22.53 22.39 14.38
CA LYS A 1124 -23.91 22.89 14.34
C LYS A 1124 -24.02 24.29 14.91
N ASP A 1125 -23.37 24.55 16.04
CA ASP A 1125 -23.41 25.89 16.63
C ASP A 1125 -22.30 26.79 16.09
N TRP A 1126 -21.24 26.20 15.55
CA TRP A 1126 -20.07 26.96 15.09
C TRP A 1126 -20.37 27.56 13.72
N ASP A 1127 -21.12 28.64 13.73
CA ASP A 1127 -21.30 29.53 12.60
C ASP A 1127 -19.92 29.85 11.99
N PRO A 1128 -19.66 29.46 10.74
CA PRO A 1128 -18.32 29.64 10.17
C PRO A 1128 -17.98 31.08 9.83
N LYS A 1129 -18.96 31.98 9.86
CA LYS A 1129 -18.65 33.39 9.65
C LYS A 1129 -17.95 33.97 10.86
N LYS A 1130 -18.25 33.45 12.05
CA LYS A 1130 -17.36 33.60 13.21
C LYS A 1130 -16.15 32.68 13.15
N TYR A 1131 -16.37 31.37 12.98
CA TYR A 1131 -15.38 30.39 13.40
C TYR A 1131 -14.56 29.78 12.25
N GLY A 1132 -14.81 30.16 11.00
CA GLY A 1132 -14.25 29.42 9.89
C GLY A 1132 -14.86 28.06 9.62
N GLY A 1133 -14.43 27.41 8.53
CA GLY A 1133 -15.15 26.25 8.05
C GLY A 1133 -14.46 25.62 6.86
N PHE A 1134 -15.18 24.70 6.22
CA PHE A 1134 -14.71 24.05 5.00
C PHE A 1134 -15.19 24.77 3.75
N LEU A 1135 -14.56 24.43 2.64
CA LEU A 1135 -14.93 24.90 1.31
C LEU A 1135 -14.76 23.73 0.35
N TRP A 1136 -15.21 23.95 -0.90
CA TRP A 1136 -15.34 22.93 -1.95
C TRP A 1136 -16.21 21.74 -1.53
N PRO A 1137 -17.49 21.94 -1.20
CA PRO A 1137 -18.35 20.79 -0.85
C PRO A 1137 -18.58 19.89 -2.05
N THR A 1138 -18.24 18.61 -1.88
CA THR A 1138 -18.35 17.63 -2.95
C THR A 1138 -19.81 17.41 -3.31
N VAL A 1139 -20.14 17.57 -4.59
CA VAL A 1139 -21.51 17.36 -5.04
C VAL A 1139 -21.75 15.87 -5.25
N ALA A 1140 -22.69 15.32 -4.49
CA ALA A 1140 -23.09 13.93 -4.66
C ALA A 1140 -23.75 13.69 -6.00
N TYR A 1141 -24.68 14.57 -6.38
CA TYR A 1141 -25.32 14.58 -7.70
C TYR A 1141 -26.06 15.90 -7.89
N SER A 1142 -26.43 16.15 -9.14
CA SER A 1142 -27.29 17.27 -9.51
C SER A 1142 -28.74 16.83 -9.52
N VAL A 1143 -29.64 17.80 -9.31
CA VAL A 1143 -31.07 17.61 -9.52
C VAL A 1143 -31.62 18.74 -10.39
N LEU A 1144 -32.40 18.37 -11.40
CA LEU A 1144 -33.13 19.35 -12.19
C LEU A 1144 -34.33 19.82 -11.39
N VAL A 1145 -34.57 21.13 -11.38
CA VAL A 1145 -35.72 21.69 -10.68
C VAL A 1145 -36.48 22.61 -11.64
N VAL A 1146 -37.81 22.54 -11.60
CA VAL A 1146 -38.68 23.42 -12.37
C VAL A 1146 -39.63 24.04 -11.35
N ALA A 1147 -39.41 25.32 -11.03
CA ALA A 1147 -40.18 25.97 -9.98
C ALA A 1147 -40.08 27.48 -10.18
N LYS A 1148 -40.68 28.22 -9.25
CA LYS A 1148 -40.60 29.67 -9.23
C LYS A 1148 -39.61 30.13 -8.17
N VAL A 1149 -38.81 31.12 -8.50
CA VAL A 1149 -37.85 31.73 -7.59
C VAL A 1149 -38.30 33.15 -7.31
N GLU A 1150 -38.45 33.47 -6.04
CA GLU A 1150 -39.07 34.73 -5.63
C GLU A 1150 -38.02 35.81 -5.90
N LYS A 1151 -38.07 36.41 -7.09
CA LYS A 1151 -37.05 37.35 -7.55
C LYS A 1151 -37.55 38.79 -7.48
N GLY A 1152 -36.62 39.71 -7.24
CA GLY A 1152 -36.86 41.12 -7.40
C GLY A 1152 -37.14 41.83 -6.09
N LYS A 1153 -36.86 43.14 -6.08
CA LYS A 1153 -37.22 43.97 -4.94
C LYS A 1153 -38.74 44.16 -4.91
N SER A 1154 -39.33 44.57 -6.03
CA SER A 1154 -40.77 44.49 -6.21
C SER A 1154 -41.09 43.02 -6.43
N LYS A 1155 -41.41 42.31 -5.35
CA LYS A 1155 -41.31 40.86 -5.32
C LYS A 1155 -42.36 40.21 -6.22
N LYS A 1156 -41.90 39.26 -7.04
CA LYS A 1156 -42.76 38.49 -7.92
C LYS A 1156 -42.12 37.12 -8.16
N LEU A 1157 -42.95 36.16 -8.56
CA LEU A 1157 -42.54 34.77 -8.66
C LEU A 1157 -42.14 34.46 -10.10
N LYS A 1158 -40.84 34.33 -10.35
CA LYS A 1158 -40.31 34.07 -11.68
C LYS A 1158 -40.09 32.56 -11.84
N SER A 1159 -40.81 31.95 -12.78
CA SER A 1159 -40.65 30.53 -13.05
C SER A 1159 -39.38 30.31 -13.86
N VAL A 1160 -38.58 29.32 -13.45
CA VAL A 1160 -37.24 29.16 -14.00
C VAL A 1160 -36.84 27.70 -13.83
N LYS A 1161 -35.98 27.22 -14.73
CA LYS A 1161 -35.51 25.85 -14.74
C LYS A 1161 -33.98 25.88 -14.73
N GLU A 1162 -33.38 25.13 -13.80
CA GLU A 1162 -31.93 25.02 -13.72
C GLU A 1162 -31.58 23.78 -12.91
N LEU A 1163 -30.29 23.46 -12.91
CA LEU A 1163 -29.75 22.43 -12.03
C LEU A 1163 -29.39 22.97 -10.65
N LEU A 1164 -29.76 22.22 -9.61
CA LEU A 1164 -29.21 22.39 -8.28
C LEU A 1164 -28.26 21.24 -8.01
N GLY A 1165 -27.08 21.55 -7.47
CA GLY A 1165 -26.22 20.49 -6.96
C GLY A 1165 -26.61 20.11 -5.54
N ILE A 1166 -26.67 18.80 -5.29
CA ILE A 1166 -26.86 18.29 -3.95
C ILE A 1166 -25.52 17.78 -3.45
N THR A 1167 -24.99 18.41 -2.41
CA THR A 1167 -23.77 17.91 -1.81
C THR A 1167 -24.08 16.74 -0.88
N ILE A 1168 -23.05 15.94 -0.63
CA ILE A 1168 -23.13 14.71 0.16
C ILE A 1168 -23.78 14.96 1.51
N MET A 1169 -23.48 16.11 2.13
CA MET A 1169 -24.08 16.48 3.40
C MET A 1169 -25.58 16.65 3.30
N GLU A 1170 -26.08 17.11 2.16
CA GLU A 1170 -27.51 17.25 1.90
C GLU A 1170 -28.13 16.05 1.20
N ARG A 1171 -27.37 14.99 0.93
CA ARG A 1171 -27.93 13.82 0.25
C ARG A 1171 -29.01 13.12 1.06
N SER A 1172 -28.73 12.83 2.34
CA SER A 1172 -29.72 12.15 3.16
C SER A 1172 -30.91 13.05 3.46
N SER A 1173 -30.68 14.34 3.68
CA SER A 1173 -31.76 15.27 3.92
C SER A 1173 -32.64 15.46 2.69
N PHE A 1174 -32.03 15.48 1.49
CA PHE A 1174 -32.81 15.63 0.27
C PHE A 1174 -33.62 14.37 -0.01
N GLU A 1175 -32.99 13.20 0.10
CA GLU A 1175 -33.71 11.94 -0.12
C GLU A 1175 -34.74 11.64 0.96
N LYS A 1176 -34.62 12.25 2.15
CA LYS A 1176 -35.67 12.11 3.15
C LYS A 1176 -36.95 12.84 2.73
N ASN A 1177 -36.81 14.06 2.24
CA ASN A 1177 -37.95 14.83 1.77
C ASN A 1177 -37.48 15.86 0.75
N PRO A 1178 -37.55 15.54 -0.55
CA PRO A 1178 -37.04 16.47 -1.56
C PRO A 1178 -37.76 17.81 -1.62
N ILE A 1179 -39.08 17.80 -1.45
CA ILE A 1179 -39.87 19.03 -1.61
C ILE A 1179 -39.53 20.03 -0.51
N ASP A 1180 -39.43 19.55 0.74
CA ASP A 1180 -39.11 20.44 1.84
C ASP A 1180 -37.69 20.99 1.74
N PHE A 1181 -36.75 20.16 1.27
CA PHE A 1181 -35.39 20.64 1.08
C PHE A 1181 -35.33 21.70 -0.02
N LEU A 1182 -36.06 21.49 -1.11
CA LEU A 1182 -36.08 22.50 -2.17
C LEU A 1182 -36.77 23.78 -1.71
N GLU A 1183 -37.78 23.67 -0.84
CA GLU A 1183 -38.37 24.90 -0.29
C GLU A 1183 -37.42 25.56 0.69
N ALA A 1184 -36.53 24.81 1.33
CA ALA A 1184 -35.52 25.42 2.19
C ALA A 1184 -34.51 26.22 1.39
N LYS A 1185 -34.31 25.87 0.12
CA LYS A 1185 -33.37 26.57 -0.75
C LYS A 1185 -33.99 27.78 -1.43
N GLY A 1186 -35.27 28.04 -1.21
CA GLY A 1186 -35.96 29.17 -1.79
C GLY A 1186 -36.88 28.84 -2.95
N TYR A 1187 -36.79 27.64 -3.52
CA TYR A 1187 -37.68 27.28 -4.60
C TYR A 1187 -39.07 26.98 -4.05
N LYS A 1188 -40.10 27.55 -4.68
CA LYS A 1188 -41.48 27.28 -4.32
C LYS A 1188 -42.29 26.97 -5.57
N GLU A 1189 -43.45 26.33 -5.35
CA GLU A 1189 -44.27 25.73 -6.42
C GLU A 1189 -43.42 24.76 -7.24
N VAL A 1190 -42.72 23.89 -6.54
CA VAL A 1190 -41.82 22.93 -7.17
C VAL A 1190 -42.63 21.81 -7.81
N LYS A 1191 -42.37 21.55 -9.09
CA LYS A 1191 -42.99 20.43 -9.79
C LYS A 1191 -42.27 19.16 -9.34
N LYS A 1192 -42.96 18.35 -8.53
CA LYS A 1192 -42.29 17.22 -7.86
C LYS A 1192 -41.96 16.12 -8.87
N ASP A 1193 -42.89 15.82 -9.76
CA ASP A 1193 -42.73 14.71 -10.69
C ASP A 1193 -41.80 15.03 -11.86
N LEU A 1194 -41.38 16.28 -12.04
CA LEU A 1194 -40.39 16.62 -13.05
C LEU A 1194 -38.99 16.74 -12.47
N ILE A 1195 -38.80 16.41 -11.20
CA ILE A 1195 -37.47 16.36 -10.62
C ILE A 1195 -36.74 15.18 -11.24
N ILE A 1196 -35.62 15.46 -11.91
CA ILE A 1196 -34.78 14.47 -12.56
C ILE A 1196 -33.51 14.28 -11.75
N LYS A 1197 -33.19 13.02 -11.44
CA LYS A 1197 -31.94 12.63 -10.80
C LYS A 1197 -30.83 12.57 -11.83
N LEU A 1198 -29.85 13.46 -11.72
CA LEU A 1198 -28.73 13.47 -12.67
C LEU A 1198 -27.41 13.12 -11.99
N PRO A 1199 -26.84 11.95 -12.24
CA PRO A 1199 -25.50 11.65 -11.73
C PRO A 1199 -24.41 12.47 -12.42
N LYS A 1200 -23.16 12.33 -11.99
CA LYS A 1200 -22.03 12.76 -12.79
C LYS A 1200 -22.04 12.07 -14.15
N TYR A 1201 -21.44 12.74 -15.14
CA TYR A 1201 -21.22 12.23 -16.49
C TYR A 1201 -22.51 11.99 -17.27
N SER A 1202 -23.62 12.59 -16.83
CA SER A 1202 -24.86 12.52 -17.58
C SER A 1202 -24.66 13.08 -18.98
N LEU A 1203 -25.27 12.44 -19.96
CA LEU A 1203 -25.00 12.72 -21.36
C LEU A 1203 -26.11 13.56 -21.96
N PHE A 1204 -25.71 14.64 -22.64
CA PHE A 1204 -26.63 15.58 -23.26
C PHE A 1204 -26.31 15.69 -24.75
N GLU A 1205 -27.34 15.65 -25.58
CA GLU A 1205 -27.19 15.74 -27.03
C GLU A 1205 -27.79 17.04 -27.51
N LEU A 1206 -27.04 17.77 -28.34
CA LEU A 1206 -27.40 19.14 -28.70
C LEU A 1206 -27.46 19.30 -30.21
N GLU A 1207 -27.49 20.55 -30.68
CA GLU A 1207 -27.54 20.84 -32.09
C GLU A 1207 -26.27 20.37 -32.79
N ASN A 1208 -26.40 20.06 -34.08
CA ASN A 1208 -25.31 19.73 -35.01
C ASN A 1208 -24.67 18.37 -34.68
N GLY A 1209 -25.07 17.76 -33.56
CA GLY A 1209 -24.42 16.57 -33.06
C GLY A 1209 -23.38 16.83 -32.01
N ARG A 1210 -23.49 17.91 -31.27
CA ARG A 1210 -22.56 18.21 -30.18
C ARG A 1210 -23.05 17.58 -28.88
N LYS A 1211 -22.15 16.89 -28.19
CA LYS A 1211 -22.46 16.20 -26.96
C LYS A 1211 -21.70 16.81 -25.80
N ARG A 1212 -22.41 17.05 -24.70
CA ARG A 1212 -21.85 17.65 -23.50
C ARG A 1212 -22.10 16.73 -22.31
N MET A 1213 -21.04 16.48 -21.55
CA MET A 1213 -21.09 15.56 -20.41
C MET A 1213 -21.19 16.37 -19.13
N LEU A 1214 -22.13 16.01 -18.26
CA LEU A 1214 -22.41 16.81 -17.08
C LEU A 1214 -21.41 16.44 -15.99
N ALA A 1215 -20.33 17.24 -15.88
CA ALA A 1215 -19.31 16.96 -14.88
C ALA A 1215 -19.79 17.35 -13.48
N SER A 1216 -20.55 18.42 -13.38
CA SER A 1216 -21.05 18.91 -12.10
C SER A 1216 -22.28 19.76 -12.38
N ALA A 1217 -22.93 20.22 -11.30
CA ALA A 1217 -24.00 21.21 -11.42
C ALA A 1217 -23.58 22.49 -12.13
N LYS A 1218 -22.28 22.77 -12.26
CA LYS A 1218 -21.84 24.02 -12.87
C LYS A 1218 -20.62 23.82 -13.75
N GLN A 1219 -20.43 22.62 -14.29
CA GLN A 1219 -19.32 22.36 -15.19
C GLN A 1219 -19.71 21.25 -16.17
N LEU A 1220 -19.35 21.43 -17.43
CA LEU A 1220 -19.53 20.42 -18.47
C LEU A 1220 -18.20 19.79 -18.87
N GLN A 1221 -18.29 18.68 -19.61
CA GLN A 1221 -17.12 17.99 -20.13
C GLN A 1221 -17.34 17.62 -21.59
N LYS A 1222 -16.22 17.37 -22.28
CA LYS A 1222 -16.22 17.05 -23.70
C LYS A 1222 -16.88 15.70 -23.94
N GLY A 1223 -18.02 15.69 -24.62
CA GLY A 1223 -18.79 14.47 -24.77
C GLY A 1223 -18.66 13.72 -26.09
N ASN A 1224 -18.14 14.38 -27.13
CA ASN A 1224 -17.98 13.72 -28.43
C ASN A 1224 -16.68 12.93 -28.49
N GLU A 1225 -16.54 12.12 -29.55
CA GLU A 1225 -15.31 11.40 -29.80
C GLU A 1225 -14.94 11.47 -31.28
N LEU A 1226 -13.66 11.78 -31.55
CA LEU A 1226 -13.18 12.03 -32.91
C LEU A 1226 -12.86 10.71 -33.62
N ALA A 1227 -13.60 10.40 -34.67
CA ALA A 1227 -13.39 9.17 -35.43
C ALA A 1227 -12.42 9.45 -36.59
N LEU A 1228 -11.15 9.56 -36.25
CA LEU A 1228 -10.11 9.78 -37.24
C LEU A 1228 -9.94 8.55 -38.13
N PRO A 1229 -9.76 8.73 -39.45
CA PRO A 1229 -9.55 7.59 -40.34
C PRO A 1229 -8.29 6.80 -39.98
N SER A 1230 -8.32 5.50 -40.28
CA SER A 1230 -7.27 4.60 -39.83
C SER A 1230 -5.94 4.84 -40.54
N LYS A 1231 -5.97 5.37 -41.76
CA LYS A 1231 -4.72 5.67 -42.46
C LYS A 1231 -3.94 6.75 -41.71
N TYR A 1232 -4.63 7.78 -41.22
CA TYR A 1232 -3.99 8.83 -40.46
C TYR A 1232 -3.44 8.29 -39.14
N VAL A 1233 -4.16 7.38 -38.50
CA VAL A 1233 -3.70 6.80 -37.24
C VAL A 1233 -2.44 5.96 -37.47
N ASN A 1234 -2.43 5.16 -38.54
CA ASN A 1234 -1.24 4.38 -38.87
C ASN A 1234 -0.06 5.29 -39.20
N PHE A 1235 -0.31 6.37 -39.93
CA PHE A 1235 0.76 7.31 -40.28
C PHE A 1235 1.30 8.01 -39.04
N LEU A 1236 0.42 8.37 -38.10
CA LEU A 1236 0.86 9.01 -36.87
C LEU A 1236 1.67 8.07 -36.00
N TYR A 1237 1.21 6.83 -35.83
CA TYR A 1237 1.99 5.86 -35.07
C TYR A 1237 3.34 5.62 -35.72
N LEU A 1238 3.38 5.61 -37.06
CA LEU A 1238 4.60 5.26 -37.75
C LEU A 1238 5.58 6.41 -37.80
N ALA A 1239 5.08 7.65 -37.87
CA ALA A 1239 5.95 8.82 -37.91
C ALA A 1239 6.67 8.99 -36.58
N SER A 1240 5.94 8.92 -35.47
CA SER A 1240 6.58 8.78 -34.18
C SER A 1240 7.19 7.39 -34.07
N HIS A 1241 8.04 7.21 -33.05
CA HIS A 1241 8.85 6.00 -32.88
C HIS A 1241 9.59 5.67 -34.17
N TYR A 1242 10.29 6.69 -34.69
CA TYR A 1242 10.86 6.62 -36.03
C TYR A 1242 12.03 5.64 -36.11
N GLU A 1243 12.81 5.52 -35.04
CA GLU A 1243 14.00 4.68 -35.05
C GLU A 1243 13.99 3.66 -33.90
N LYS A 1244 12.80 3.22 -33.49
CA LYS A 1244 12.69 2.25 -32.40
C LYS A 1244 11.64 1.20 -32.72
N LEU A 1245 11.57 0.77 -33.99
CA LEU A 1245 10.71 -0.34 -34.35
C LEU A 1245 11.38 -1.68 -34.06
N LYS A 1246 12.70 -1.75 -34.24
CA LYS A 1246 13.53 -2.94 -33.98
C LYS A 1246 13.05 -4.15 -34.78
N GLY A 1247 12.82 -3.94 -36.06
CA GLY A 1247 12.47 -5.04 -36.95
C GLY A 1247 13.65 -5.48 -37.80
N SER A 1248 13.56 -5.28 -39.10
CA SER A 1248 14.66 -5.51 -40.02
C SER A 1248 14.86 -4.25 -40.87
N PRO A 1249 16.11 -3.98 -41.31
CA PRO A 1249 16.39 -2.67 -41.93
C PRO A 1249 15.57 -2.32 -43.17
N GLU A 1250 15.26 -3.30 -44.03
CA GLU A 1250 14.41 -3.01 -45.18
C GLU A 1250 13.02 -2.53 -44.75
N ASP A 1251 12.50 -3.09 -43.66
CA ASP A 1251 11.20 -2.62 -43.15
C ASP A 1251 11.29 -1.17 -42.67
N ASN A 1252 12.33 -0.83 -41.90
CA ASN A 1252 12.42 0.55 -41.41
C ASN A 1252 12.58 1.55 -42.55
N GLU A 1253 13.41 1.24 -43.56
CA GLU A 1253 13.47 2.16 -44.71
C GLU A 1253 12.16 2.17 -45.49
N GLN A 1254 11.43 1.06 -45.54
CA GLN A 1254 10.13 1.04 -46.20
C GLN A 1254 9.20 2.05 -45.54
N LYS A 1255 9.09 1.98 -44.21
CA LYS A 1255 8.26 2.95 -43.50
C LYS A 1255 8.83 4.37 -43.58
N GLN A 1256 10.15 4.52 -43.74
CA GLN A 1256 10.73 5.86 -43.85
C GLN A 1256 10.31 6.54 -45.15
N LEU A 1257 10.42 5.82 -46.28
CA LEU A 1257 9.86 6.40 -47.51
C LEU A 1257 8.35 6.51 -47.46
N PHE A 1258 7.67 5.64 -46.70
CA PHE A 1258 6.22 5.78 -46.57
C PHE A 1258 5.84 7.06 -45.84
N VAL A 1259 6.53 7.38 -44.75
CA VAL A 1259 6.22 8.58 -44.00
C VAL A 1259 6.73 9.83 -44.72
N GLU A 1260 7.83 9.71 -45.48
CA GLU A 1260 8.35 10.85 -46.22
C GLU A 1260 7.45 11.20 -47.39
N GLN A 1261 6.95 10.19 -48.10
CA GLN A 1261 6.10 10.42 -49.26
C GLN A 1261 4.69 10.85 -48.85
N HIS A 1262 4.25 10.50 -47.65
CA HIS A 1262 2.96 10.90 -47.11
C HIS A 1262 3.09 11.95 -46.01
N LYS A 1263 4.02 12.90 -46.18
CA LYS A 1263 4.19 13.96 -45.21
C LYS A 1263 2.94 14.86 -45.16
N HIS A 1264 2.28 15.06 -46.30
CA HIS A 1264 1.09 15.93 -46.38
C HIS A 1264 -0.05 15.46 -45.49
N TYR A 1265 -0.02 14.17 -45.09
CA TYR A 1265 -1.01 13.67 -44.14
C TYR A 1265 -1.04 14.50 -42.86
N LEU A 1266 0.11 15.07 -42.44
CA LEU A 1266 0.15 15.94 -41.28
C LEU A 1266 -0.85 17.08 -41.45
N ASP A 1267 -0.78 17.77 -42.60
CA ASP A 1267 -1.69 18.86 -42.89
C ASP A 1267 -3.13 18.36 -42.92
N GLU A 1268 -3.35 17.18 -43.52
CA GLU A 1268 -4.70 16.61 -43.58
C GLU A 1268 -5.26 16.37 -42.17
N ILE A 1269 -4.42 15.82 -41.29
CA ILE A 1269 -4.78 15.57 -39.89
C ILE A 1269 -5.13 16.86 -39.17
N ILE A 1270 -4.28 17.89 -39.35
CA ILE A 1270 -4.57 19.20 -38.78
C ILE A 1270 -5.90 19.74 -39.30
N GLU A 1271 -6.19 19.51 -40.59
CA GLU A 1271 -7.45 19.96 -41.16
C GLU A 1271 -8.63 19.25 -40.49
N GLN A 1272 -8.51 17.93 -40.32
CA GLN A 1272 -9.54 17.15 -39.65
C GLN A 1272 -9.78 17.66 -38.23
N ILE A 1273 -8.69 17.80 -37.46
CA ILE A 1273 -8.76 18.30 -36.09
C ILE A 1273 -9.43 19.67 -36.06
N SER A 1274 -9.14 20.51 -37.07
CA SER A 1274 -9.72 21.85 -37.13
C SER A 1274 -11.23 21.78 -37.33
N GLU A 1275 -11.67 20.96 -38.28
CA GLU A 1275 -13.12 20.82 -38.51
C GLU A 1275 -13.81 20.28 -37.27
N PHE A 1276 -13.30 19.20 -36.70
CA PHE A 1276 -13.91 18.60 -35.51
C PHE A 1276 -13.95 19.57 -34.33
N SER A 1277 -12.87 20.31 -34.13
CA SER A 1277 -12.84 21.37 -33.10
C SER A 1277 -13.87 22.46 -33.37
N LYS A 1278 -14.00 22.88 -34.61
CA LYS A 1278 -15.03 23.87 -34.94
C LYS A 1278 -16.43 23.28 -34.81
N ARG A 1279 -16.53 21.95 -34.85
CA ARG A 1279 -17.86 21.33 -34.84
C ARG A 1279 -18.36 21.19 -33.42
N VAL A 1280 -17.52 20.68 -32.52
CA VAL A 1280 -18.00 20.33 -31.19
C VAL A 1280 -17.21 20.95 -30.05
N ILE A 1281 -15.95 21.36 -30.26
CA ILE A 1281 -15.13 21.83 -29.15
C ILE A 1281 -15.36 23.31 -28.89
N LEU A 1282 -15.49 24.11 -29.95
CA LEU A 1282 -15.79 25.55 -29.93
C LEU A 1282 -14.73 26.39 -29.22
N ALA A 1283 -13.60 25.81 -28.82
CA ALA A 1283 -12.49 26.55 -28.22
C ALA A 1283 -11.68 27.32 -29.26
N ASP A 1284 -12.37 28.17 -30.04
CA ASP A 1284 -11.79 28.85 -31.21
C ASP A 1284 -10.51 29.65 -30.90
N ALA A 1285 -10.44 30.27 -29.72
CA ALA A 1285 -9.21 30.95 -29.32
C ALA A 1285 -8.02 29.99 -29.23
N ASN A 1286 -8.26 28.80 -28.68
CA ASN A 1286 -7.22 27.78 -28.66
C ASN A 1286 -6.98 27.24 -30.06
N LEU A 1287 -8.04 27.16 -30.87
CA LEU A 1287 -7.93 26.67 -32.24
C LEU A 1287 -6.96 27.54 -33.04
N ASP A 1288 -7.18 28.86 -33.02
CA ASP A 1288 -6.30 29.75 -33.78
C ASP A 1288 -4.91 29.84 -33.16
N LYS A 1289 -4.79 29.68 -31.84
CA LYS A 1289 -3.45 29.64 -31.24
C LYS A 1289 -2.66 28.43 -31.72
N VAL A 1290 -3.28 27.24 -31.71
CA VAL A 1290 -2.58 26.05 -32.18
C VAL A 1290 -2.35 26.11 -33.69
N LEU A 1291 -3.27 26.72 -34.46
CA LEU A 1291 -3.06 26.85 -35.90
C LEU A 1291 -1.87 27.77 -36.20
N SER A 1292 -1.74 28.88 -35.47
CA SER A 1292 -0.58 29.74 -35.65
C SER A 1292 0.71 29.02 -35.24
N ALA A 1293 0.63 28.23 -34.17
CA ALA A 1293 1.80 27.47 -33.72
C ALA A 1293 2.25 26.45 -34.75
N TYR A 1294 1.27 25.75 -35.34
CA TYR A 1294 1.55 24.81 -36.44
C TYR A 1294 2.15 25.51 -37.65
N ASN A 1295 1.57 26.64 -38.06
CA ASN A 1295 2.08 27.36 -39.22
C ASN A 1295 3.45 27.97 -38.98
N LYS A 1296 3.83 28.21 -37.73
CA LYS A 1296 5.20 28.58 -37.42
C LYS A 1296 6.15 27.38 -37.51
N HIS A 1297 5.78 26.26 -36.89
CA HIS A 1297 6.65 25.10 -36.76
C HIS A 1297 6.60 24.11 -37.93
N ARG A 1298 5.83 24.38 -38.98
CA ARG A 1298 5.65 23.45 -40.11
C ARG A 1298 6.97 22.91 -40.69
N ASP A 1299 8.07 23.65 -40.56
CA ASP A 1299 9.32 23.24 -41.18
C ASP A 1299 10.18 22.37 -40.28
N LYS A 1300 9.69 22.02 -39.10
CA LYS A 1300 10.41 21.14 -38.20
C LYS A 1300 10.47 19.71 -38.76
N PRO A 1301 11.42 18.90 -38.31
CA PRO A 1301 11.43 17.49 -38.70
C PRO A 1301 10.13 16.77 -38.35
N ILE A 1302 9.88 15.68 -39.08
CA ILE A 1302 8.60 14.96 -38.97
C ILE A 1302 8.41 14.34 -37.59
N ARG A 1303 9.50 14.01 -36.90
CA ARG A 1303 9.41 13.31 -35.61
C ARG A 1303 8.71 14.18 -34.56
N GLU A 1304 9.27 15.36 -34.30
CA GLU A 1304 8.70 16.27 -33.31
C GLU A 1304 7.34 16.81 -33.71
N GLN A 1305 7.11 16.98 -35.02
CA GLN A 1305 5.78 17.36 -35.49
C GLN A 1305 4.75 16.30 -35.15
N ALA A 1306 5.06 15.03 -35.47
CA ALA A 1306 4.16 13.93 -35.13
C ALA A 1306 3.93 13.84 -33.64
N GLU A 1307 5.01 13.91 -32.85
CA GLU A 1307 4.92 13.83 -31.39
C GLU A 1307 4.01 14.92 -30.83
N ASN A 1308 4.22 16.16 -31.26
CA ASN A 1308 3.41 17.27 -30.77
C ASN A 1308 1.97 17.22 -31.28
N ILE A 1309 1.74 16.73 -32.50
CA ILE A 1309 0.37 16.49 -32.96
C ILE A 1309 -0.30 15.41 -32.11
N ILE A 1310 0.47 14.38 -31.70
CA ILE A 1310 -0.06 13.36 -30.81
C ILE A 1310 -0.45 13.96 -29.47
N HIS A 1311 0.31 14.96 -29.01
CA HIS A 1311 -0.13 15.73 -27.84
C HIS A 1311 -1.41 16.51 -28.13
N LEU A 1312 -1.50 17.10 -29.33
CA LEU A 1312 -2.55 18.04 -29.71
C LEU A 1312 -3.96 17.48 -29.52
N PHE A 1313 -4.15 16.17 -29.75
CA PHE A 1313 -5.44 15.49 -29.54
C PHE A 1313 -6.01 15.64 -28.13
N THR A 1314 -5.22 16.07 -27.14
CA THR A 1314 -5.76 16.46 -25.84
C THR A 1314 -6.88 17.50 -25.96
N LEU A 1315 -6.83 18.34 -26.99
CA LEU A 1315 -7.90 19.30 -27.29
C LEU A 1315 -9.24 18.60 -27.56
N THR A 1316 -9.22 17.36 -28.03
CA THR A 1316 -10.42 16.75 -28.59
C THR A 1316 -10.89 15.49 -27.90
N ARG A 1317 -10.14 14.97 -26.92
CA ARG A 1317 -10.55 13.75 -26.21
C ARG A 1317 -11.90 13.96 -25.52
N LEU A 1318 -12.62 12.86 -25.33
CA LEU A 1318 -13.75 12.87 -24.41
C LEU A 1318 -13.32 13.18 -22.99
N GLY A 1319 -14.19 13.86 -22.27
CA GLY A 1319 -14.04 14.12 -20.85
C GLY A 1319 -13.47 15.46 -20.44
N ALA A 1320 -12.63 15.44 -19.41
CA ALA A 1320 -12.15 16.67 -18.77
C ALA A 1320 -11.27 17.49 -19.71
N PRO A 1321 -11.49 18.81 -19.82
CA PRO A 1321 -10.50 19.68 -20.42
C PRO A 1321 -9.20 19.65 -19.62
N ARG A 1322 -8.06 19.66 -20.32
CA ARG A 1322 -6.78 19.84 -19.66
C ARG A 1322 -5.85 20.68 -20.51
N ALA A 1323 -4.82 21.20 -19.84
CA ALA A 1323 -3.70 21.85 -20.50
C ALA A 1323 -2.88 20.87 -21.33
N PHE A 1324 -2.34 21.38 -22.43
CA PHE A 1324 -1.36 20.65 -23.23
C PHE A 1324 -0.42 21.66 -23.86
N LYS A 1325 0.75 21.19 -24.28
CA LYS A 1325 1.74 22.02 -24.92
C LYS A 1325 2.13 21.44 -26.27
N TYR A 1326 2.35 22.34 -27.23
CA TYR A 1326 2.66 21.99 -28.60
C TYR A 1326 3.95 22.70 -28.97
N PHE A 1327 4.99 21.91 -29.28
CA PHE A 1327 6.37 22.39 -29.33
C PHE A 1327 6.71 23.24 -28.11
N ASP A 1328 7.03 24.51 -28.35
CA ASP A 1328 7.44 25.42 -27.29
C ASP A 1328 6.28 25.97 -26.46
N THR A 1329 5.06 26.02 -26.99
CA THR A 1329 4.00 26.84 -26.43
C THR A 1329 2.97 25.97 -25.75
N THR A 1330 2.48 26.43 -24.60
CA THR A 1330 1.52 25.71 -23.78
C THR A 1330 0.13 26.33 -23.94
N ILE A 1331 -0.87 25.49 -24.14
CA ILE A 1331 -2.27 25.92 -24.27
C ILE A 1331 -3.02 25.54 -23.01
N ASP A 1332 -3.67 26.52 -22.38
CA ASP A 1332 -4.54 26.27 -21.24
C ASP A 1332 -5.93 25.80 -21.69
N PRO A 1333 -6.60 24.97 -20.88
CA PRO A 1333 -7.93 24.49 -21.26
C PRO A 1333 -8.98 25.60 -21.29
N LYS A 1334 -9.83 25.56 -22.30
CA LYS A 1334 -11.12 26.23 -22.22
C LYS A 1334 -12.02 25.50 -21.24
N GLN A 1335 -12.60 26.24 -20.30
CA GLN A 1335 -13.46 25.65 -19.26
C GLN A 1335 -14.92 25.95 -19.56
N TYR A 1336 -15.72 24.89 -19.68
CA TYR A 1336 -17.16 24.97 -19.93
C TYR A 1336 -17.96 25.25 -18.66
N ARG A 1337 -17.69 26.40 -18.05
CA ARG A 1337 -18.31 26.74 -16.76
C ARG A 1337 -19.70 27.34 -16.92
N SER A 1338 -20.59 26.67 -17.65
CA SER A 1338 -21.95 27.16 -17.83
C SER A 1338 -22.85 25.98 -18.15
N THR A 1339 -23.69 25.58 -17.21
CA THR A 1339 -24.63 24.49 -17.42
C THR A 1339 -26.03 24.99 -17.77
N LYS A 1340 -26.16 26.26 -18.12
CA LYS A 1340 -27.45 26.78 -18.57
C LYS A 1340 -27.80 26.23 -19.95
N GLU A 1341 -26.81 26.05 -20.82
CA GLU A 1341 -27.07 25.83 -22.22
C GLU A 1341 -27.51 24.40 -22.52
N VAL A 1342 -27.29 23.46 -21.60
CA VAL A 1342 -27.80 22.10 -21.77
C VAL A 1342 -29.25 21.94 -21.34
N LEU A 1343 -29.83 22.96 -20.69
CA LEU A 1343 -31.19 22.82 -20.15
C LEU A 1343 -32.25 22.72 -21.23
N ASP A 1344 -31.91 23.07 -22.48
CA ASP A 1344 -32.83 22.88 -23.60
C ASP A 1344 -32.30 21.84 -24.58
N ALA A 1345 -31.33 21.02 -24.15
CA ALA A 1345 -30.78 19.97 -24.99
C ALA A 1345 -31.60 18.70 -24.79
N THR A 1346 -31.07 17.58 -25.29
CA THR A 1346 -31.74 16.28 -25.20
C THR A 1346 -30.94 15.38 -24.27
N LEU A 1347 -31.55 14.96 -23.16
CA LEU A 1347 -30.89 14.08 -22.20
C LEU A 1347 -30.94 12.65 -22.71
N ILE A 1348 -29.81 11.96 -22.60
CA ILE A 1348 -29.67 10.58 -23.07
C ILE A 1348 -29.50 9.67 -21.86
N HIS A 1349 -30.37 8.68 -21.74
CA HIS A 1349 -30.21 7.59 -20.77
C HIS A 1349 -29.69 6.39 -21.55
N GLN A 1350 -28.39 6.13 -21.43
CA GLN A 1350 -27.74 5.03 -22.14
C GLN A 1350 -27.71 3.80 -21.25
N SER A 1351 -27.98 2.63 -21.85
CA SER A 1351 -27.84 1.39 -21.12
C SER A 1351 -26.37 1.02 -20.96
N ILE A 1352 -26.13 -0.14 -20.35
CA ILE A 1352 -24.77 -0.61 -20.05
C ILE A 1352 -23.92 -0.70 -21.32
N THR A 1353 -24.52 -1.12 -22.44
CA THR A 1353 -23.83 -1.09 -23.72
C THR A 1353 -24.03 0.22 -24.48
N GLY A 1354 -25.05 0.99 -24.14
CA GLY A 1354 -25.43 2.13 -24.92
C GLY A 1354 -26.29 1.81 -26.13
N LEU A 1355 -26.62 0.54 -26.37
CA LEU A 1355 -27.48 0.21 -27.49
C LEU A 1355 -28.92 0.58 -27.19
N TYR A 1356 -29.37 0.38 -25.96
CA TYR A 1356 -30.68 0.82 -25.53
C TYR A 1356 -30.58 2.25 -25.03
N GLU A 1357 -31.40 3.14 -25.59
CA GLU A 1357 -31.36 4.55 -25.22
C GLU A 1357 -32.75 5.06 -24.92
N THR A 1358 -32.81 6.05 -24.02
CA THR A 1358 -34.04 6.78 -23.72
C THR A 1358 -33.70 8.25 -23.88
N ARG A 1359 -34.12 8.84 -24.99
CA ARG A 1359 -33.84 10.24 -25.30
C ARG A 1359 -35.04 11.09 -24.88
N ILE A 1360 -34.82 11.99 -23.92
CA ILE A 1360 -35.84 12.92 -23.46
C ILE A 1360 -35.49 14.31 -23.96
N ASP A 1361 -36.51 15.07 -24.33
CA ASP A 1361 -36.34 16.44 -24.82
C ASP A 1361 -36.68 17.38 -23.67
N LEU A 1362 -35.66 18.06 -23.15
CA LEU A 1362 -35.84 18.92 -22.00
C LEU A 1362 -36.48 20.26 -22.35
N SER A 1363 -36.48 20.64 -23.62
CA SER A 1363 -37.11 21.88 -24.04
C SER A 1363 -38.63 21.82 -23.94
N GLN A 1364 -39.21 20.63 -23.97
CA GLN A 1364 -40.65 20.47 -23.80
C GLN A 1364 -41.10 20.55 -22.35
N LEU A 1365 -40.16 20.58 -21.40
CA LEU A 1365 -40.49 20.63 -19.99
C LEU A 1365 -40.35 22.07 -19.49
N GLY A 1366 -41.41 22.57 -18.86
CA GLY A 1366 -41.39 23.92 -18.31
C GLY A 1366 -41.46 25.00 -19.37
MG MG F . -6.27 -5.13 -22.70
MG MG G . -9.16 -1.85 -23.48
MG MG H . 8.89 10.17 2.85
MG MG I . -16.34 4.39 -5.21
#